data_2O6K
# 
_entry.id   2O6K 
# 
_audit_conform.dict_name       mmcif_pdbx.dic 
_audit_conform.dict_version    5.399 
_audit_conform.dict_location   http://mmcif.pdb.org/dictionaries/ascii/mmcif_pdbx.dic 
# 
loop_
_database_2.database_id 
_database_2.database_code 
_database_2.pdbx_database_accession 
_database_2.pdbx_DOI 
PDB   2O6K         pdb_00002o6k 10.2210/pdb2o6k/pdb 
RCSB  RCSB040750   ?            ?                   
WWPDB D_1000040750 ?            ?                   
# 
loop_
_pdbx_audit_revision_history.ordinal 
_pdbx_audit_revision_history.data_content_type 
_pdbx_audit_revision_history.major_revision 
_pdbx_audit_revision_history.minor_revision 
_pdbx_audit_revision_history.revision_date 
1 'Structure model' 1 0 2006-12-26 
2 'Structure model' 1 1 2008-05-01 
3 'Structure model' 1 2 2011-07-13 
4 'Structure model' 1 3 2017-10-18 
5 'Structure model' 1 4 2023-12-27 
6 'Structure model' 1 5 2024-11-20 
# 
_pdbx_audit_revision_details.ordinal             1 
_pdbx_audit_revision_details.revision_ordinal    1 
_pdbx_audit_revision_details.data_content_type   'Structure model' 
_pdbx_audit_revision_details.provider            repository 
_pdbx_audit_revision_details.type                'Initial release' 
_pdbx_audit_revision_details.description         ? 
_pdbx_audit_revision_details.details             ? 
# 
loop_
_pdbx_audit_revision_group.ordinal 
_pdbx_audit_revision_group.revision_ordinal 
_pdbx_audit_revision_group.data_content_type 
_pdbx_audit_revision_group.group 
1 2 'Structure model' 'Version format compliance' 
2 3 'Structure model' 'Source and taxonomy'       
3 3 'Structure model' 'Version format compliance' 
4 4 'Structure model' 'Refinement description'    
5 5 'Structure model' 'Data collection'           
6 5 'Structure model' 'Database references'       
7 5 'Structure model' 'Derived calculations'      
8 6 'Structure model' 'Structure summary'         
# 
loop_
_pdbx_audit_revision_category.ordinal 
_pdbx_audit_revision_category.revision_ordinal 
_pdbx_audit_revision_category.data_content_type 
_pdbx_audit_revision_category.category 
1 4 'Structure model' software                  
2 5 'Structure model' chem_comp_atom            
3 5 'Structure model' chem_comp_bond            
4 5 'Structure model' database_2                
5 5 'Structure model' struct_conn               
6 5 'Structure model' struct_ref_seq_dif        
7 6 'Structure model' pdbx_entry_details        
8 6 'Structure model' pdbx_modification_feature 
# 
loop_
_pdbx_audit_revision_item.ordinal 
_pdbx_audit_revision_item.revision_ordinal 
_pdbx_audit_revision_item.data_content_type 
_pdbx_audit_revision_item.item 
1  4 'Structure model' '_software.classification'            
2  4 'Structure model' '_software.contact_author'            
3  4 'Structure model' '_software.contact_author_email'      
4  4 'Structure model' '_software.date'                      
5  4 'Structure model' '_software.language'                  
6  4 'Structure model' '_software.location'                  
7  4 'Structure model' '_software.name'                      
8  4 'Structure model' '_software.type'                      
9  4 'Structure model' '_software.version'                   
10 5 'Structure model' '_database_2.pdbx_DOI'                
11 5 'Structure model' '_database_2.pdbx_database_accession' 
12 5 'Structure model' '_struct_conn.pdbx_leaving_atom_flag' 
13 5 'Structure model' '_struct_ref_seq_dif.details'         
# 
_pdbx_database_status.entry_id                        2O6K 
_pdbx_database_status.deposit_site                    RCSB 
_pdbx_database_status.process_site                    RCSB 
_pdbx_database_status.recvd_initial_deposition_date   2006-12-07 
_pdbx_database_status.status_code                     REL 
_pdbx_database_status.status_code_sf                  REL 
_pdbx_database_status.status_code_mr                  ? 
_pdbx_database_status.SG_entry                        Y 
_pdbx_database_status.pdb_format_compatible           Y 
_pdbx_database_status.status_code_cs                  ? 
_pdbx_database_status.methods_development_category    ? 
_pdbx_database_status.status_code_nmr_data            ? 
# 
_pdbx_database_related.db_name        TargetDB 
_pdbx_database_related.db_id          ZR218 
_pdbx_database_related.details        . 
_pdbx_database_related.content_type   unspecified 
# 
loop_
_audit_author.name 
_audit_author.pdbx_ordinal 
'Benach, J.'                                      1  
'Abashidze, M.'                                   2  
'Seetharaman, J.'                                 3  
'Wang, D.'                                        4  
'Fang, Y.'                                        5  
'Xiao, R.'                                        6  
'Cunningham, K.'                                  7  
'Ma, L.-C.'                                       8  
'Baran, M.C.'                                     9  
'Acton, T.B.'                                     10 
'Rost, B.'                                        11 
'Montelione, G.T.'                                12 
'Hunt, J.F.'                                      13 
'Tong, L.'                                        14 
'Northeast Structural Genomics Consortium (NESG)' 15 
# 
_citation.id                        primary 
_citation.title                     
'Crystal structure of UPF0346 from Staphylococcus aureus. Northeast Structural Genomics target ZR218.' 
_citation.journal_abbrev            'To be Published' 
_citation.journal_volume            ? 
_citation.page_first                ? 
_citation.page_last                 ? 
_citation.year                      ? 
_citation.journal_id_ASTM           ? 
_citation.country                   ? 
_citation.journal_id_ISSN           ? 
_citation.journal_id_CSD            0353 
_citation.book_publisher            ? 
_citation.pdbx_database_id_PubMed   ? 
_citation.pdbx_database_id_DOI      ? 
# 
loop_
_citation_author.citation_id 
_citation_author.name 
_citation_author.ordinal 
_citation_author.identifier_ORCID 
primary 'Benach, J.'       1  ? 
primary 'Abashidze, M.'    2  ? 
primary 'Seetharaman, J.'  3  ? 
primary 'Wang, D.'         4  ? 
primary 'Fang, Y.'         5  ? 
primary 'Xiao, R.'         6  ? 
primary 'Cunningham, K.'   7  ? 
primary 'Ma, L.-C.'        8  ? 
primary 'Baran, M.C.'      9  ? 
primary 'Acton, T.B.'      10 ? 
primary 'Rost, B.'         11 ? 
primary 'Montelione, G.T.' 12 ? 
primary 'Hunt, J.F.'       13 ? 
primary 'Tong, L.'         14 ? 
# 
loop_
_entity.id 
_entity.type 
_entity.src_method 
_entity.pdbx_description 
_entity.formula_weight 
_entity.pdbx_number_of_molecules 
_entity.pdbx_ec 
_entity.pdbx_mutation 
_entity.pdbx_fragment 
_entity.details 
1 polymer man 'UPF0346 protein MW1311' 10091.635 2  ? ? ? ? 
2 water   nat water                    18.015    82 ? ? ? ? 
# 
_entity_poly.entity_id                      1 
_entity_poly.type                           'polypeptide(L)' 
_entity_poly.nstd_linkage                   no 
_entity_poly.nstd_monomer                   yes 
_entity_poly.pdbx_seq_one_letter_code       
;(MSE)KNYSFYQFV(MSE)TVRGRHDDKGRLAEEIFDDLAFPKHDDDFNILSDYIETHGDFTLP(MSE)SVFDDLYEEYT
EWLKFLEHHHHHH
;
_entity_poly.pdbx_seq_one_letter_code_can   
;MKNYSFYQFVMTVRGRHDDKGRLAEEIFDDLAFPKHDDDFNILSDYIETHGDFTLPMSVFDDLYEEYTEWLKFLEHHHHH
H
;
_entity_poly.pdbx_strand_id                 A,B 
_entity_poly.pdbx_target_identifier         ZR218 
# 
_pdbx_entity_nonpoly.entity_id   2 
_pdbx_entity_nonpoly.name        water 
_pdbx_entity_nonpoly.comp_id     HOH 
# 
loop_
_entity_poly_seq.entity_id 
_entity_poly_seq.num 
_entity_poly_seq.mon_id 
_entity_poly_seq.hetero 
1 1  MSE n 
1 2  LYS n 
1 3  ASN n 
1 4  TYR n 
1 5  SER n 
1 6  PHE n 
1 7  TYR n 
1 8  GLN n 
1 9  PHE n 
1 10 VAL n 
1 11 MSE n 
1 12 THR n 
1 13 VAL n 
1 14 ARG n 
1 15 GLY n 
1 16 ARG n 
1 17 HIS n 
1 18 ASP n 
1 19 ASP n 
1 20 LYS n 
1 21 GLY n 
1 22 ARG n 
1 23 LEU n 
1 24 ALA n 
1 25 GLU n 
1 26 GLU n 
1 27 ILE n 
1 28 PHE n 
1 29 ASP n 
1 30 ASP n 
1 31 LEU n 
1 32 ALA n 
1 33 PHE n 
1 34 PRO n 
1 35 LYS n 
1 36 HIS n 
1 37 ASP n 
1 38 ASP n 
1 39 ASP n 
1 40 PHE n 
1 41 ASN n 
1 42 ILE n 
1 43 LEU n 
1 44 SER n 
1 45 ASP n 
1 46 TYR n 
1 47 ILE n 
1 48 GLU n 
1 49 THR n 
1 50 HIS n 
1 51 GLY n 
1 52 ASP n 
1 53 PHE n 
1 54 THR n 
1 55 LEU n 
1 56 PRO n 
1 57 MSE n 
1 58 SER n 
1 59 VAL n 
1 60 PHE n 
1 61 ASP n 
1 62 ASP n 
1 63 LEU n 
1 64 TYR n 
1 65 GLU n 
1 66 GLU n 
1 67 TYR n 
1 68 THR n 
1 69 GLU n 
1 70 TRP n 
1 71 LEU n 
1 72 LYS n 
1 73 PHE n 
1 74 LEU n 
1 75 GLU n 
1 76 HIS n 
1 77 HIS n 
1 78 HIS n 
1 79 HIS n 
1 80 HIS n 
1 81 HIS n 
# 
_entity_src_gen.entity_id                          1 
_entity_src_gen.pdbx_src_id                        1 
_entity_src_gen.pdbx_alt_source_flag               sample 
_entity_src_gen.pdbx_seq_type                      ? 
_entity_src_gen.pdbx_beg_seq_num                   ? 
_entity_src_gen.pdbx_end_seq_num                   ? 
_entity_src_gen.gene_src_common_name               ? 
_entity_src_gen.gene_src_genus                     Staphylococcus 
_entity_src_gen.pdbx_gene_src_gene                 MW1311 
_entity_src_gen.gene_src_species                   'Staphylococcus aureus' 
_entity_src_gen.gene_src_strain                    MW2 
_entity_src_gen.gene_src_tissue                    ? 
_entity_src_gen.gene_src_tissue_fraction           ? 
_entity_src_gen.gene_src_details                   ? 
_entity_src_gen.pdbx_gene_src_fragment             ? 
_entity_src_gen.pdbx_gene_src_scientific_name      'Staphylococcus aureus subsp. aureus' 
_entity_src_gen.pdbx_gene_src_ncbi_taxonomy_id     196620 
_entity_src_gen.pdbx_gene_src_variant              ? 
_entity_src_gen.pdbx_gene_src_cell_line            ? 
_entity_src_gen.pdbx_gene_src_atcc                 ? 
_entity_src_gen.pdbx_gene_src_organ                ? 
_entity_src_gen.pdbx_gene_src_organelle            ? 
_entity_src_gen.pdbx_gene_src_cell                 ? 
_entity_src_gen.pdbx_gene_src_cellular_location    ? 
_entity_src_gen.host_org_common_name               ? 
_entity_src_gen.pdbx_host_org_scientific_name      'Escherichia coli' 
_entity_src_gen.pdbx_host_org_ncbi_taxonomy_id     562 
_entity_src_gen.host_org_genus                     Escherichia 
_entity_src_gen.pdbx_host_org_gene                 ? 
_entity_src_gen.pdbx_host_org_organ                ? 
_entity_src_gen.host_org_species                   ? 
_entity_src_gen.pdbx_host_org_tissue               ? 
_entity_src_gen.pdbx_host_org_tissue_fraction      ? 
_entity_src_gen.pdbx_host_org_strain               'BL21(DE3)+ Magic' 
_entity_src_gen.pdbx_host_org_variant              ? 
_entity_src_gen.pdbx_host_org_cell_line            ? 
_entity_src_gen.pdbx_host_org_atcc                 ? 
_entity_src_gen.pdbx_host_org_culture_collection   ? 
_entity_src_gen.pdbx_host_org_cell                 ? 
_entity_src_gen.pdbx_host_org_organelle            ? 
_entity_src_gen.pdbx_host_org_cellular_location    ? 
_entity_src_gen.pdbx_host_org_vector_type          plasmid 
_entity_src_gen.pdbx_host_org_vector               ? 
_entity_src_gen.host_org_details                   ? 
_entity_src_gen.expression_system_id               ? 
_entity_src_gen.plasmid_name                       pet21 
_entity_src_gen.plasmid_details                    ? 
_entity_src_gen.pdbx_description                   ? 
# 
loop_
_chem_comp.id 
_chem_comp.type 
_chem_comp.mon_nstd_flag 
_chem_comp.name 
_chem_comp.pdbx_synonyms 
_chem_comp.formula 
_chem_comp.formula_weight 
ALA 'L-peptide linking' y ALANINE          ? 'C3 H7 N O2'     89.093  
ARG 'L-peptide linking' y ARGININE         ? 'C6 H15 N4 O2 1' 175.209 
ASN 'L-peptide linking' y ASPARAGINE       ? 'C4 H8 N2 O3'    132.118 
ASP 'L-peptide linking' y 'ASPARTIC ACID'  ? 'C4 H7 N O4'     133.103 
GLN 'L-peptide linking' y GLUTAMINE        ? 'C5 H10 N2 O3'   146.144 
GLU 'L-peptide linking' y 'GLUTAMIC ACID'  ? 'C5 H9 N O4'     147.129 
GLY 'peptide linking'   y GLYCINE          ? 'C2 H5 N O2'     75.067  
HIS 'L-peptide linking' y HISTIDINE        ? 'C6 H10 N3 O2 1' 156.162 
HOH non-polymer         . WATER            ? 'H2 O'           18.015  
ILE 'L-peptide linking' y ISOLEUCINE       ? 'C6 H13 N O2'    131.173 
LEU 'L-peptide linking' y LEUCINE          ? 'C6 H13 N O2'    131.173 
LYS 'L-peptide linking' y LYSINE           ? 'C6 H15 N2 O2 1' 147.195 
MET 'L-peptide linking' y METHIONINE       ? 'C5 H11 N O2 S'  149.211 
MSE 'L-peptide linking' n SELENOMETHIONINE ? 'C5 H11 N O2 Se' 196.106 
PHE 'L-peptide linking' y PHENYLALANINE    ? 'C9 H11 N O2'    165.189 
PRO 'L-peptide linking' y PROLINE          ? 'C5 H9 N O2'     115.130 
SER 'L-peptide linking' y SERINE           ? 'C3 H7 N O3'     105.093 
THR 'L-peptide linking' y THREONINE        ? 'C4 H9 N O3'     119.119 
TRP 'L-peptide linking' y TRYPTOPHAN       ? 'C11 H12 N2 O2'  204.225 
TYR 'L-peptide linking' y TYROSINE         ? 'C9 H11 N O3'    181.189 
VAL 'L-peptide linking' y VALINE           ? 'C5 H11 N O2'    117.146 
# 
loop_
_pdbx_poly_seq_scheme.asym_id 
_pdbx_poly_seq_scheme.entity_id 
_pdbx_poly_seq_scheme.seq_id 
_pdbx_poly_seq_scheme.mon_id 
_pdbx_poly_seq_scheme.ndb_seq_num 
_pdbx_poly_seq_scheme.pdb_seq_num 
_pdbx_poly_seq_scheme.auth_seq_num 
_pdbx_poly_seq_scheme.pdb_mon_id 
_pdbx_poly_seq_scheme.auth_mon_id 
_pdbx_poly_seq_scheme.pdb_strand_id 
_pdbx_poly_seq_scheme.pdb_ins_code 
_pdbx_poly_seq_scheme.hetero 
A 1 1  MSE 1  1  ?  ?   ?   A . n 
A 1 2  LYS 2  2  ?  ?   ?   A . n 
A 1 3  ASN 3  3  ?  ?   ?   A . n 
A 1 4  TYR 4  4  4  TYR TYR A . n 
A 1 5  SER 5  5  5  SER SER A . n 
A 1 6  PHE 6  6  6  PHE PHE A . n 
A 1 7  TYR 7  7  7  TYR TYR A . n 
A 1 8  GLN 8  8  8  GLN GLN A . n 
A 1 9  PHE 9  9  9  PHE PHE A . n 
A 1 10 VAL 10 10 10 VAL VAL A . n 
A 1 11 MSE 11 11 11 MSE MSE A . n 
A 1 12 THR 12 12 12 THR THR A . n 
A 1 13 VAL 13 13 13 VAL VAL A . n 
A 1 14 ARG 14 14 14 ARG ARG A . n 
A 1 15 GLY 15 15 15 GLY GLY A . n 
A 1 16 ARG 16 16 16 ARG ARG A . n 
A 1 17 HIS 17 17 17 HIS HIS A . n 
A 1 18 ASP 18 18 18 ASP ASP A . n 
A 1 19 ASP 19 19 19 ASP ASP A . n 
A 1 20 LYS 20 20 20 LYS LYS A . n 
A 1 21 GLY 21 21 21 GLY GLY A . n 
A 1 22 ARG 22 22 22 ARG ARG A . n 
A 1 23 LEU 23 23 23 LEU LEU A . n 
A 1 24 ALA 24 24 24 ALA ALA A . n 
A 1 25 GLU 25 25 25 GLU GLU A . n 
A 1 26 GLU 26 26 26 GLU GLU A . n 
A 1 27 ILE 27 27 27 ILE ILE A . n 
A 1 28 PHE 28 28 28 PHE PHE A . n 
A 1 29 ASP 29 29 29 ASP ASP A . n 
A 1 30 ASP 30 30 30 ASP ASP A . n 
A 1 31 LEU 31 31 31 LEU LEU A . n 
A 1 32 ALA 32 32 32 ALA ALA A . n 
A 1 33 PHE 33 33 33 PHE PHE A . n 
A 1 34 PRO 34 34 34 PRO PRO A . n 
A 1 35 LYS 35 35 35 LYS LYS A . n 
A 1 36 HIS 36 36 36 HIS HIS A . n 
A 1 37 ASP 37 37 37 ASP ASP A . n 
A 1 38 ASP 38 38 38 ASP ASP A . n 
A 1 39 ASP 39 39 39 ASP ASP A . n 
A 1 40 PHE 40 40 40 PHE PHE A . n 
A 1 41 ASN 41 41 41 ASN ASN A . n 
A 1 42 ILE 42 42 42 ILE ILE A . n 
A 1 43 LEU 43 43 43 LEU LEU A . n 
A 1 44 SER 44 44 44 SER SER A . n 
A 1 45 ASP 45 45 45 ASP ASP A . n 
A 1 46 TYR 46 46 46 TYR TYR A . n 
A 1 47 ILE 47 47 47 ILE ILE A . n 
A 1 48 GLU 48 48 48 GLU GLU A . n 
A 1 49 THR 49 49 49 THR THR A . n 
A 1 50 HIS 50 50 50 HIS HIS A . n 
A 1 51 GLY 51 51 51 GLY GLY A . n 
A 1 52 ASP 52 52 52 ASP ASP A . n 
A 1 53 PHE 53 53 53 PHE PHE A . n 
A 1 54 THR 54 54 54 THR THR A . n 
A 1 55 LEU 55 55 55 LEU LEU A . n 
A 1 56 PRO 56 56 56 PRO PRO A . n 
A 1 57 MSE 57 57 57 MSE MSE A . n 
A 1 58 SER 58 58 58 SER SER A . n 
A 1 59 VAL 59 59 59 VAL VAL A . n 
A 1 60 PHE 60 60 60 PHE PHE A . n 
A 1 61 ASP 61 61 61 ASP ASP A . n 
A 1 62 ASP 62 62 62 ASP ASP A . n 
A 1 63 LEU 63 63 63 LEU LEU A . n 
A 1 64 TYR 64 64 64 TYR TYR A . n 
A 1 65 GLU 65 65 65 GLU GLU A . n 
A 1 66 GLU 66 66 66 GLU GLU A . n 
A 1 67 TYR 67 67 67 TYR TYR A . n 
A 1 68 THR 68 68 68 THR THR A . n 
A 1 69 GLU 69 69 69 GLU GLU A . n 
A 1 70 TRP 70 70 70 TRP TRP A . n 
A 1 71 LEU 71 71 71 LEU LEU A . n 
A 1 72 LYS 72 72 72 LYS LYS A . n 
A 1 73 PHE 73 73 73 PHE PHE A . n 
A 1 74 LEU 74 74 74 LEU LEU A . n 
A 1 75 GLU 75 75 75 GLU GLU A . n 
A 1 76 HIS 76 76 ?  ?   ?   A . n 
A 1 77 HIS 77 77 ?  ?   ?   A . n 
A 1 78 HIS 78 78 ?  ?   ?   A . n 
A 1 79 HIS 79 79 ?  ?   ?   A . n 
A 1 80 HIS 80 80 ?  ?   ?   A . n 
A 1 81 HIS 81 81 ?  ?   ?   A . n 
B 1 1  MSE 1  1  ?  ?   ?   B . n 
B 1 2  LYS 2  2  ?  ?   ?   B . n 
B 1 3  ASN 3  3  ?  ?   ?   B . n 
B 1 4  TYR 4  4  4  TYR TYR B . n 
B 1 5  SER 5  5  5  SER SER B . n 
B 1 6  PHE 6  6  6  PHE PHE B . n 
B 1 7  TYR 7  7  7  TYR TYR B . n 
B 1 8  GLN 8  8  8  GLN GLN B . n 
B 1 9  PHE 9  9  9  PHE PHE B . n 
B 1 10 VAL 10 10 10 VAL VAL B . n 
B 1 11 MSE 11 11 11 MSE MSE B . n 
B 1 12 THR 12 12 12 THR THR B . n 
B 1 13 VAL 13 13 13 VAL VAL B . n 
B 1 14 ARG 14 14 14 ARG ARG B . n 
B 1 15 GLY 15 15 15 GLY GLY B . n 
B 1 16 ARG 16 16 16 ARG ARG B . n 
B 1 17 HIS 17 17 17 HIS HIS B . n 
B 1 18 ASP 18 18 18 ASP ASP B . n 
B 1 19 ASP 19 19 19 ASP ASP B . n 
B 1 20 LYS 20 20 20 LYS LYS B . n 
B 1 21 GLY 21 21 21 GLY GLY B . n 
B 1 22 ARG 22 22 22 ARG ARG B . n 
B 1 23 LEU 23 23 23 LEU LEU B . n 
B 1 24 ALA 24 24 24 ALA ALA B . n 
B 1 25 GLU 25 25 25 GLU GLU B . n 
B 1 26 GLU 26 26 26 GLU GLU B . n 
B 1 27 ILE 27 27 27 ILE ILE B . n 
B 1 28 PHE 28 28 28 PHE PHE B . n 
B 1 29 ASP 29 29 29 ASP ASP B . n 
B 1 30 ASP 30 30 30 ASP ASP B . n 
B 1 31 LEU 31 31 31 LEU LEU B . n 
B 1 32 ALA 32 32 32 ALA ALA B . n 
B 1 33 PHE 33 33 33 PHE PHE B . n 
B 1 34 PRO 34 34 34 PRO PRO B . n 
B 1 35 LYS 35 35 35 LYS LYS B . n 
B 1 36 HIS 36 36 36 HIS HIS B . n 
B 1 37 ASP 37 37 37 ASP ASP B . n 
B 1 38 ASP 38 38 38 ASP ASP B . n 
B 1 39 ASP 39 39 39 ASP ASP B . n 
B 1 40 PHE 40 40 40 PHE PHE B . n 
B 1 41 ASN 41 41 41 ASN ASN B . n 
B 1 42 ILE 42 42 42 ILE ILE B . n 
B 1 43 LEU 43 43 43 LEU LEU B . n 
B 1 44 SER 44 44 44 SER SER B . n 
B 1 45 ASP 45 45 45 ASP ASP B . n 
B 1 46 TYR 46 46 46 TYR TYR B . n 
B 1 47 ILE 47 47 47 ILE ILE B . n 
B 1 48 GLU 48 48 48 GLU GLU B . n 
B 1 49 THR 49 49 49 THR THR B . n 
B 1 50 HIS 50 50 50 HIS HIS B . n 
B 1 51 GLY 51 51 51 GLY GLY B . n 
B 1 52 ASP 52 52 52 ASP ASP B . n 
B 1 53 PHE 53 53 53 PHE PHE B . n 
B 1 54 THR 54 54 54 THR THR B . n 
B 1 55 LEU 55 55 55 LEU LEU B . n 
B 1 56 PRO 56 56 56 PRO PRO B . n 
B 1 57 MSE 57 57 57 MSE MSE B . n 
B 1 58 SER 58 58 58 SER SER B . n 
B 1 59 VAL 59 59 59 VAL VAL B . n 
B 1 60 PHE 60 60 60 PHE PHE B . n 
B 1 61 ASP 61 61 61 ASP ASP B . n 
B 1 62 ASP 62 62 62 ASP ASP B . n 
B 1 63 LEU 63 63 63 LEU LEU B . n 
B 1 64 TYR 64 64 64 TYR TYR B . n 
B 1 65 GLU 65 65 65 GLU GLU B . n 
B 1 66 GLU 66 66 66 GLU GLU B . n 
B 1 67 TYR 67 67 67 TYR TYR B . n 
B 1 68 THR 68 68 68 THR THR B . n 
B 1 69 GLU 69 69 69 GLU GLU B . n 
B 1 70 TRP 70 70 70 TRP TRP B . n 
B 1 71 LEU 71 71 71 LEU LEU B . n 
B 1 72 LYS 72 72 72 LYS LYS B . n 
B 1 73 PHE 73 73 73 PHE PHE B . n 
B 1 74 LEU 74 74 74 LEU LEU B . n 
B 1 75 GLU 75 75 75 GLU GLU B . n 
B 1 76 HIS 76 76 76 HIS HIS B . n 
B 1 77 HIS 77 77 77 HIS HIS B . n 
B 1 78 HIS 78 78 ?  ?   ?   B . n 
B 1 79 HIS 79 79 ?  ?   ?   B . n 
B 1 80 HIS 80 80 ?  ?   ?   B . n 
B 1 81 HIS 81 81 ?  ?   ?   B . n 
# 
loop_
_pdbx_nonpoly_scheme.asym_id 
_pdbx_nonpoly_scheme.entity_id 
_pdbx_nonpoly_scheme.mon_id 
_pdbx_nonpoly_scheme.ndb_seq_num 
_pdbx_nonpoly_scheme.pdb_seq_num 
_pdbx_nonpoly_scheme.auth_seq_num 
_pdbx_nonpoly_scheme.pdb_mon_id 
_pdbx_nonpoly_scheme.auth_mon_id 
_pdbx_nonpoly_scheme.pdb_strand_id 
_pdbx_nonpoly_scheme.pdb_ins_code 
C 2 HOH 1  3003 3003 HOH HOH A . 
C 2 HOH 2  3006 3006 HOH HOH A . 
C 2 HOH 3  3007 3007 HOH HOH A . 
C 2 HOH 4  3008 3008 HOH HOH A . 
C 2 HOH 5  3009 3009 HOH HOH A . 
C 2 HOH 6  3010 3010 HOH HOH A . 
C 2 HOH 7  3012 3012 HOH HOH A . 
C 2 HOH 8  3014 3014 HOH HOH A . 
C 2 HOH 9  3016 3016 HOH HOH A . 
C 2 HOH 10 3017 3017 HOH HOH A . 
C 2 HOH 11 3018 3018 HOH HOH A . 
C 2 HOH 12 3022 3022 HOH HOH A . 
C 2 HOH 13 3024 3024 HOH HOH A . 
C 2 HOH 14 3026 3026 HOH HOH A . 
C 2 HOH 15 3028 3028 HOH HOH A . 
C 2 HOH 16 3029 3029 HOH HOH A . 
C 2 HOH 17 3031 3031 HOH HOH A . 
C 2 HOH 18 3033 3033 HOH HOH A . 
C 2 HOH 19 3035 3035 HOH HOH A . 
C 2 HOH 20 3036 3036 HOH HOH A . 
C 2 HOH 21 3038 3038 HOH HOH A . 
C 2 HOH 22 3039 3039 HOH HOH A . 
C 2 HOH 23 3040 3040 HOH HOH A . 
C 2 HOH 24 3043 3043 HOH HOH A . 
C 2 HOH 25 3045 3045 HOH HOH A . 
C 2 HOH 26 3046 3046 HOH HOH A . 
C 2 HOH 27 3048 3048 HOH HOH A . 
C 2 HOH 28 3053 3053 HOH HOH A . 
C 2 HOH 29 3054 3054 HOH HOH A . 
C 2 HOH 30 3055 3055 HOH HOH A . 
C 2 HOH 31 3056 3056 HOH HOH A . 
C 2 HOH 32 3057 3057 HOH HOH A . 
C 2 HOH 33 3059 3059 HOH HOH A . 
C 2 HOH 34 3061 3061 HOH HOH A . 
C 2 HOH 35 3062 3062 HOH HOH A . 
C 2 HOH 36 3064 3064 HOH HOH A . 
C 2 HOH 37 3069 3069 HOH HOH A . 
C 2 HOH 38 3070 3070 HOH HOH A . 
C 2 HOH 39 3073 3073 HOH HOH A . 
C 2 HOH 40 3075 3075 HOH HOH A . 
C 2 HOH 41 3079 3079 HOH HOH A . 
C 2 HOH 42 3080 3080 HOH HOH A . 
C 2 HOH 43 3082 3082 HOH HOH A . 
C 2 HOH 44 3083 3083 HOH HOH A . 
D 2 HOH 1  3001 3001 HOH HOH B . 
D 2 HOH 2  3002 3002 HOH HOH B . 
D 2 HOH 3  3004 3004 HOH HOH B . 
D 2 HOH 4  3005 3005 HOH HOH B . 
D 2 HOH 5  3011 3011 HOH HOH B . 
D 2 HOH 6  3013 3013 HOH HOH B . 
D 2 HOH 7  3015 3015 HOH HOH B . 
D 2 HOH 8  3019 3019 HOH HOH B . 
D 2 HOH 9  3020 3020 HOH HOH B . 
D 2 HOH 10 3021 3021 HOH HOH B . 
D 2 HOH 11 3023 3023 HOH HOH B . 
D 2 HOH 12 3025 3025 HOH HOH B . 
D 2 HOH 13 3027 3027 HOH HOH B . 
D 2 HOH 14 3030 3030 HOH HOH B . 
D 2 HOH 15 3032 3032 HOH HOH B . 
D 2 HOH 16 3034 3034 HOH HOH B . 
D 2 HOH 17 3037 3037 HOH HOH B . 
D 2 HOH 18 3041 3041 HOH HOH B . 
D 2 HOH 19 3042 3042 HOH HOH B . 
D 2 HOH 20 3044 3044 HOH HOH B . 
D 2 HOH 21 3047 3047 HOH HOH B . 
D 2 HOH 22 3049 3049 HOH HOH B . 
D 2 HOH 23 3050 3050 HOH HOH B . 
D 2 HOH 24 3051 3051 HOH HOH B . 
D 2 HOH 25 3052 3052 HOH HOH B . 
D 2 HOH 26 3058 3058 HOH HOH B . 
D 2 HOH 27 3060 3060 HOH HOH B . 
D 2 HOH 28 3063 3063 HOH HOH B . 
D 2 HOH 29 3065 3065 HOH HOH B . 
D 2 HOH 30 3067 3067 HOH HOH B . 
D 2 HOH 31 3068 3068 HOH HOH B . 
D 2 HOH 32 3071 3071 HOH HOH B . 
D 2 HOH 33 3072 3072 HOH HOH B . 
D 2 HOH 34 3074 3074 HOH HOH B . 
D 2 HOH 35 3076 3076 HOH HOH B . 
D 2 HOH 36 3077 3077 HOH HOH B . 
D 2 HOH 37 3078 3078 HOH HOH B . 
D 2 HOH 38 3081 3081 HOH HOH B . 
# 
loop_
_software.name 
_software.version 
_software.date 
_software.type 
_software.contact_author 
_software.contact_author_email 
_software.classification 
_software.location 
_software.language 
_software.citation_id 
_software.pdbx_ordinal 
DENZO       .       ?                package 'Zbyszek Otwinowski' zbyszek@mix.swmed.edu    'data reduction'  
http://www.lnls.br/infra/linhasluz/denzo-hkl.htm ?          ? 1 
SCALEPACK   .       ?                package 'Zbyszek Otwinowski' zbyszek@mix.swmed.edu    'data scaling'    
http://www.lnls.br/infra/linhasluz/denzo-hkl.htm ?          ? 2 
RESOLVE     2.08    14-Sept-2004     package 'Terwilliger, T. C'  terwilliger@LANL.gov     phasing           
http://www.solve.lanl.gov/                       ?          ? 3 
CNS         1.1     ?                package 'Axel T. Brunger'    axel.brunger@yale.edu    refinement        
http://cns.csb.yale.edu/v1.1/                    Fortran_77 ? 4 
PDB_EXTRACT 2.000   'April. 3, 2006' package PDB                  sw-help@rcsb.rutgers.edu 'data extraction' 
http://pdb.rutgers.edu/software/                 C++        ? 5 
ADSC        QUANTUM ?                ?       ?                    ?                        'data collection' ? ?          ? 6 
HKL-2000    .       ?                ?       ?                    ?                        'data reduction'  ? ?          ? 7 
SnB         .       ?                ?       ?                    ?                        phasing           ? ?          ? 8 
# 
_cell.entry_id           2O6K 
_cell.length_a           29.223 
_cell.length_b           52.157 
_cell.length_c           115.268 
_cell.angle_alpha        90.00 
_cell.angle_beta         90.00 
_cell.angle_gamma        90.00 
_cell.Z_PDB              8 
_cell.pdbx_unique_axis   ? 
_cell.length_a_esd       ? 
_cell.length_b_esd       ? 
_cell.length_c_esd       ? 
_cell.angle_alpha_esd    ? 
_cell.angle_beta_esd     ? 
_cell.angle_gamma_esd    ? 
# 
_symmetry.entry_id                         2O6K 
_symmetry.space_group_name_H-M             'P 21 21 21' 
_symmetry.pdbx_full_space_group_name_H-M   ? 
_symmetry.cell_setting                     ? 
_symmetry.Int_Tables_number                19 
_symmetry.space_group_name_Hall            ? 
# 
_exptl.crystals_number   1 
_exptl.entry_id          2O6K 
_exptl.method            'X-RAY DIFFRACTION' 
# 
_exptl_crystal.id                    1 
_exptl_crystal.density_Matthews      2.18 
_exptl_crystal.density_meas          ? 
_exptl_crystal.density_percent_sol   43.47 
_exptl_crystal.description           ? 
_exptl_crystal.F_000                 ? 
_exptl_crystal.preparation           ? 
# 
_exptl_crystal_grow.crystal_id      1 
_exptl_crystal_grow.method          'VAPOR DIFFUSION, HANGING DROP' 
_exptl_crystal_grow.pH              6.5 
_exptl_crystal_grow.temp            291 
_exptl_crystal_grow.temp_details    ? 
_exptl_crystal_grow.pdbx_details    '300mM NH4F, 50mM MES pH 6.5, 18% PEG3350, VAPOR DIFFUSION, HANGING DROP, temperature 291K' 
_exptl_crystal_grow.pdbx_pH_range   . 
# 
loop_
_diffrn.id 
_diffrn.ambient_temp 
_diffrn.ambient_temp_details 
_diffrn.crystal_id 
1 100 ? 1 
2 ?   ? 1 
3 ?   ? 1 
# 
_diffrn_detector.diffrn_id              1 
_diffrn_detector.detector               CCD 
_diffrn_detector.type                   'ADSC QUANTUM 4' 
_diffrn_detector.pdbx_collection_date   2006-11-22 
_diffrn_detector.details                ? 
# 
_diffrn_radiation.diffrn_id                        1 
_diffrn_radiation.wavelength_id                    1 
_diffrn_radiation.pdbx_diffrn_protocol             MAD 
_diffrn_radiation.monochromator                    'Si 111 CHANNEL' 
_diffrn_radiation.pdbx_monochromatic_or_laue_m_l   M 
_diffrn_radiation.pdbx_scattering_type             x-ray 
# 
loop_
_diffrn_radiation_wavelength.id 
_diffrn_radiation_wavelength.wavelength 
_diffrn_radiation_wavelength.wt 
1 0.97916 1.0 
2 0.97949 1.0 
3 0.96863 1.0 
# 
_diffrn_source.diffrn_id                   1 
_diffrn_source.source                      SYNCHROTRON 
_diffrn_source.type                        'NSLS BEAMLINE X4A' 
_diffrn_source.pdbx_wavelength             ? 
_diffrn_source.pdbx_wavelength_list        '0.97916, 0.97949, 0.96863' 
_diffrn_source.pdbx_synchrotron_site       NSLS 
_diffrn_source.pdbx_synchrotron_beamline   X4A 
# 
_reflns.entry_id                     2O6K 
_reflns.d_resolution_high            2.100 
_reflns.d_resolution_low             50.000 
_reflns.number_obs                   19912 
_reflns.pdbx_Rmerge_I_obs            0.104 
_reflns.pdbx_netI_over_sigmaI        17.400 
_reflns.pdbx_chi_squared             1.786 
_reflns.pdbx_redundancy              6.000 
_reflns.percent_possible_obs         99.600 
_reflns.observed_criterion_sigma_F   ? 
_reflns.observed_criterion_sigma_I   ? 
_reflns.number_all                   ? 
_reflns.pdbx_Rsym_value              ? 
_reflns.B_iso_Wilson_estimate        ? 
_reflns.R_free_details               ? 
_reflns.limit_h_max                  ? 
_reflns.limit_h_min                  ? 
_reflns.limit_k_max                  ? 
_reflns.limit_k_min                  ? 
_reflns.limit_l_max                  ? 
_reflns.limit_l_min                  ? 
_reflns.observed_criterion_F_max     ? 
_reflns.observed_criterion_F_min     ? 
_reflns.pdbx_scaling_rejects         ? 
_reflns.pdbx_ordinal                 1 
_reflns.pdbx_diffrn_id               1 
# 
loop_
_reflns_shell.d_res_high 
_reflns_shell.d_res_low 
_reflns_shell.number_measured_obs 
_reflns_shell.number_measured_all 
_reflns_shell.number_unique_obs 
_reflns_shell.Rmerge_I_obs 
_reflns_shell.meanI_over_sigI_obs 
_reflns_shell.pdbx_Rsym_value 
_reflns_shell.pdbx_chi_squared 
_reflns_shell.pdbx_redundancy 
_reflns_shell.percent_possible_obs 
_reflns_shell.number_unique_all 
_reflns_shell.percent_possible_all 
_reflns_shell.pdbx_ordinal 
_reflns_shell.pdbx_diffrn_id 
2.10 2.18  ? ? ? 0.415 ? ? 1.987 5.70 ? 1956 99.90  1  1 
2.18 2.26  ? ? ? 0.308 ? ? 1.768 5.70 ? 1998 99.00  2  1 
2.26 2.37  ? ? ? 0.396 ? ? 7.264 5.00 ? 1982 99.50  3  1 
2.37 2.49  ? ? ? 0.214 ? ? 1.213 5.90 ? 1996 99.40  4  1 
2.49 2.65  ? ? ? 0.167 ? ? 1.104 6.00 ? 2003 100.00 5  1 
2.65 2.85  ? ? ? 0.125 ? ? 1.162 6.30 ? 1966 99.60  6  1 
2.85 3.14  ? ? ? 0.099 ? ? 1.173 6.30 ? 2006 99.90  7  1 
3.14 3.59  ? ? ? 0.074 ? ? 1.071 6.40 ? 2000 100.00 8  1 
3.59 4.52  ? ? ? 0.063 ? ? 1.116 6.40 ? 1995 99.80  9  1 
4.52 50.00 ? ? ? 0.059 ? ? 1.049 6.20 ? 2010 99.40  10 1 
# 
_refine.entry_id                                 2O6K 
_refine.ls_d_res_high                            2.100 
_refine.ls_d_res_low                             20.000 
_refine.pdbx_ls_sigma_F                          295.00 
_refine.ls_percent_reflns_obs                    93.900 
_refine.ls_number_reflns_obs                     18638 
_refine.ls_R_factor_R_work                       0.208 
_refine.ls_R_factor_R_free                       0.217 
_refine.ls_percent_reflns_R_free                 8.900 
_refine.ls_number_reflns_R_free                  1771 
_refine.B_iso_mean                               23.196 
_refine.solvent_model_param_bsol                 41.674 
_refine.aniso_B[1][1]                            0.108 
_refine.aniso_B[2][2]                            -1.887 
_refine.aniso_B[3][3]                            1.778 
_refine.aniso_B[1][2]                            0.000 
_refine.aniso_B[1][3]                            0.000 
_refine.aniso_B[2][3]                            0.000 
_refine.overall_FOM_work_R_set                   0.878 
_refine.pdbx_ls_sigma_I                          ? 
_refine.ls_number_reflns_all                     ? 
_refine.ls_R_factor_all                          ? 
_refine.ls_R_factor_obs                          ? 
_refine.ls_redundancy_reflns_obs                 ? 
_refine.pdbx_data_cutoff_high_absF               ? 
_refine.pdbx_data_cutoff_low_absF                ? 
_refine.ls_number_parameters                     ? 
_refine.ls_number_restraints                     ? 
_refine.ls_R_factor_R_free_error                 ? 
_refine.ls_R_factor_R_free_error_details         ? 
_refine.pdbx_method_to_determine_struct          MAD 
_refine.pdbx_starting_model                      ? 
_refine.pdbx_ls_cross_valid_method               ? 
_refine.pdbx_R_Free_selection_details            ? 
_refine.pdbx_stereochem_target_val_spec_case     ? 
_refine.pdbx_stereochemistry_target_values       'Engh & Huber' 
_refine.solvent_model_details                    ? 
_refine.solvent_model_param_ksol                 ? 
_refine.occupancy_max                            ? 
_refine.occupancy_min                            ? 
_refine.pdbx_isotropic_thermal_model             ? 
_refine.details                                  ? 
_refine.B_iso_min                                ? 
_refine.B_iso_max                                ? 
_refine.correlation_coeff_Fo_to_Fc               ? 
_refine.correlation_coeff_Fo_to_Fc_free          ? 
_refine.pdbx_solvent_vdw_probe_radii             ? 
_refine.pdbx_solvent_ion_probe_radii             ? 
_refine.pdbx_solvent_shrinkage_radii             ? 
_refine.overall_SU_R_Cruickshank_DPI             ? 
_refine.overall_SU_R_free                        ? 
_refine.overall_SU_ML                            ? 
_refine.overall_SU_B                             ? 
_refine.pdbx_overall_ESU_R_Free                  ? 
_refine.pdbx_data_cutoff_high_rms_absF           ? 
_refine.pdbx_overall_ESU_R                       ? 
_refine.ls_wR_factor_R_free                      ? 
_refine.ls_wR_factor_R_work                      ? 
_refine.overall_FOM_free_R_set                   ? 
_refine.pdbx_refine_id                           'X-RAY DIFFRACTION' 
_refine.pdbx_diffrn_id                           1 
_refine.pdbx_TLS_residual_ADP_flag               ? 
_refine.pdbx_overall_phase_error                 ? 
_refine.pdbx_overall_SU_R_free_Cruickshank_DPI   ? 
_refine.pdbx_overall_SU_R_Blow_DPI               ? 
_refine.pdbx_overall_SU_R_free_Blow_DPI          ? 
# 
_refine_hist.pdbx_refine_id                   'X-RAY DIFFRACTION' 
_refine_hist.cycle_id                         LAST 
_refine_hist.pdbx_number_atoms_protein        1258 
_refine_hist.pdbx_number_atoms_nucleic_acid   0 
_refine_hist.pdbx_number_atoms_ligand         0 
_refine_hist.number_atoms_solvent             82 
_refine_hist.number_atoms_total               1340 
_refine_hist.d_res_high                       2.100 
_refine_hist.d_res_low                        20.000 
# 
loop_
_refine_ls_restr.type 
_refine_ls_restr.number 
_refine_ls_restr.dev_ideal 
_refine_ls_restr.dev_ideal_target 
_refine_ls_restr.weight 
_refine_ls_restr.pdbx_refine_id 
_refine_ls_restr.pdbx_restraint_function 
c_mcbond_it  ? 1.495 1.500 ? 'X-RAY DIFFRACTION' ? 
c_scbond_it  ? 2.317 2.000 ? 'X-RAY DIFFRACTION' ? 
c_mcangle_it ? 2.378 2.000 ? 'X-RAY DIFFRACTION' ? 
c_scangle_it ? 3.643 2.500 ? 'X-RAY DIFFRACTION' ? 
# 
loop_
_refine_ls_shell.d_res_high 
_refine_ls_shell.d_res_low 
_refine_ls_shell.pdbx_total_number_of_bins_used 
_refine_ls_shell.percent_reflns_obs 
_refine_ls_shell.number_reflns_R_work 
_refine_ls_shell.R_factor_all 
_refine_ls_shell.R_factor_R_work 
_refine_ls_shell.R_factor_R_free 
_refine_ls_shell.percent_reflns_R_free 
_refine_ls_shell.number_reflns_R_free 
_refine_ls_shell.R_factor_R_free_error 
_refine_ls_shell.number_reflns_all 
_refine_ls_shell.number_reflns_obs 
_refine_ls_shell.redundancy_reflns_obs 
_refine_ls_shell.pdbx_refine_id 
2.100 2.120  35 . 426 . 0.24  0.313 . 54 . . 480 . 'X-RAY DIFFRACTION' 
2.120 2.140  35 . 433 . 0.219 0.285 . 57 . . 490 . 'X-RAY DIFFRACTION' 
2.140 2.160  35 . 460 . 0.217 0.26  . 48 . . 508 . 'X-RAY DIFFRACTION' 
2.160 2.190  35 . 466 . 0.226 0.27  . 41 . . 507 . 'X-RAY DIFFRACTION' 
2.190 2.210  35 . 497 . 0.196 0.253 . 54 . . 551 . 'X-RAY DIFFRACTION' 
2.210 2.240  35 . 452 . 0.211 0.284 . 65 . . 517 . 'X-RAY DIFFRACTION' 
2.240 2.260  35 . 432 . 0.202 0.252 . 57 . . 489 . 'X-RAY DIFFRACTION' 
2.260 2.290  35 . 350 . 0.198 0.211 . 35 . . 385 . 'X-RAY DIFFRACTION' 
2.290 2.320  35 . 477 . 0.317 0.288 . 48 . . 525 . 'X-RAY DIFFRACTION' 
2.320 2.350  35 . 373 . 0.209 0.328 . 27 . . 400 . 'X-RAY DIFFRACTION' 
2.350 2.380  35 . 489 . 0.228 0.307 . 50 . . 539 . 'X-RAY DIFFRACTION' 
2.380 2.410  35 . 493 . 0.214 0.234 . 52 . . 545 . 'X-RAY DIFFRACTION' 
2.410 2.450  35 . 473 . 0.243 0.323 . 47 . . 520 . 'X-RAY DIFFRACTION' 
2.450 2.490  35 . 473 . 0.229 0.219 . 63 . . 536 . 'X-RAY DIFFRACTION' 
2.490 2.530  35 . 481 . 0.214 0.178 . 44 . . 525 . 'X-RAY DIFFRACTION' 
2.530 2.570  35 . 495 . 0.229 0.316 . 46 . . 541 . 'X-RAY DIFFRACTION' 
2.570 2.620  35 . 493 . 0.222 0.232 . 58 . . 551 . 'X-RAY DIFFRACTION' 
2.620 2.670  35 . 498 . 0.193 0.172 . 50 . . 548 . 'X-RAY DIFFRACTION' 
2.670 2.720  35 . 498 . 0.216 0.222 . 40 . . 538 . 'X-RAY DIFFRACTION' 
2.720 2.780  35 . 505 . 0.241 0.256 . 43 . . 548 . 'X-RAY DIFFRACTION' 
2.780 2.850  35 . 490 . 0.222 0.194 . 63 . . 553 . 'X-RAY DIFFRACTION' 
2.850 2.920  35 . 523 . 0.213 0.227 . 58 . . 581 . 'X-RAY DIFFRACTION' 
2.920 3.000  35 . 506 . 0.211 0.116 . 35 . . 541 . 'X-RAY DIFFRACTION' 
3.000 3.090  35 . 504 . 0.226 0.231 . 45 . . 549 . 'X-RAY DIFFRACTION' 
3.090 3.190  35 . 516 . 0.211 0.246 . 49 . . 565 . 'X-RAY DIFFRACTION' 
3.190 3.300  35 . 514 . 0.234 0.278 . 48 . . 562 . 'X-RAY DIFFRACTION' 
3.300 3.430  35 . 510 . 0.198 0.194 . 41 . . 551 . 'X-RAY DIFFRACTION' 
3.430 3.590  35 . 515 . 0.185 0.159 . 61 . . 576 . 'X-RAY DIFFRACTION' 
3.590 3.770  35 . 500 . 0.181 0.16  . 66 . . 566 . 'X-RAY DIFFRACTION' 
3.770 4.010  35 . 490 . 0.181 0.187 . 59 . . 549 . 'X-RAY DIFFRACTION' 
4.010 4.310  35 . 496 . 0.172 0.201 . 59 . . 555 . 'X-RAY DIFFRACTION' 
4.310 4.740  35 . 506 . 0.174 0.171 . 59 . . 565 . 'X-RAY DIFFRACTION' 
4.740 5.420  35 . 512 . 0.186 0.2   . 49 . . 561 . 'X-RAY DIFFRACTION' 
5.420 6.780  35 . 512 . 0.231 0.211 . 46 . . 558 . 'X-RAY DIFFRACTION' 
6.780 20.000 35 . 509 . 0.189 0.197 . 54 . . 563 . 'X-RAY DIFFRACTION' 
# 
loop_
_pdbx_xplor_file.serial_no 
_pdbx_xplor_file.param_file 
_pdbx_xplor_file.topol_file 
_pdbx_xplor_file.pdbx_refine_id 
1 protein_rep.par ? 'X-RAY DIFFRACTION' 
2 water_rep.param ? 'X-RAY DIFFRACTION' 
# 
_struct.entry_id                  2O6K 
_struct.title                     
'Crystal structure of UPF0346 from Staphylococcus aureus. Northeast Structural Genomics target ZR218.' 
_struct.pdbx_model_details        ? 
_struct.pdbx_CASP_flag            ? 
_struct.pdbx_model_type_details   ? 
# 
_struct_keywords.entry_id        2O6K 
_struct_keywords.pdbx_keywords   'STRUCTURAL GENOMICS, UNKNOWN FUNCTION' 
_struct_keywords.text            
'ZR218, NESG, Structural Genomics, PSI-2, Protein Structure Initiative, Northeast Structural Genomics Consortium, UNKNOWN FUNCTION' 
# 
loop_
_struct_asym.id 
_struct_asym.pdbx_blank_PDB_chainid_flag 
_struct_asym.pdbx_modified 
_struct_asym.entity_id 
_struct_asym.details 
A N N 1 ? 
B N N 1 ? 
C N N 2 ? 
D N N 2 ? 
# 
_struct_ref.id                         1 
_struct_ref.db_name                    UNP 
_struct_ref.db_code                    YCRR_STAAU 
_struct_ref.pdbx_db_accession          Q7BEF3 
_struct_ref.entity_id                  1 
_struct_ref.pdbx_seq_one_letter_code   MKNYSFYQFVMTVRGRHDDKGRLAEEIFDDLAFPKHDDDFNILSDYIETHGDFTLPMSVFDDLYEEYTEWLKF 
_struct_ref.pdbx_align_begin           1 
_struct_ref.pdbx_db_isoform            ? 
# 
loop_
_struct_ref_seq.align_id 
_struct_ref_seq.ref_id 
_struct_ref_seq.pdbx_PDB_id_code 
_struct_ref_seq.pdbx_strand_id 
_struct_ref_seq.seq_align_beg 
_struct_ref_seq.pdbx_seq_align_beg_ins_code 
_struct_ref_seq.seq_align_end 
_struct_ref_seq.pdbx_seq_align_end_ins_code 
_struct_ref_seq.pdbx_db_accession 
_struct_ref_seq.db_align_beg 
_struct_ref_seq.pdbx_db_align_beg_ins_code 
_struct_ref_seq.db_align_end 
_struct_ref_seq.pdbx_db_align_end_ins_code 
_struct_ref_seq.pdbx_auth_seq_align_beg 
_struct_ref_seq.pdbx_auth_seq_align_end 
1 1 2O6K A 1 ? 73 ? Q7BEF3 1 ? 73 ? 1 73 
2 1 2O6K B 1 ? 73 ? Q7BEF3 1 ? 73 ? 1 73 
# 
loop_
_struct_ref_seq_dif.align_id 
_struct_ref_seq_dif.pdbx_pdb_id_code 
_struct_ref_seq_dif.mon_id 
_struct_ref_seq_dif.pdbx_pdb_strand_id 
_struct_ref_seq_dif.seq_num 
_struct_ref_seq_dif.pdbx_pdb_ins_code 
_struct_ref_seq_dif.pdbx_seq_db_name 
_struct_ref_seq_dif.pdbx_seq_db_accession_code 
_struct_ref_seq_dif.db_mon_id 
_struct_ref_seq_dif.pdbx_seq_db_seq_num 
_struct_ref_seq_dif.details 
_struct_ref_seq_dif.pdbx_auth_seq_num 
_struct_ref_seq_dif.pdbx_ordinal 
1 2O6K MSE A 1  ? UNP Q7BEF3 MET 1  'modified residue' 1  1  
1 2O6K MSE A 11 ? UNP Q7BEF3 MET 11 'modified residue' 11 2  
1 2O6K MSE A 57 ? UNP Q7BEF3 MET 57 'modified residue' 57 3  
1 2O6K LEU A 74 ? UNP Q7BEF3 ?   ?  'expression tag'   74 4  
1 2O6K GLU A 75 ? UNP Q7BEF3 ?   ?  'expression tag'   75 5  
1 2O6K HIS A 76 ? UNP Q7BEF3 ?   ?  'expression tag'   76 6  
1 2O6K HIS A 77 ? UNP Q7BEF3 ?   ?  'expression tag'   77 7  
1 2O6K HIS A 78 ? UNP Q7BEF3 ?   ?  'expression tag'   78 8  
1 2O6K HIS A 79 ? UNP Q7BEF3 ?   ?  'expression tag'   79 9  
1 2O6K HIS A 80 ? UNP Q7BEF3 ?   ?  'expression tag'   80 10 
1 2O6K HIS A 81 ? UNP Q7BEF3 ?   ?  'expression tag'   81 11 
2 2O6K MSE B 1  ? UNP Q7BEF3 MET 1  'modified residue' 1  12 
2 2O6K MSE B 11 ? UNP Q7BEF3 MET 11 'modified residue' 11 13 
2 2O6K MSE B 57 ? UNP Q7BEF3 MET 57 'modified residue' 57 14 
2 2O6K LEU B 74 ? UNP Q7BEF3 ?   ?  'expression tag'   74 15 
2 2O6K GLU B 75 ? UNP Q7BEF3 ?   ?  'expression tag'   75 16 
2 2O6K HIS B 76 ? UNP Q7BEF3 ?   ?  'expression tag'   76 17 
2 2O6K HIS B 77 ? UNP Q7BEF3 ?   ?  'expression tag'   77 18 
2 2O6K HIS B 78 ? UNP Q7BEF3 ?   ?  'expression tag'   78 19 
2 2O6K HIS B 79 ? UNP Q7BEF3 ?   ?  'expression tag'   79 20 
2 2O6K HIS B 80 ? UNP Q7BEF3 ?   ?  'expression tag'   80 21 
2 2O6K HIS B 81 ? UNP Q7BEF3 ?   ?  'expression tag'   81 22 
# 
loop_
_pdbx_struct_assembly.id 
_pdbx_struct_assembly.details 
_pdbx_struct_assembly.method_details 
_pdbx_struct_assembly.oligomeric_details 
_pdbx_struct_assembly.oligomeric_count 
1 author_defined_assembly ? monomeric 1 
2 author_defined_assembly ? monomeric 1 
# 
loop_
_pdbx_struct_assembly_gen.assembly_id 
_pdbx_struct_assembly_gen.oper_expression 
_pdbx_struct_assembly_gen.asym_id_list 
1 1 A,C 
2 1 B,D 
# 
_pdbx_struct_oper_list.id                   1 
_pdbx_struct_oper_list.type                 'identity operation' 
_pdbx_struct_oper_list.name                 1_555 
_pdbx_struct_oper_list.symmetry_operation   x,y,z 
_pdbx_struct_oper_list.matrix[1][1]         1.0000000000 
_pdbx_struct_oper_list.matrix[1][2]         0.0000000000 
_pdbx_struct_oper_list.matrix[1][3]         0.0000000000 
_pdbx_struct_oper_list.vector[1]            0.0000000000 
_pdbx_struct_oper_list.matrix[2][1]         0.0000000000 
_pdbx_struct_oper_list.matrix[2][2]         1.0000000000 
_pdbx_struct_oper_list.matrix[2][3]         0.0000000000 
_pdbx_struct_oper_list.vector[2]            0.0000000000 
_pdbx_struct_oper_list.matrix[3][1]         0.0000000000 
_pdbx_struct_oper_list.matrix[3][2]         0.0000000000 
_pdbx_struct_oper_list.matrix[3][3]         1.0000000000 
_pdbx_struct_oper_list.vector[3]            0.0000000000 
# 
loop_
_struct_biol.id 
_struct_biol.details 
_struct_biol.pdbx_parent_biol_id 
1 'The AU contains the biological unit consisting of subunits A & B.' ? 
2 ?                                                                   ? 
# 
loop_
_struct_conf.conf_type_id 
_struct_conf.id 
_struct_conf.pdbx_PDB_helix_id 
_struct_conf.beg_label_comp_id 
_struct_conf.beg_label_asym_id 
_struct_conf.beg_label_seq_id 
_struct_conf.pdbx_beg_PDB_ins_code 
_struct_conf.end_label_comp_id 
_struct_conf.end_label_asym_id 
_struct_conf.end_label_seq_id 
_struct_conf.pdbx_end_PDB_ins_code 
_struct_conf.beg_auth_comp_id 
_struct_conf.beg_auth_asym_id 
_struct_conf.beg_auth_seq_id 
_struct_conf.end_auth_comp_id 
_struct_conf.end_auth_asym_id 
_struct_conf.end_auth_seq_id 
_struct_conf.pdbx_PDB_helix_class 
_struct_conf.details 
_struct_conf.pdbx_PDB_helix_length 
HELX_P HELX_P1 1 SER A 5  ? ARG A 14 ? SER A 5  ARG A 14 1 ? 10 
HELX_P HELX_P2 2 ASP A 18 ? ASP A 30 ? ASP A 18 ASP A 30 1 ? 13 
HELX_P HELX_P3 3 ASP A 39 ? GLY A 51 ? ASP A 39 GLY A 51 1 ? 13 
HELX_P HELX_P4 4 PRO A 56 ? LEU A 74 ? PRO A 56 LEU A 74 1 ? 19 
HELX_P HELX_P5 5 SER B 5  ? ARG B 14 ? SER B 5  ARG B 14 1 ? 10 
HELX_P HELX_P6 6 ASP B 18 ? ASP B 30 ? ASP B 18 ASP B 30 1 ? 13 
HELX_P HELX_P7 7 ASP B 39 ? THR B 49 ? ASP B 39 THR B 49 1 ? 11 
HELX_P HELX_P8 8 PRO B 56 ? HIS B 77 ? PRO B 56 HIS B 77 1 ? 22 
# 
_struct_conf_type.id          HELX_P 
_struct_conf_type.criteria    ? 
_struct_conf_type.reference   ? 
# 
loop_
_struct_conn.id 
_struct_conn.conn_type_id 
_struct_conn.pdbx_leaving_atom_flag 
_struct_conn.pdbx_PDB_id 
_struct_conn.ptnr1_label_asym_id 
_struct_conn.ptnr1_label_comp_id 
_struct_conn.ptnr1_label_seq_id 
_struct_conn.ptnr1_label_atom_id 
_struct_conn.pdbx_ptnr1_label_alt_id 
_struct_conn.pdbx_ptnr1_PDB_ins_code 
_struct_conn.pdbx_ptnr1_standard_comp_id 
_struct_conn.ptnr1_symmetry 
_struct_conn.ptnr2_label_asym_id 
_struct_conn.ptnr2_label_comp_id 
_struct_conn.ptnr2_label_seq_id 
_struct_conn.ptnr2_label_atom_id 
_struct_conn.pdbx_ptnr2_label_alt_id 
_struct_conn.pdbx_ptnr2_PDB_ins_code 
_struct_conn.ptnr1_auth_asym_id 
_struct_conn.ptnr1_auth_comp_id 
_struct_conn.ptnr1_auth_seq_id 
_struct_conn.ptnr2_auth_asym_id 
_struct_conn.ptnr2_auth_comp_id 
_struct_conn.ptnr2_auth_seq_id 
_struct_conn.ptnr2_symmetry 
_struct_conn.pdbx_ptnr3_label_atom_id 
_struct_conn.pdbx_ptnr3_label_seq_id 
_struct_conn.pdbx_ptnr3_label_comp_id 
_struct_conn.pdbx_ptnr3_label_asym_id 
_struct_conn.pdbx_ptnr3_label_alt_id 
_struct_conn.pdbx_ptnr3_PDB_ins_code 
_struct_conn.details 
_struct_conn.pdbx_dist_value 
_struct_conn.pdbx_value_order 
_struct_conn.pdbx_role 
covale1 covale both ? A VAL 10 C ? ? ? 1_555 A MSE 11 N ? ? A VAL 10 A MSE 11 1_555 ? ? ? ? ? ? ? 1.202 ? ? 
covale2 covale both ? A MSE 11 C ? ? ? 1_555 A THR 12 N ? ? A MSE 11 A THR 12 1_555 ? ? ? ? ? ? ? 1.338 ? ? 
covale3 covale both ? A PRO 56 C ? ? ? 1_555 A MSE 57 N ? ? A PRO 56 A MSE 57 1_555 ? ? ? ? ? ? ? 1.328 ? ? 
covale4 covale both ? A MSE 57 C ? ? ? 1_555 A SER 58 N ? ? A MSE 57 A SER 58 1_555 ? ? ? ? ? ? ? 1.326 ? ? 
covale5 covale both ? B VAL 10 C ? ? ? 1_555 B MSE 11 N ? ? B VAL 10 B MSE 11 1_555 ? ? ? ? ? ? ? 1.328 ? ? 
covale6 covale both ? B MSE 11 C ? ? ? 1_555 B THR 12 N ? ? B MSE 11 B THR 12 1_555 ? ? ? ? ? ? ? 1.329 ? ? 
covale7 covale both ? B PRO 56 C ? ? ? 1_555 B MSE 57 N ? ? B PRO 56 B MSE 57 1_555 ? ? ? ? ? ? ? 1.327 ? ? 
covale8 covale both ? B MSE 57 C ? ? ? 1_555 B SER 58 N ? ? B MSE 57 B SER 58 1_555 ? ? ? ? ? ? ? 1.328 ? ? 
# 
_struct_conn_type.id          covale 
_struct_conn_type.criteria    ? 
_struct_conn_type.reference   ? 
# 
loop_
_pdbx_modification_feature.ordinal 
_pdbx_modification_feature.label_comp_id 
_pdbx_modification_feature.label_asym_id 
_pdbx_modification_feature.label_seq_id 
_pdbx_modification_feature.label_alt_id 
_pdbx_modification_feature.modified_residue_label_comp_id 
_pdbx_modification_feature.modified_residue_label_asym_id 
_pdbx_modification_feature.modified_residue_label_seq_id 
_pdbx_modification_feature.modified_residue_label_alt_id 
_pdbx_modification_feature.auth_comp_id 
_pdbx_modification_feature.auth_asym_id 
_pdbx_modification_feature.auth_seq_id 
_pdbx_modification_feature.PDB_ins_code 
_pdbx_modification_feature.symmetry 
_pdbx_modification_feature.modified_residue_auth_comp_id 
_pdbx_modification_feature.modified_residue_auth_asym_id 
_pdbx_modification_feature.modified_residue_auth_seq_id 
_pdbx_modification_feature.modified_residue_PDB_ins_code 
_pdbx_modification_feature.modified_residue_symmetry 
_pdbx_modification_feature.comp_id_linking_atom 
_pdbx_modification_feature.modified_residue_id_linking_atom 
_pdbx_modification_feature.modified_residue_id 
_pdbx_modification_feature.ref_pcm_id 
_pdbx_modification_feature.ref_comp_id 
_pdbx_modification_feature.type 
_pdbx_modification_feature.category 
1 MSE A 11 ? . . . . MSE A 11 ? 1_555 . . . . . . . MET 1 MSE Selenomethionine 'Named protein modification' 
2 MSE A 57 ? . . . . MSE A 57 ? 1_555 . . . . . . . MET 1 MSE Selenomethionine 'Named protein modification' 
3 MSE B 11 ? . . . . MSE B 11 ? 1_555 . . . . . . . MET 1 MSE Selenomethionine 'Named protein modification' 
4 MSE B 57 ? . . . . MSE B 57 ? 1_555 . . . . . . . MET 1 MSE Selenomethionine 'Named protein modification' 
# 
_pdbx_entry_details.entry_id                   2O6K 
_pdbx_entry_details.compound_details           ? 
_pdbx_entry_details.source_details             ? 
_pdbx_entry_details.nonpolymer_details         ? 
_pdbx_entry_details.sequence_details           ? 
_pdbx_entry_details.has_ligand_of_interest     ? 
_pdbx_entry_details.has_protein_modification   Y 
# 
loop_
_pdbx_validate_rmsd_bond.id 
_pdbx_validate_rmsd_bond.PDB_model_num 
_pdbx_validate_rmsd_bond.auth_atom_id_1 
_pdbx_validate_rmsd_bond.auth_asym_id_1 
_pdbx_validate_rmsd_bond.auth_comp_id_1 
_pdbx_validate_rmsd_bond.auth_seq_id_1 
_pdbx_validate_rmsd_bond.PDB_ins_code_1 
_pdbx_validate_rmsd_bond.label_alt_id_1 
_pdbx_validate_rmsd_bond.auth_atom_id_2 
_pdbx_validate_rmsd_bond.auth_asym_id_2 
_pdbx_validate_rmsd_bond.auth_comp_id_2 
_pdbx_validate_rmsd_bond.auth_seq_id_2 
_pdbx_validate_rmsd_bond.PDB_ins_code_2 
_pdbx_validate_rmsd_bond.label_alt_id_2 
_pdbx_validate_rmsd_bond.bond_value 
_pdbx_validate_rmsd_bond.bond_target_value 
_pdbx_validate_rmsd_bond.bond_deviation 
_pdbx_validate_rmsd_bond.bond_standard_deviation 
_pdbx_validate_rmsd_bond.linker_flag 
1 1 CG B MSE 11 ? ? SE B MSE 11 ? ? 2.299 1.950 0.349 0.034 N 
2 1 CG B MSE 57 ? ? SE B MSE 57 ? ? 2.298 1.950 0.348 0.034 N 
# 
_pdbx_validate_torsion.id              1 
_pdbx_validate_torsion.PDB_model_num   1 
_pdbx_validate_torsion.auth_comp_id    LEU 
_pdbx_validate_torsion.auth_asym_id    A 
_pdbx_validate_torsion.auth_seq_id     74 
_pdbx_validate_torsion.PDB_ins_code    ? 
_pdbx_validate_torsion.label_alt_id    ? 
_pdbx_validate_torsion.phi             -57.05 
_pdbx_validate_torsion.psi             172.69 
# 
loop_
_pdbx_validate_peptide_omega.id 
_pdbx_validate_peptide_omega.PDB_model_num 
_pdbx_validate_peptide_omega.auth_comp_id_1 
_pdbx_validate_peptide_omega.auth_asym_id_1 
_pdbx_validate_peptide_omega.auth_seq_id_1 
_pdbx_validate_peptide_omega.PDB_ins_code_1 
_pdbx_validate_peptide_omega.label_alt_id_1 
_pdbx_validate_peptide_omega.auth_comp_id_2 
_pdbx_validate_peptide_omega.auth_asym_id_2 
_pdbx_validate_peptide_omega.auth_seq_id_2 
_pdbx_validate_peptide_omega.PDB_ins_code_2 
_pdbx_validate_peptide_omega.label_alt_id_2 
_pdbx_validate_peptide_omega.omega 
1 1 PHE A 73 ? ? LEU A 74 ? ? 148.91  
2 1 GLU B 75 ? ? HIS B 76 ? ? -149.02 
# 
_pdbx_SG_project.id                    1 
_pdbx_SG_project.project_name          'PSI, Protein Structure Initiative' 
_pdbx_SG_project.full_name_of_center   'Northeast Structural Genomics Consortium' 
_pdbx_SG_project.initial_of_center     NESG 
# 
loop_
_pdbx_struct_mod_residue.id 
_pdbx_struct_mod_residue.label_asym_id 
_pdbx_struct_mod_residue.label_comp_id 
_pdbx_struct_mod_residue.label_seq_id 
_pdbx_struct_mod_residue.auth_asym_id 
_pdbx_struct_mod_residue.auth_comp_id 
_pdbx_struct_mod_residue.auth_seq_id 
_pdbx_struct_mod_residue.PDB_ins_code 
_pdbx_struct_mod_residue.parent_comp_id 
_pdbx_struct_mod_residue.details 
1 A MSE 11 A MSE 11 ? MET SELENOMETHIONINE 
2 A MSE 57 A MSE 57 ? MET SELENOMETHIONINE 
3 B MSE 11 B MSE 11 ? MET SELENOMETHIONINE 
4 B MSE 57 B MSE 57 ? MET SELENOMETHIONINE 
# 
loop_
_diffrn_reflns.diffrn_id 
_diffrn_reflns.pdbx_d_res_high 
_diffrn_reflns.pdbx_d_res_low 
_diffrn_reflns.pdbx_number_obs 
_diffrn_reflns.pdbx_Rmerge_I_obs 
_diffrn_reflns.pdbx_Rsym_value 
_diffrn_reflns.pdbx_chi_squared 
_diffrn_reflns.av_sigmaI_over_netI 
_diffrn_reflns.pdbx_redundancy 
_diffrn_reflns.pdbx_percent_possible_obs 
_diffrn_reflns.number 
_diffrn_reflns.pdbx_observed_criterion 
_diffrn_reflns.limit_h_max 
_diffrn_reflns.limit_h_min 
_diffrn_reflns.limit_k_max 
_diffrn_reflns.limit_k_min 
_diffrn_reflns.limit_l_max 
_diffrn_reflns.limit_l_min 
1 2.100 50.000 19912 0.104 ? 1.79 17.40 6.00 99.60 119248 ? ? ? ? ? ? ? 
2 2.100 50.000 20127 0.107 ? 2.01 13.80 5.90 99.60 118086 ? ? ? ? ? ? ? 
3 2.300 50.000 15291 0.129 ? 2.47 12.10 5.80 99.70 88331  ? ? ? ? ? ? ? 
# 
loop_
_pdbx_diffrn_reflns_shell.diffrn_id 
_pdbx_diffrn_reflns_shell.d_res_high 
_pdbx_diffrn_reflns_shell.d_res_low 
_pdbx_diffrn_reflns_shell.number_obs 
_pdbx_diffrn_reflns_shell.rejects 
_pdbx_diffrn_reflns_shell.Rmerge_I_obs 
_pdbx_diffrn_reflns_shell.Rsym_value 
_pdbx_diffrn_reflns_shell.chi_squared 
_pdbx_diffrn_reflns_shell.redundancy 
_pdbx_diffrn_reflns_shell.percent_possible_obs 
1 4.52 50.00 ? ? 0.059 ? 1.049  6.20 99.40  
1 3.59 4.52  ? ? 0.063 ? 1.116  6.40 99.80  
1 3.14 3.59  ? ? 0.074 ? 1.071  6.40 100.00 
1 2.85 3.14  ? ? 0.099 ? 1.173  6.30 99.90  
1 2.65 2.85  ? ? 0.125 ? 1.162  6.30 99.60  
1 2.49 2.65  ? ? 0.167 ? 1.104  6.00 100.00 
1 2.37 2.49  ? ? 0.214 ? 1.213  5.90 99.40  
1 2.26 2.37  ? ? 0.396 ? 7.264  5.00 99.50  
1 2.18 2.26  ? ? 0.308 ? 1.768  5.70 99.00  
1 2.10 2.18  ? ? 0.415 ? 1.987  5.70 99.90  
2 4.52 50.00 ? ? 0.060 ? 1.130  6.30 99.50  
2 3.59 4.52  ? ? 0.064 ? 1.037  6.40 99.90  
2 3.14 3.59  ? ? 0.079 ? 1.191  6.40 100.00 
2 2.85 3.14  ? ? 0.110 ? 1.289  6.20 99.90  
2 2.65 2.85  ? ? 0.148 ? 1.257  6.10 99.70  
2 2.49 2.65  ? ? 0.196 ? 1.488  5.80 100.00 
2 2.37 2.49  ? ? 0.266 ? 2.156  5.70 99.40  
2 2.26 2.37  ? ? 0.497 ? 8.041  4.90 99.40  
2 2.18 2.26  ? ? 0.417 ? 2.502  5.50 98.80  
2 2.10 2.18  ? ? 0.593 ? 3.127  5.50 99.80  
3 4.95 50.00 ? ? 0.070 ? 1.245  6.30 99.40  
3 3.93 4.95  ? ? 0.082 ? 1.582  6.40 99.90  
3 3.44 3.93  ? ? 0.098 ? 1.517  6.40 99.90  
3 3.12 3.44  ? ? 0.119 ? 1.499  6.10 99.90  
3 2.90 3.12  ? ? 0.170 ? 1.727  5.90 99.80  
3 2.73 2.90  ? ? 0.214 ? 1.788  5.80 100.00 
3 2.59 2.73  ? ? 0.292 ? 2.047  5.50 99.50  
3 2.48 2.59  ? ? 0.382 ? 2.593  5.40 99.90  
3 2.38 2.48  ? ? 0.502 ? 2.821  5.30 99.10  
3 2.30 2.38  ? ? 0.663 ? 10.027 4.70 99.30  
# 
_pdbx_phasing_dm.entry_id          2O6K 
_pdbx_phasing_dm.fom_acentric      0.690 
_pdbx_phasing_dm.fom_centric       0.580 
_pdbx_phasing_dm.fom               0.670 
_pdbx_phasing_dm.reflns_acentric   8399 
_pdbx_phasing_dm.reflns_centric    1747 
_pdbx_phasing_dm.reflns            10146 
# 
loop_
_pdbx_phasing_dm_shell.d_res_high 
_pdbx_phasing_dm_shell.d_res_low 
_pdbx_phasing_dm_shell.delta_phi_final 
_pdbx_phasing_dm_shell.delta_phi_initial 
_pdbx_phasing_dm_shell.fom_acentric 
_pdbx_phasing_dm_shell.fom_centric 
_pdbx_phasing_dm_shell.fom 
_pdbx_phasing_dm_shell.reflns_acentric 
_pdbx_phasing_dm_shell.reflns_centric 
_pdbx_phasing_dm_shell.reflns 
6.000 19.491 ? ? 0.900 0.770 0.850 312  196 508  
3.700 6.000  ? ? 0.900 0.760 0.870 1131 346 1477 
3.000 3.700  ? ? 0.850 0.690 0.820 1502 333 1835 
2.600 3.000  ? ? 0.710 0.570 0.690 1501 274 1775 
2.200 2.600  ? ? 0.600 0.410 0.580 2442 378 2820 
2.100 2.200  ? ? 0.460 0.220 0.430 1511 220 1731 
# 
loop_
_pdbx_unobs_or_zero_occ_residues.id 
_pdbx_unobs_or_zero_occ_residues.PDB_model_num 
_pdbx_unobs_or_zero_occ_residues.polymer_flag 
_pdbx_unobs_or_zero_occ_residues.occupancy_flag 
_pdbx_unobs_or_zero_occ_residues.auth_asym_id 
_pdbx_unobs_or_zero_occ_residues.auth_comp_id 
_pdbx_unobs_or_zero_occ_residues.auth_seq_id 
_pdbx_unobs_or_zero_occ_residues.PDB_ins_code 
_pdbx_unobs_or_zero_occ_residues.label_asym_id 
_pdbx_unobs_or_zero_occ_residues.label_comp_id 
_pdbx_unobs_or_zero_occ_residues.label_seq_id 
1  1 Y 1 A MSE 1  ? A MSE 1  
2  1 Y 1 A LYS 2  ? A LYS 2  
3  1 Y 1 A ASN 3  ? A ASN 3  
4  1 Y 1 A HIS 76 ? A HIS 76 
5  1 Y 1 A HIS 77 ? A HIS 77 
6  1 Y 1 A HIS 78 ? A HIS 78 
7  1 Y 1 A HIS 79 ? A HIS 79 
8  1 Y 1 A HIS 80 ? A HIS 80 
9  1 Y 1 A HIS 81 ? A HIS 81 
10 1 Y 1 B MSE 1  ? B MSE 1  
11 1 Y 1 B LYS 2  ? B LYS 2  
12 1 Y 1 B ASN 3  ? B ASN 3  
13 1 Y 1 B HIS 78 ? B HIS 78 
14 1 Y 1 B HIS 79 ? B HIS 79 
15 1 Y 1 B HIS 80 ? B HIS 80 
16 1 Y 1 B HIS 81 ? B HIS 81 
# 
loop_
_chem_comp_atom.comp_id 
_chem_comp_atom.atom_id 
_chem_comp_atom.type_symbol 
_chem_comp_atom.pdbx_aromatic_flag 
_chem_comp_atom.pdbx_stereo_config 
_chem_comp_atom.pdbx_ordinal 
ALA N    N  N N 1   
ALA CA   C  N S 2   
ALA C    C  N N 3   
ALA O    O  N N 4   
ALA CB   C  N N 5   
ALA OXT  O  N N 6   
ALA H    H  N N 7   
ALA H2   H  N N 8   
ALA HA   H  N N 9   
ALA HB1  H  N N 10  
ALA HB2  H  N N 11  
ALA HB3  H  N N 12  
ALA HXT  H  N N 13  
ARG N    N  N N 14  
ARG CA   C  N S 15  
ARG C    C  N N 16  
ARG O    O  N N 17  
ARG CB   C  N N 18  
ARG CG   C  N N 19  
ARG CD   C  N N 20  
ARG NE   N  N N 21  
ARG CZ   C  N N 22  
ARG NH1  N  N N 23  
ARG NH2  N  N N 24  
ARG OXT  O  N N 25  
ARG H    H  N N 26  
ARG H2   H  N N 27  
ARG HA   H  N N 28  
ARG HB2  H  N N 29  
ARG HB3  H  N N 30  
ARG HG2  H  N N 31  
ARG HG3  H  N N 32  
ARG HD2  H  N N 33  
ARG HD3  H  N N 34  
ARG HE   H  N N 35  
ARG HH11 H  N N 36  
ARG HH12 H  N N 37  
ARG HH21 H  N N 38  
ARG HH22 H  N N 39  
ARG HXT  H  N N 40  
ASN N    N  N N 41  
ASN CA   C  N S 42  
ASN C    C  N N 43  
ASN O    O  N N 44  
ASN CB   C  N N 45  
ASN CG   C  N N 46  
ASN OD1  O  N N 47  
ASN ND2  N  N N 48  
ASN OXT  O  N N 49  
ASN H    H  N N 50  
ASN H2   H  N N 51  
ASN HA   H  N N 52  
ASN HB2  H  N N 53  
ASN HB3  H  N N 54  
ASN HD21 H  N N 55  
ASN HD22 H  N N 56  
ASN HXT  H  N N 57  
ASP N    N  N N 58  
ASP CA   C  N S 59  
ASP C    C  N N 60  
ASP O    O  N N 61  
ASP CB   C  N N 62  
ASP CG   C  N N 63  
ASP OD1  O  N N 64  
ASP OD2  O  N N 65  
ASP OXT  O  N N 66  
ASP H    H  N N 67  
ASP H2   H  N N 68  
ASP HA   H  N N 69  
ASP HB2  H  N N 70  
ASP HB3  H  N N 71  
ASP HD2  H  N N 72  
ASP HXT  H  N N 73  
GLN N    N  N N 74  
GLN CA   C  N S 75  
GLN C    C  N N 76  
GLN O    O  N N 77  
GLN CB   C  N N 78  
GLN CG   C  N N 79  
GLN CD   C  N N 80  
GLN OE1  O  N N 81  
GLN NE2  N  N N 82  
GLN OXT  O  N N 83  
GLN H    H  N N 84  
GLN H2   H  N N 85  
GLN HA   H  N N 86  
GLN HB2  H  N N 87  
GLN HB3  H  N N 88  
GLN HG2  H  N N 89  
GLN HG3  H  N N 90  
GLN HE21 H  N N 91  
GLN HE22 H  N N 92  
GLN HXT  H  N N 93  
GLU N    N  N N 94  
GLU CA   C  N S 95  
GLU C    C  N N 96  
GLU O    O  N N 97  
GLU CB   C  N N 98  
GLU CG   C  N N 99  
GLU CD   C  N N 100 
GLU OE1  O  N N 101 
GLU OE2  O  N N 102 
GLU OXT  O  N N 103 
GLU H    H  N N 104 
GLU H2   H  N N 105 
GLU HA   H  N N 106 
GLU HB2  H  N N 107 
GLU HB3  H  N N 108 
GLU HG2  H  N N 109 
GLU HG3  H  N N 110 
GLU HE2  H  N N 111 
GLU HXT  H  N N 112 
GLY N    N  N N 113 
GLY CA   C  N N 114 
GLY C    C  N N 115 
GLY O    O  N N 116 
GLY OXT  O  N N 117 
GLY H    H  N N 118 
GLY H2   H  N N 119 
GLY HA2  H  N N 120 
GLY HA3  H  N N 121 
GLY HXT  H  N N 122 
HIS N    N  N N 123 
HIS CA   C  N S 124 
HIS C    C  N N 125 
HIS O    O  N N 126 
HIS CB   C  N N 127 
HIS CG   C  Y N 128 
HIS ND1  N  Y N 129 
HIS CD2  C  Y N 130 
HIS CE1  C  Y N 131 
HIS NE2  N  Y N 132 
HIS OXT  O  N N 133 
HIS H    H  N N 134 
HIS H2   H  N N 135 
HIS HA   H  N N 136 
HIS HB2  H  N N 137 
HIS HB3  H  N N 138 
HIS HD1  H  N N 139 
HIS HD2  H  N N 140 
HIS HE1  H  N N 141 
HIS HE2  H  N N 142 
HIS HXT  H  N N 143 
HOH O    O  N N 144 
HOH H1   H  N N 145 
HOH H2   H  N N 146 
ILE N    N  N N 147 
ILE CA   C  N S 148 
ILE C    C  N N 149 
ILE O    O  N N 150 
ILE CB   C  N S 151 
ILE CG1  C  N N 152 
ILE CG2  C  N N 153 
ILE CD1  C  N N 154 
ILE OXT  O  N N 155 
ILE H    H  N N 156 
ILE H2   H  N N 157 
ILE HA   H  N N 158 
ILE HB   H  N N 159 
ILE HG12 H  N N 160 
ILE HG13 H  N N 161 
ILE HG21 H  N N 162 
ILE HG22 H  N N 163 
ILE HG23 H  N N 164 
ILE HD11 H  N N 165 
ILE HD12 H  N N 166 
ILE HD13 H  N N 167 
ILE HXT  H  N N 168 
LEU N    N  N N 169 
LEU CA   C  N S 170 
LEU C    C  N N 171 
LEU O    O  N N 172 
LEU CB   C  N N 173 
LEU CG   C  N N 174 
LEU CD1  C  N N 175 
LEU CD2  C  N N 176 
LEU OXT  O  N N 177 
LEU H    H  N N 178 
LEU H2   H  N N 179 
LEU HA   H  N N 180 
LEU HB2  H  N N 181 
LEU HB3  H  N N 182 
LEU HG   H  N N 183 
LEU HD11 H  N N 184 
LEU HD12 H  N N 185 
LEU HD13 H  N N 186 
LEU HD21 H  N N 187 
LEU HD22 H  N N 188 
LEU HD23 H  N N 189 
LEU HXT  H  N N 190 
LYS N    N  N N 191 
LYS CA   C  N S 192 
LYS C    C  N N 193 
LYS O    O  N N 194 
LYS CB   C  N N 195 
LYS CG   C  N N 196 
LYS CD   C  N N 197 
LYS CE   C  N N 198 
LYS NZ   N  N N 199 
LYS OXT  O  N N 200 
LYS H    H  N N 201 
LYS H2   H  N N 202 
LYS HA   H  N N 203 
LYS HB2  H  N N 204 
LYS HB3  H  N N 205 
LYS HG2  H  N N 206 
LYS HG3  H  N N 207 
LYS HD2  H  N N 208 
LYS HD3  H  N N 209 
LYS HE2  H  N N 210 
LYS HE3  H  N N 211 
LYS HZ1  H  N N 212 
LYS HZ2  H  N N 213 
LYS HZ3  H  N N 214 
LYS HXT  H  N N 215 
MET N    N  N N 216 
MET CA   C  N S 217 
MET C    C  N N 218 
MET O    O  N N 219 
MET CB   C  N N 220 
MET CG   C  N N 221 
MET SD   S  N N 222 
MET CE   C  N N 223 
MET OXT  O  N N 224 
MET H    H  N N 225 
MET H2   H  N N 226 
MET HA   H  N N 227 
MET HB2  H  N N 228 
MET HB3  H  N N 229 
MET HG2  H  N N 230 
MET HG3  H  N N 231 
MET HE1  H  N N 232 
MET HE2  H  N N 233 
MET HE3  H  N N 234 
MET HXT  H  N N 235 
MSE N    N  N N 236 
MSE CA   C  N S 237 
MSE C    C  N N 238 
MSE O    O  N N 239 
MSE OXT  O  N N 240 
MSE CB   C  N N 241 
MSE CG   C  N N 242 
MSE SE   SE N N 243 
MSE CE   C  N N 244 
MSE H    H  N N 245 
MSE H2   H  N N 246 
MSE HA   H  N N 247 
MSE HXT  H  N N 248 
MSE HB2  H  N N 249 
MSE HB3  H  N N 250 
MSE HG2  H  N N 251 
MSE HG3  H  N N 252 
MSE HE1  H  N N 253 
MSE HE2  H  N N 254 
MSE HE3  H  N N 255 
PHE N    N  N N 256 
PHE CA   C  N S 257 
PHE C    C  N N 258 
PHE O    O  N N 259 
PHE CB   C  N N 260 
PHE CG   C  Y N 261 
PHE CD1  C  Y N 262 
PHE CD2  C  Y N 263 
PHE CE1  C  Y N 264 
PHE CE2  C  Y N 265 
PHE CZ   C  Y N 266 
PHE OXT  O  N N 267 
PHE H    H  N N 268 
PHE H2   H  N N 269 
PHE HA   H  N N 270 
PHE HB2  H  N N 271 
PHE HB3  H  N N 272 
PHE HD1  H  N N 273 
PHE HD2  H  N N 274 
PHE HE1  H  N N 275 
PHE HE2  H  N N 276 
PHE HZ   H  N N 277 
PHE HXT  H  N N 278 
PRO N    N  N N 279 
PRO CA   C  N S 280 
PRO C    C  N N 281 
PRO O    O  N N 282 
PRO CB   C  N N 283 
PRO CG   C  N N 284 
PRO CD   C  N N 285 
PRO OXT  O  N N 286 
PRO H    H  N N 287 
PRO HA   H  N N 288 
PRO HB2  H  N N 289 
PRO HB3  H  N N 290 
PRO HG2  H  N N 291 
PRO HG3  H  N N 292 
PRO HD2  H  N N 293 
PRO HD3  H  N N 294 
PRO HXT  H  N N 295 
SER N    N  N N 296 
SER CA   C  N S 297 
SER C    C  N N 298 
SER O    O  N N 299 
SER CB   C  N N 300 
SER OG   O  N N 301 
SER OXT  O  N N 302 
SER H    H  N N 303 
SER H2   H  N N 304 
SER HA   H  N N 305 
SER HB2  H  N N 306 
SER HB3  H  N N 307 
SER HG   H  N N 308 
SER HXT  H  N N 309 
THR N    N  N N 310 
THR CA   C  N S 311 
THR C    C  N N 312 
THR O    O  N N 313 
THR CB   C  N R 314 
THR OG1  O  N N 315 
THR CG2  C  N N 316 
THR OXT  O  N N 317 
THR H    H  N N 318 
THR H2   H  N N 319 
THR HA   H  N N 320 
THR HB   H  N N 321 
THR HG1  H  N N 322 
THR HG21 H  N N 323 
THR HG22 H  N N 324 
THR HG23 H  N N 325 
THR HXT  H  N N 326 
TRP N    N  N N 327 
TRP CA   C  N S 328 
TRP C    C  N N 329 
TRP O    O  N N 330 
TRP CB   C  N N 331 
TRP CG   C  Y N 332 
TRP CD1  C  Y N 333 
TRP CD2  C  Y N 334 
TRP NE1  N  Y N 335 
TRP CE2  C  Y N 336 
TRP CE3  C  Y N 337 
TRP CZ2  C  Y N 338 
TRP CZ3  C  Y N 339 
TRP CH2  C  Y N 340 
TRP OXT  O  N N 341 
TRP H    H  N N 342 
TRP H2   H  N N 343 
TRP HA   H  N N 344 
TRP HB2  H  N N 345 
TRP HB3  H  N N 346 
TRP HD1  H  N N 347 
TRP HE1  H  N N 348 
TRP HE3  H  N N 349 
TRP HZ2  H  N N 350 
TRP HZ3  H  N N 351 
TRP HH2  H  N N 352 
TRP HXT  H  N N 353 
TYR N    N  N N 354 
TYR CA   C  N S 355 
TYR C    C  N N 356 
TYR O    O  N N 357 
TYR CB   C  N N 358 
TYR CG   C  Y N 359 
TYR CD1  C  Y N 360 
TYR CD2  C  Y N 361 
TYR CE1  C  Y N 362 
TYR CE2  C  Y N 363 
TYR CZ   C  Y N 364 
TYR OH   O  N N 365 
TYR OXT  O  N N 366 
TYR H    H  N N 367 
TYR H2   H  N N 368 
TYR HA   H  N N 369 
TYR HB2  H  N N 370 
TYR HB3  H  N N 371 
TYR HD1  H  N N 372 
TYR HD2  H  N N 373 
TYR HE1  H  N N 374 
TYR HE2  H  N N 375 
TYR HH   H  N N 376 
TYR HXT  H  N N 377 
VAL N    N  N N 378 
VAL CA   C  N S 379 
VAL C    C  N N 380 
VAL O    O  N N 381 
VAL CB   C  N N 382 
VAL CG1  C  N N 383 
VAL CG2  C  N N 384 
VAL OXT  O  N N 385 
VAL H    H  N N 386 
VAL H2   H  N N 387 
VAL HA   H  N N 388 
VAL HB   H  N N 389 
VAL HG11 H  N N 390 
VAL HG12 H  N N 391 
VAL HG13 H  N N 392 
VAL HG21 H  N N 393 
VAL HG22 H  N N 394 
VAL HG23 H  N N 395 
VAL HXT  H  N N 396 
# 
loop_
_chem_comp_bond.comp_id 
_chem_comp_bond.atom_id_1 
_chem_comp_bond.atom_id_2 
_chem_comp_bond.value_order 
_chem_comp_bond.pdbx_aromatic_flag 
_chem_comp_bond.pdbx_stereo_config 
_chem_comp_bond.pdbx_ordinal 
ALA N   CA   sing N N 1   
ALA N   H    sing N N 2   
ALA N   H2   sing N N 3   
ALA CA  C    sing N N 4   
ALA CA  CB   sing N N 5   
ALA CA  HA   sing N N 6   
ALA C   O    doub N N 7   
ALA C   OXT  sing N N 8   
ALA CB  HB1  sing N N 9   
ALA CB  HB2  sing N N 10  
ALA CB  HB3  sing N N 11  
ALA OXT HXT  sing N N 12  
ARG N   CA   sing N N 13  
ARG N   H    sing N N 14  
ARG N   H2   sing N N 15  
ARG CA  C    sing N N 16  
ARG CA  CB   sing N N 17  
ARG CA  HA   sing N N 18  
ARG C   O    doub N N 19  
ARG C   OXT  sing N N 20  
ARG CB  CG   sing N N 21  
ARG CB  HB2  sing N N 22  
ARG CB  HB3  sing N N 23  
ARG CG  CD   sing N N 24  
ARG CG  HG2  sing N N 25  
ARG CG  HG3  sing N N 26  
ARG CD  NE   sing N N 27  
ARG CD  HD2  sing N N 28  
ARG CD  HD3  sing N N 29  
ARG NE  CZ   sing N N 30  
ARG NE  HE   sing N N 31  
ARG CZ  NH1  sing N N 32  
ARG CZ  NH2  doub N N 33  
ARG NH1 HH11 sing N N 34  
ARG NH1 HH12 sing N N 35  
ARG NH2 HH21 sing N N 36  
ARG NH2 HH22 sing N N 37  
ARG OXT HXT  sing N N 38  
ASN N   CA   sing N N 39  
ASN N   H    sing N N 40  
ASN N   H2   sing N N 41  
ASN CA  C    sing N N 42  
ASN CA  CB   sing N N 43  
ASN CA  HA   sing N N 44  
ASN C   O    doub N N 45  
ASN C   OXT  sing N N 46  
ASN CB  CG   sing N N 47  
ASN CB  HB2  sing N N 48  
ASN CB  HB3  sing N N 49  
ASN CG  OD1  doub N N 50  
ASN CG  ND2  sing N N 51  
ASN ND2 HD21 sing N N 52  
ASN ND2 HD22 sing N N 53  
ASN OXT HXT  sing N N 54  
ASP N   CA   sing N N 55  
ASP N   H    sing N N 56  
ASP N   H2   sing N N 57  
ASP CA  C    sing N N 58  
ASP CA  CB   sing N N 59  
ASP CA  HA   sing N N 60  
ASP C   O    doub N N 61  
ASP C   OXT  sing N N 62  
ASP CB  CG   sing N N 63  
ASP CB  HB2  sing N N 64  
ASP CB  HB3  sing N N 65  
ASP CG  OD1  doub N N 66  
ASP CG  OD2  sing N N 67  
ASP OD2 HD2  sing N N 68  
ASP OXT HXT  sing N N 69  
GLN N   CA   sing N N 70  
GLN N   H    sing N N 71  
GLN N   H2   sing N N 72  
GLN CA  C    sing N N 73  
GLN CA  CB   sing N N 74  
GLN CA  HA   sing N N 75  
GLN C   O    doub N N 76  
GLN C   OXT  sing N N 77  
GLN CB  CG   sing N N 78  
GLN CB  HB2  sing N N 79  
GLN CB  HB3  sing N N 80  
GLN CG  CD   sing N N 81  
GLN CG  HG2  sing N N 82  
GLN CG  HG3  sing N N 83  
GLN CD  OE1  doub N N 84  
GLN CD  NE2  sing N N 85  
GLN NE2 HE21 sing N N 86  
GLN NE2 HE22 sing N N 87  
GLN OXT HXT  sing N N 88  
GLU N   CA   sing N N 89  
GLU N   H    sing N N 90  
GLU N   H2   sing N N 91  
GLU CA  C    sing N N 92  
GLU CA  CB   sing N N 93  
GLU CA  HA   sing N N 94  
GLU C   O    doub N N 95  
GLU C   OXT  sing N N 96  
GLU CB  CG   sing N N 97  
GLU CB  HB2  sing N N 98  
GLU CB  HB3  sing N N 99  
GLU CG  CD   sing N N 100 
GLU CG  HG2  sing N N 101 
GLU CG  HG3  sing N N 102 
GLU CD  OE1  doub N N 103 
GLU CD  OE2  sing N N 104 
GLU OE2 HE2  sing N N 105 
GLU OXT HXT  sing N N 106 
GLY N   CA   sing N N 107 
GLY N   H    sing N N 108 
GLY N   H2   sing N N 109 
GLY CA  C    sing N N 110 
GLY CA  HA2  sing N N 111 
GLY CA  HA3  sing N N 112 
GLY C   O    doub N N 113 
GLY C   OXT  sing N N 114 
GLY OXT HXT  sing N N 115 
HIS N   CA   sing N N 116 
HIS N   H    sing N N 117 
HIS N   H2   sing N N 118 
HIS CA  C    sing N N 119 
HIS CA  CB   sing N N 120 
HIS CA  HA   sing N N 121 
HIS C   O    doub N N 122 
HIS C   OXT  sing N N 123 
HIS CB  CG   sing N N 124 
HIS CB  HB2  sing N N 125 
HIS CB  HB3  sing N N 126 
HIS CG  ND1  sing Y N 127 
HIS CG  CD2  doub Y N 128 
HIS ND1 CE1  doub Y N 129 
HIS ND1 HD1  sing N N 130 
HIS CD2 NE2  sing Y N 131 
HIS CD2 HD2  sing N N 132 
HIS CE1 NE2  sing Y N 133 
HIS CE1 HE1  sing N N 134 
HIS NE2 HE2  sing N N 135 
HIS OXT HXT  sing N N 136 
HOH O   H1   sing N N 137 
HOH O   H2   sing N N 138 
ILE N   CA   sing N N 139 
ILE N   H    sing N N 140 
ILE N   H2   sing N N 141 
ILE CA  C    sing N N 142 
ILE CA  CB   sing N N 143 
ILE CA  HA   sing N N 144 
ILE C   O    doub N N 145 
ILE C   OXT  sing N N 146 
ILE CB  CG1  sing N N 147 
ILE CB  CG2  sing N N 148 
ILE CB  HB   sing N N 149 
ILE CG1 CD1  sing N N 150 
ILE CG1 HG12 sing N N 151 
ILE CG1 HG13 sing N N 152 
ILE CG2 HG21 sing N N 153 
ILE CG2 HG22 sing N N 154 
ILE CG2 HG23 sing N N 155 
ILE CD1 HD11 sing N N 156 
ILE CD1 HD12 sing N N 157 
ILE CD1 HD13 sing N N 158 
ILE OXT HXT  sing N N 159 
LEU N   CA   sing N N 160 
LEU N   H    sing N N 161 
LEU N   H2   sing N N 162 
LEU CA  C    sing N N 163 
LEU CA  CB   sing N N 164 
LEU CA  HA   sing N N 165 
LEU C   O    doub N N 166 
LEU C   OXT  sing N N 167 
LEU CB  CG   sing N N 168 
LEU CB  HB2  sing N N 169 
LEU CB  HB3  sing N N 170 
LEU CG  CD1  sing N N 171 
LEU CG  CD2  sing N N 172 
LEU CG  HG   sing N N 173 
LEU CD1 HD11 sing N N 174 
LEU CD1 HD12 sing N N 175 
LEU CD1 HD13 sing N N 176 
LEU CD2 HD21 sing N N 177 
LEU CD2 HD22 sing N N 178 
LEU CD2 HD23 sing N N 179 
LEU OXT HXT  sing N N 180 
LYS N   CA   sing N N 181 
LYS N   H    sing N N 182 
LYS N   H2   sing N N 183 
LYS CA  C    sing N N 184 
LYS CA  CB   sing N N 185 
LYS CA  HA   sing N N 186 
LYS C   O    doub N N 187 
LYS C   OXT  sing N N 188 
LYS CB  CG   sing N N 189 
LYS CB  HB2  sing N N 190 
LYS CB  HB3  sing N N 191 
LYS CG  CD   sing N N 192 
LYS CG  HG2  sing N N 193 
LYS CG  HG3  sing N N 194 
LYS CD  CE   sing N N 195 
LYS CD  HD2  sing N N 196 
LYS CD  HD3  sing N N 197 
LYS CE  NZ   sing N N 198 
LYS CE  HE2  sing N N 199 
LYS CE  HE3  sing N N 200 
LYS NZ  HZ1  sing N N 201 
LYS NZ  HZ2  sing N N 202 
LYS NZ  HZ3  sing N N 203 
LYS OXT HXT  sing N N 204 
MET N   CA   sing N N 205 
MET N   H    sing N N 206 
MET N   H2   sing N N 207 
MET CA  C    sing N N 208 
MET CA  CB   sing N N 209 
MET CA  HA   sing N N 210 
MET C   O    doub N N 211 
MET C   OXT  sing N N 212 
MET CB  CG   sing N N 213 
MET CB  HB2  sing N N 214 
MET CB  HB3  sing N N 215 
MET CG  SD   sing N N 216 
MET CG  HG2  sing N N 217 
MET CG  HG3  sing N N 218 
MET SD  CE   sing N N 219 
MET CE  HE1  sing N N 220 
MET CE  HE2  sing N N 221 
MET CE  HE3  sing N N 222 
MET OXT HXT  sing N N 223 
MSE N   CA   sing N N 224 
MSE N   H    sing N N 225 
MSE N   H2   sing N N 226 
MSE CA  C    sing N N 227 
MSE CA  CB   sing N N 228 
MSE CA  HA   sing N N 229 
MSE C   O    doub N N 230 
MSE C   OXT  sing N N 231 
MSE OXT HXT  sing N N 232 
MSE CB  CG   sing N N 233 
MSE CB  HB2  sing N N 234 
MSE CB  HB3  sing N N 235 
MSE CG  SE   sing N N 236 
MSE CG  HG2  sing N N 237 
MSE CG  HG3  sing N N 238 
MSE SE  CE   sing N N 239 
MSE CE  HE1  sing N N 240 
MSE CE  HE2  sing N N 241 
MSE CE  HE3  sing N N 242 
PHE N   CA   sing N N 243 
PHE N   H    sing N N 244 
PHE N   H2   sing N N 245 
PHE CA  C    sing N N 246 
PHE CA  CB   sing N N 247 
PHE CA  HA   sing N N 248 
PHE C   O    doub N N 249 
PHE C   OXT  sing N N 250 
PHE CB  CG   sing N N 251 
PHE CB  HB2  sing N N 252 
PHE CB  HB3  sing N N 253 
PHE CG  CD1  doub Y N 254 
PHE CG  CD2  sing Y N 255 
PHE CD1 CE1  sing Y N 256 
PHE CD1 HD1  sing N N 257 
PHE CD2 CE2  doub Y N 258 
PHE CD2 HD2  sing N N 259 
PHE CE1 CZ   doub Y N 260 
PHE CE1 HE1  sing N N 261 
PHE CE2 CZ   sing Y N 262 
PHE CE2 HE2  sing N N 263 
PHE CZ  HZ   sing N N 264 
PHE OXT HXT  sing N N 265 
PRO N   CA   sing N N 266 
PRO N   CD   sing N N 267 
PRO N   H    sing N N 268 
PRO CA  C    sing N N 269 
PRO CA  CB   sing N N 270 
PRO CA  HA   sing N N 271 
PRO C   O    doub N N 272 
PRO C   OXT  sing N N 273 
PRO CB  CG   sing N N 274 
PRO CB  HB2  sing N N 275 
PRO CB  HB3  sing N N 276 
PRO CG  CD   sing N N 277 
PRO CG  HG2  sing N N 278 
PRO CG  HG3  sing N N 279 
PRO CD  HD2  sing N N 280 
PRO CD  HD3  sing N N 281 
PRO OXT HXT  sing N N 282 
SER N   CA   sing N N 283 
SER N   H    sing N N 284 
SER N   H2   sing N N 285 
SER CA  C    sing N N 286 
SER CA  CB   sing N N 287 
SER CA  HA   sing N N 288 
SER C   O    doub N N 289 
SER C   OXT  sing N N 290 
SER CB  OG   sing N N 291 
SER CB  HB2  sing N N 292 
SER CB  HB3  sing N N 293 
SER OG  HG   sing N N 294 
SER OXT HXT  sing N N 295 
THR N   CA   sing N N 296 
THR N   H    sing N N 297 
THR N   H2   sing N N 298 
THR CA  C    sing N N 299 
THR CA  CB   sing N N 300 
THR CA  HA   sing N N 301 
THR C   O    doub N N 302 
THR C   OXT  sing N N 303 
THR CB  OG1  sing N N 304 
THR CB  CG2  sing N N 305 
THR CB  HB   sing N N 306 
THR OG1 HG1  sing N N 307 
THR CG2 HG21 sing N N 308 
THR CG2 HG22 sing N N 309 
THR CG2 HG23 sing N N 310 
THR OXT HXT  sing N N 311 
TRP N   CA   sing N N 312 
TRP N   H    sing N N 313 
TRP N   H2   sing N N 314 
TRP CA  C    sing N N 315 
TRP CA  CB   sing N N 316 
TRP CA  HA   sing N N 317 
TRP C   O    doub N N 318 
TRP C   OXT  sing N N 319 
TRP CB  CG   sing N N 320 
TRP CB  HB2  sing N N 321 
TRP CB  HB3  sing N N 322 
TRP CG  CD1  doub Y N 323 
TRP CG  CD2  sing Y N 324 
TRP CD1 NE1  sing Y N 325 
TRP CD1 HD1  sing N N 326 
TRP CD2 CE2  doub Y N 327 
TRP CD2 CE3  sing Y N 328 
TRP NE1 CE2  sing Y N 329 
TRP NE1 HE1  sing N N 330 
TRP CE2 CZ2  sing Y N 331 
TRP CE3 CZ3  doub Y N 332 
TRP CE3 HE3  sing N N 333 
TRP CZ2 CH2  doub Y N 334 
TRP CZ2 HZ2  sing N N 335 
TRP CZ3 CH2  sing Y N 336 
TRP CZ3 HZ3  sing N N 337 
TRP CH2 HH2  sing N N 338 
TRP OXT HXT  sing N N 339 
TYR N   CA   sing N N 340 
TYR N   H    sing N N 341 
TYR N   H2   sing N N 342 
TYR CA  C    sing N N 343 
TYR CA  CB   sing N N 344 
TYR CA  HA   sing N N 345 
TYR C   O    doub N N 346 
TYR C   OXT  sing N N 347 
TYR CB  CG   sing N N 348 
TYR CB  HB2  sing N N 349 
TYR CB  HB3  sing N N 350 
TYR CG  CD1  doub Y N 351 
TYR CG  CD2  sing Y N 352 
TYR CD1 CE1  sing Y N 353 
TYR CD1 HD1  sing N N 354 
TYR CD2 CE2  doub Y N 355 
TYR CD2 HD2  sing N N 356 
TYR CE1 CZ   doub Y N 357 
TYR CE1 HE1  sing N N 358 
TYR CE2 CZ   sing Y N 359 
TYR CE2 HE2  sing N N 360 
TYR CZ  OH   sing N N 361 
TYR OH  HH   sing N N 362 
TYR OXT HXT  sing N N 363 
VAL N   CA   sing N N 364 
VAL N   H    sing N N 365 
VAL N   H2   sing N N 366 
VAL CA  C    sing N N 367 
VAL CA  CB   sing N N 368 
VAL CA  HA   sing N N 369 
VAL C   O    doub N N 370 
VAL C   OXT  sing N N 371 
VAL CB  CG1  sing N N 372 
VAL CB  CG2  sing N N 373 
VAL CB  HB   sing N N 374 
VAL CG1 HG11 sing N N 375 
VAL CG1 HG12 sing N N 376 
VAL CG1 HG13 sing N N 377 
VAL CG2 HG21 sing N N 378 
VAL CG2 HG22 sing N N 379 
VAL CG2 HG23 sing N N 380 
VAL OXT HXT  sing N N 381 
# 
_atom_sites.entry_id                    2O6K 
_atom_sites.fract_transf_matrix[1][1]   0.02621944 
_atom_sites.fract_transf_matrix[1][2]   -0.01481455 
_atom_sites.fract_transf_matrix[1][3]   0.01625050 
_atom_sites.fract_transf_matrix[2][1]   -0.00583107 
_atom_sites.fract_transf_matrix[2][2]   -0.01716559 
_atom_sites.fract_transf_matrix[2][3]   -0.00624060 
_atom_sites.fract_transf_matrix[3][1]   0.00491069 
_atom_sites.fract_transf_matrix[3][2]   0.00091057 
_atom_sites.fract_transf_matrix[3][3]   -0.00709307 
_atom_sites.fract_transf_vector[1]      0.990084 
_atom_sites.fract_transf_vector[2]      0.977006 
_atom_sites.fract_transf_vector[3]      0.137848 
# 
loop_
_atom_type.symbol 
C  
N  
O  
SE 
# 
loop_
_atom_site.group_PDB 
_atom_site.id 
_atom_site.type_symbol 
_atom_site.label_atom_id 
_atom_site.label_alt_id 
_atom_site.label_comp_id 
_atom_site.label_asym_id 
_atom_site.label_entity_id 
_atom_site.label_seq_id 
_atom_site.pdbx_PDB_ins_code 
_atom_site.Cartn_x 
_atom_site.Cartn_y 
_atom_site.Cartn_z 
_atom_site.occupancy 
_atom_site.B_iso_or_equiv 
_atom_site.pdbx_formal_charge 
_atom_site.auth_seq_id 
_atom_site.auth_comp_id 
_atom_site.auth_asym_id 
_atom_site.auth_atom_id 
_atom_site.pdbx_PDB_model_num 
ATOM   1    N  N   . TYR A 1 4  ? -9.909  -3.957  17.088  1.00 21.97 ? 4    TYR A N   1 
ATOM   2    C  CA  . TYR A 1 4  ? -9.465  -2.664  16.488  1.00 21.15 ? 4    TYR A CA  1 
ATOM   3    C  C   . TYR A 1 4  ? -10.466 -2.221  15.447  1.00 18.88 ? 4    TYR A C   1 
ATOM   4    O  O   . TYR A 1 4  ? -10.927 -3.031  14.654  1.00 18.08 ? 4    TYR A O   1 
ATOM   5    C  CB  . TYR A 1 4  ? -8.087  -2.816  15.828  1.00 23.61 ? 4    TYR A CB  1 
ATOM   6    C  CG  . TYR A 1 4  ? -6.965  -3.044  16.814  1.00 26.76 ? 4    TYR A CG  1 
ATOM   7    C  CD1 . TYR A 1 4  ? -6.610  -2.056  17.734  1.00 26.57 ? 4    TYR A CD1 1 
ATOM   8    C  CD2 . TYR A 1 4  ? -6.289  -4.267  16.864  1.00 26.80 ? 4    TYR A CD2 1 
ATOM   9    C  CE1 . TYR A 1 4  ? -5.618  -2.278  18.684  1.00 26.95 ? 4    TYR A CE1 1 
ATOM   10   C  CE2 . TYR A 1 4  ? -5.293  -4.499  17.813  1.00 27.23 ? 4    TYR A CE2 1 
ATOM   11   C  CZ  . TYR A 1 4  ? -4.968  -3.497  18.721  1.00 26.98 ? 4    TYR A CZ  1 
ATOM   12   O  OH  . TYR A 1 4  ? -4.005  -3.720  19.681  1.00 30.78 ? 4    TYR A OH  1 
ATOM   13   N  N   . SER A 1 5  ? -10.809 -0.939  15.458  1.00 17.87 ? 5    SER A N   1 
ATOM   14   C  CA  . SER A 1 5  ? -11.760 -0.409  14.489  1.00 19.22 ? 5    SER A CA  1 
ATOM   15   C  C   . SER A 1 5  ? -11.008 -0.074  13.206  1.00 17.60 ? 5    SER A C   1 
ATOM   16   O  O   . SER A 1 5  ? -9.782  -0.084  13.182  1.00 20.06 ? 5    SER A O   1 
ATOM   17   C  CB  . SER A 1 5  ? -12.434 0.858   15.033  1.00 17.77 ? 5    SER A CB  1 
ATOM   18   O  OG  . SER A 1 5  ? -11.497 1.911   15.135  1.00 17.48 ? 5    SER A OG  1 
ATOM   19   N  N   . PHE A 1 6  ? -11.742 0.228   12.146  1.00 17.22 ? 6    PHE A N   1 
ATOM   20   C  CA  . PHE A 1 6  ? -11.122 0.576   10.879  1.00 15.10 ? 6    PHE A CA  1 
ATOM   21   C  C   . PHE A 1 6  ? -10.232 1.786   11.070  1.00 15.69 ? 6    PHE A C   1 
ATOM   22   O  O   . PHE A 1 6  ? -9.117  1.849   10.542  1.00 15.47 ? 6    PHE A O   1 
ATOM   23   C  CB  . PHE A 1 6  ? -12.187 0.908   9.843   1.00 14.07 ? 6    PHE A CB  1 
ATOM   24   C  CG  . PHE A 1 6  ? -11.630 1.430   8.551   1.00 14.03 ? 6    PHE A CG  1 
ATOM   25   C  CD1 . PHE A 1 6  ? -10.885 0.601   7.712   1.00 12.53 ? 6    PHE A CD1 1 
ATOM   26   C  CD2 . PHE A 1 6  ? -11.873 2.741   8.155   1.00 13.91 ? 6    PHE A CD2 1 
ATOM   27   C  CE1 . PHE A 1 6  ? -10.399 1.073   6.498   1.00 11.85 ? 6    PHE A CE1 1 
ATOM   28   C  CE2 . PHE A 1 6  ? -11.387 3.224   6.935   1.00 11.22 ? 6    PHE A CE2 1 
ATOM   29   C  CZ  . PHE A 1 6  ? -10.656 2.390   6.110   1.00 9.98  ? 6    PHE A CZ  1 
ATOM   30   N  N   . TYR A 1 7  ? -10.741 2.756   11.821  1.00 15.43 ? 7    TYR A N   1 
ATOM   31   C  CA  . TYR A 1 7  ? -10.009 3.984   12.094  1.00 14.95 ? 7    TYR A CA  1 
ATOM   32   C  C   . TYR A 1 7  ? -8.667  3.689   12.770  1.00 13.93 ? 7    TYR A C   1 
ATOM   33   O  O   . TYR A 1 7  ? -7.628  4.227   12.372  1.00 14.07 ? 7    TYR A O   1 
ATOM   34   C  CB  . TYR A 1 7  ? -10.854 4.895   12.988  1.00 14.65 ? 7    TYR A CB  1 
ATOM   35   C  CG  . TYR A 1 7  ? -10.265 6.268   13.187  1.00 16.82 ? 7    TYR A CG  1 
ATOM   36   C  CD1 . TYR A 1 7  ? -10.364 7.243   12.196  1.00 16.11 ? 7    TYR A CD1 1 
ATOM   37   C  CD2 . TYR A 1 7  ? -9.583  6.590   14.363  1.00 15.14 ? 7    TYR A CD2 1 
ATOM   38   C  CE1 . TYR A 1 7  ? -9.800  8.503   12.367  1.00 17.31 ? 7    TYR A CE1 1 
ATOM   39   C  CE2 . TYR A 1 7  ? -9.018  7.847   14.543  1.00 15.91 ? 7    TYR A CE2 1 
ATOM   40   C  CZ  . TYR A 1 7  ? -9.128  8.798   13.542  1.00 16.48 ? 7    TYR A CZ  1 
ATOM   41   O  OH  . TYR A 1 7  ? -8.546  10.037  13.713  1.00 19.06 ? 7    TYR A OH  1 
ATOM   42   N  N   . GLN A 1 8  ? -8.688  2.838   13.794  1.00 13.15 ? 8    GLN A N   1 
ATOM   43   C  CA  . GLN A 1 8  ? -7.460  2.501   14.502  1.00 15.20 ? 8    GLN A CA  1 
ATOM   44   C  C   . GLN A 1 8  ? -6.471  1.883   13.530  1.00 14.16 ? 8    GLN A C   1 
ATOM   45   O  O   . GLN A 1 8  ? -5.298  2.240   13.521  1.00 11.25 ? 8    GLN A O   1 
ATOM   46   C  CB  . GLN A 1 8  ? -7.742  1.539   15.654  1.00 16.53 ? 8    GLN A CB  1 
ATOM   47   C  CG  . GLN A 1 8  ? -8.603  2.137   16.743  1.00 19.15 ? 8    GLN A CG  1 
ATOM   48   C  CD  . GLN A 1 8  ? -8.675  1.249   17.965  1.00 20.50 ? 8    GLN A CD  1 
ATOM   49   O  OE1 . GLN A 1 8  ? -7.856  1.357   18.883  1.00 25.24 ? 8    GLN A OE1 1 
ATOM   50   N  NE2 . GLN A 1 8  ? -9.644  0.350   17.976  1.00 21.60 ? 8    GLN A NE2 1 
ATOM   51   N  N   . PHE A 1 9  ? -6.939  0.934   12.728  1.00 13.13 ? 9    PHE A N   1 
ATOM   52   C  CA  . PHE A 1 9  ? -6.100  0.343   11.696  1.00 13.51 ? 9    PHE A CA  1 
ATOM   53   C  C   . PHE A 1 9  ? -5.510  1.413   10.787  1.00 13.18 ? 9    PHE A C   1 
ATOM   54   O  O   . PHE A 1 9  ? -4.313  1.433   10.542  1.00 12.24 ? 9    PHE A O   1 
ATOM   55   C  CB  . PHE A 1 9  ? -6.876  -0.674  10.863  1.00 12.39 ? 9    PHE A CB  1 
ATOM   56   C  CG  . PHE A 1 9  ? -6.214  -1.009  9.559   1.00 13.80 ? 9    PHE A CG  1 
ATOM   57   C  CD1 . PHE A 1 9  ? -5.069  -1.788  9.529   1.00 13.37 ? 9    PHE A CD1 1 
ATOM   58   C  CD2 . PHE A 1 9  ? -6.726  -0.535  8.364   1.00 13.73 ? 9    PHE A CD2 1 
ATOM   59   C  CE1 . PHE A 1 9  ? -4.453  -2.092  8.334   1.00 13.29 ? 9    PHE A CE1 1 
ATOM   60   C  CE2 . PHE A 1 9  ? -6.113  -0.837  7.168   1.00 12.28 ? 9    PHE A CE2 1 
ATOM   61   C  CZ  . PHE A 1 9  ? -4.975  -1.617  7.153   1.00 12.05 ? 9    PHE A CZ  1 
ATOM   62   N  N   . VAL A 1 10 ? -6.364  2.303   10.300  1.00 12.51 ? 10   VAL A N   1 
ATOM   63   C  CA  . VAL A 1 10 ? -5.923  3.393   9.441   1.00 12.17 ? 10   VAL A CA  1 
ATOM   64   C  C   . VAL A 1 10 ? -4.789  4.196   10.085  1.00 12.08 ? 10   VAL A C   1 
ATOM   65   O  O   . VAL A 1 10 ? -3.876  4.649   9.408   1.00 9.10  ? 10   VAL A O   1 
ATOM   66   C  CB  . VAL A 1 10 ? -7.090  4.329   9.077   1.00 11.75 ? 10   VAL A CB  1 
ATOM   67   C  CG1 . VAL A 1 10 ? -6.584  5.533   8.297   1.00 9.75  ? 10   VAL A CG1 1 
ATOM   68   C  CG2 . VAL A 1 10 ? -8.151  3.576   8.288   1.00 9.78  ? 10   VAL A CG2 1 
HETATM 69   N  N   . MSE A 1 11 ? -4.830  4.344   11.277  1.00 20.00 ? 11   MSE A N   1 
HETATM 70   C  CA  . MSE A 1 11 ? -3.837  5.042   12.070  1.00 20.00 ? 11   MSE A CA  1 
HETATM 71   C  C   . MSE A 1 11 ? -2.430  4.444   11.967  1.00 20.00 ? 11   MSE A C   1 
HETATM 72   O  O   . MSE A 1 11 ? -1.475  5.172   11.934  1.00 13.42 ? 11   MSE A O   1 
HETATM 73   C  CB  . MSE A 1 11 ? -4.292  5.172   13.513  1.00 20.00 ? 11   MSE A CB  1 
HETATM 74   C  CG  . MSE A 1 11 ? -5.506  6.041   13.724  1.00 20.00 ? 11   MSE A CG  1 
HETATM 75   SE SE  . MSE A 1 11 ? -5.256  7.898   13.291  1.00 20.00 ? 11   MSE A SE  1 
HETATM 76   C  CE  . MSE A 1 11 ? -6.064  7.833   11.588  1.00 20.00 ? 11   MSE A CE  1 
ATOM   77   N  N   . THR A 1 12 ? -2.397  3.110   11.891  1.00 11.87 ? 12   THR A N   1 
ATOM   78   C  CA  . THR A 1 12 ? -1.139  2.404   11.673  1.00 13.71 ? 12   THR A CA  1 
ATOM   79   C  C   . THR A 1 12 ? -0.635  2.529   10.238  1.00 14.75 ? 12   THR A C   1 
ATOM   80   O  O   . THR A 1 12 ? 0.529   2.275   9.963   1.00 14.16 ? 12   THR A O   1 
ATOM   81   C  CB  . THR A 1 12 ? -1.245  0.917   12.079  1.00 12.89 ? 12   THR A CB  1 
ATOM   82   O  OG1 . THR A 1 12 ? -2.006  0.198   11.105  1.00 13.93 ? 12   THR A OG1 1 
ATOM   83   C  CG2 . THR A 1 12 ? -2.047  0.762   13.352  1.00 11.75 ? 12   THR A CG2 1 
ATOM   84   N  N   . VAL A 1 13 ? -1.525  2.919   9.333   1.00 15.15 ? 13   VAL A N   1 
ATOM   85   C  CA  . VAL A 1 13 ? -1.173  3.097   7.930   1.00 12.99 ? 13   VAL A CA  1 
ATOM   86   C  C   . VAL A 1 13 ? -0.534  4.457   7.651   1.00 14.09 ? 13   VAL A C   1 
ATOM   87   O  O   . VAL A 1 13 ? 0.189   4.617   6.673   1.00 14.45 ? 13   VAL A O   1 
ATOM   88   C  CB  . VAL A 1 13 ? -2.392  2.890   7.007   1.00 15.06 ? 13   VAL A CB  1 
ATOM   89   C  CG1 . VAL A 1 13 ? -2.015  3.120   5.554   1.00 13.02 ? 13   VAL A CG1 1 
ATOM   90   C  CG2 . VAL A 1 13 ? -2.974  1.498   7.200   1.00 12.34 ? 13   VAL A CG2 1 
ATOM   91   N  N   . ARG A 1 14 ? -0.795  5.429   8.519   1.00 15.18 ? 14   ARG A N   1 
ATOM   92   C  CA  . ARG A 1 14 ? -0.254  6.768   8.347   1.00 15.50 ? 14   ARG A CA  1 
ATOM   93   C  C   . ARG A 1 14 ? 1.258   6.721   8.132   1.00 16.02 ? 14   ARG A C   1 
ATOM   94   O  O   . ARG A 1 14 ? 1.978   5.988   8.820   1.00 15.17 ? 14   ARG A O   1 
ATOM   95   C  CB  . ARG A 1 14 ? -0.572  7.632   9.569   1.00 17.87 ? 14   ARG A CB  1 
ATOM   96   C  CG  . ARG A 1 14 ? -2.059  7.917   9.775   1.00 18.29 ? 14   ARG A CG  1 
ATOM   97   C  CD  . ARG A 1 14 ? -2.266  8.781   11.010  1.00 18.21 ? 14   ARG A CD  1 
ATOM   98   N  NE  . ARG A 1 14 ? -1.629  10.091  10.867  1.00 19.57 ? 14   ARG A NE  1 
ATOM   99   C  CZ  . ARG A 1 14 ? -1.288  10.874  11.890  1.00 19.33 ? 14   ARG A CZ  1 
ATOM   100  N  NH1 . ARG A 1 14 ? -1.518  10.481  13.132  1.00 18.63 ? 14   ARG A NH1 1 
ATOM   101  N  NH2 . ARG A 1 14 ? -0.715  12.049  11.670  1.00 19.59 ? 14   ARG A NH2 1 
ATOM   102  N  N   . GLY A 1 15 ? 1.729   7.506   7.172   1.00 15.87 ? 15   GLY A N   1 
ATOM   103  C  CA  . GLY A 1 15 ? 3.143   7.550   6.874   1.00 14.75 ? 15   GLY A CA  1 
ATOM   104  C  C   . GLY A 1 15 ? 3.493   6.753   5.631   1.00 14.97 ? 15   GLY A C   1 
ATOM   105  O  O   . GLY A 1 15 ? 4.503   7.036   4.981   1.00 13.94 ? 15   GLY A O   1 
ATOM   106  N  N   . ARG A 1 16 ? 2.669   5.760   5.291   1.00 14.11 ? 16   ARG A N   1 
ATOM   107  C  CA  . ARG A 1 16 ? 2.951   4.941   4.113   1.00 13.37 ? 16   ARG A CA  1 
ATOM   108  C  C   . ARG A 1 16 ? 3.076   5.860   2.898   1.00 13.47 ? 16   ARG A C   1 
ATOM   109  O  O   . ARG A 1 16 ? 2.281   6.780   2.739   1.00 11.61 ? 16   ARG A O   1 
ATOM   110  C  CB  . ARG A 1 16 ? 1.832   3.916   3.883   1.00 12.43 ? 16   ARG A CB  1 
ATOM   111  C  CG  . ARG A 1 16 ? 2.114   2.968   2.716   1.00 14.05 ? 16   ARG A CG  1 
ATOM   112  C  CD  . ARG A 1 16 ? 1.040   1.895   2.555   1.00 12.88 ? 16   ARG A CD  1 
ATOM   113  N  NE  . ARG A 1 16 ? 0.931   1.047   3.734   1.00 10.82 ? 16   ARG A NE  1 
ATOM   114  C  CZ  . ARG A 1 16 ? -0.046  0.167   3.922   1.00 11.68 ? 16   ARG A CZ  1 
ATOM   115  N  NH1 . ARG A 1 16 ? -0.995  0.019   3.011   1.00 6.36  ? 16   ARG A NH1 1 
ATOM   116  N  NH2 . ARG A 1 16 ? -0.084  -0.563  5.029   1.00 8.52  ? 16   ARG A NH2 1 
ATOM   117  N  N   . HIS A 1 17 ? 4.051   5.608   2.035   1.00 12.77 ? 17   HIS A N   1 
ATOM   118  C  CA  . HIS A 1 17 ? 4.301   6.495   0.904   1.00 14.71 ? 17   HIS A CA  1 
ATOM   119  C  C   . HIS A 1 17 ? 3.524   6.130   -0.360  1.00 14.14 ? 17   HIS A C   1 
ATOM   120  O  O   . HIS A 1 17 ? 4.101   5.977   -1.432  1.00 13.83 ? 17   HIS A O   1 
ATOM   121  C  CB  . HIS A 1 17 ? 5.797   6.599   0.619   1.00 15.61 ? 17   HIS A CB  1 
ATOM   122  C  CG  . HIS A 1 17 ? 6.585   7.146   1.766   1.00 16.26 ? 17   HIS A CG  1 
ATOM   123  N  ND1 . HIS A 1 17 ? 7.602   6.445   2.372   1.00 16.01 ? 17   HIS A ND1 1 
ATOM   124  C  CD2 . HIS A 1 17 ? 6.495   8.325   2.424   1.00 15.90 ? 17   HIS A CD2 1 
ATOM   125  C  CE1 . HIS A 1 17 ? 8.110   7.170   3.351   1.00 17.45 ? 17   HIS A CE1 1 
ATOM   126  N  NE2 . HIS A 1 17 ? 7.455   8.315   3.404   1.00 17.96 ? 17   HIS A NE2 1 
ATOM   127  N  N   . ASP A 1 18 ? 2.209   5.998   -0.220  1.00 14.03 ? 18   ASP A N   1 
ATOM   128  C  CA  . ASP A 1 18 ? 1.319   5.829   -1.362  1.00 12.73 ? 18   ASP A CA  1 
ATOM   129  C  C   . ASP A 1 18 ? -0.079  6.370   -1.081  1.00 12.51 ? 18   ASP A C   1 
ATOM   130  O  O   . ASP A 1 18 ? -0.297  7.043   -0.081  1.00 12.40 ? 18   ASP A O   1 
ATOM   131  C  CB  . ASP A 1 18 ? 1.263   4.364   -1.807  1.00 11.65 ? 18   ASP A CB  1 
ATOM   132  C  CG  . ASP A 1 18 ? 0.461   3.481   -0.861  1.00 14.40 ? 18   ASP A CG  1 
ATOM   133  O  OD1 . ASP A 1 18 ? -0.029  3.973   0.173   1.00 12.44 ? 18   ASP A OD1 1 
ATOM   134  O  OD2 . ASP A 1 18 ? 0.275   2.269   -1.081  1.00 15.06 ? 18   ASP A OD2 1 
ATOM   135  N  N   . ASP A 1 19 ? -1.017  6.070   -1.972  1.00 12.31 ? 19   ASP A N   1 
ATOM   136  C  CA  . ASP A 1 19 ? -2.369  6.610   -1.886  1.00 12.87 ? 19   ASP A CA  1 
ATOM   137  C  C   . ASP A 1 19 ? -3.085  6.219   -0.591  1.00 12.39 ? 19   ASP A C   1 
ATOM   138  O  O   . ASP A 1 19 ? -3.861  6.998   -0.048  1.00 10.15 ? 19   ASP A O   1 
ATOM   139  C  CB  . ASP A 1 19 ? -3.198  6.176   -3.094  1.00 14.68 ? 19   ASP A CB  1 
ATOM   140  C  CG  . ASP A 1 19 ? -2.954  7.043   -4.313  1.00 17.76 ? 19   ASP A CG  1 
ATOM   141  O  OD1 . ASP A 1 19 ? -2.227  8.045   -4.196  1.00 16.99 ? 19   ASP A OD1 1 
ATOM   142  O  OD2 . ASP A 1 19 ? -3.454  6.796   -5.426  1.00 17.61 ? 19   ASP A OD2 1 
ATOM   143  N  N   . LYS A 1 20 ? -2.825  5.009   -0.105  1.00 11.76 ? 20   LYS A N   1 
ATOM   144  C  CA  . LYS A 1 20 ? -3.432  4.556   1.136   1.00 13.04 ? 20   LYS A CA  1 
ATOM   145  C  C   . LYS A 1 20 ? -2.915  5.419   2.287   1.00 12.33 ? 20   LYS A C   1 
ATOM   146  O  O   . LYS A 1 20 ? -3.676  5.833   3.158   1.00 12.01 ? 20   LYS A O   1 
ATOM   147  C  CB  . LYS A 1 20 ? -3.102  3.083   1.384   1.00 13.89 ? 20   LYS A CB  1 
ATOM   148  C  CG  . LYS A 1 20 ? -3.925  2.138   0.531   1.00 13.87 ? 20   LYS A CG  1 
ATOM   149  C  CD  . LYS A 1 20 ? -3.589  0.700   0.843   1.00 15.54 ? 20   LYS A CD  1 
ATOM   150  C  CE  . LYS A 1 20 ? -4.453  -0.255  0.047   1.00 14.54 ? 20   LYS A CE  1 
ATOM   151  N  NZ  . LYS A 1 20 ? -4.103  -1.666  0.365   1.00 13.43 ? 20   LYS A NZ  1 
ATOM   152  N  N   . GLY A 1 21 ? -1.617  5.697   2.278   1.00 12.62 ? 21   GLY A N   1 
ATOM   153  C  CA  . GLY A 1 21 ? -1.046  6.523   3.324   1.00 13.81 ? 21   GLY A CA  1 
ATOM   154  C  C   . GLY A 1 21 ? -1.594  7.937   3.245   1.00 14.62 ? 21   GLY A C   1 
ATOM   155  O  O   . GLY A 1 21 ? -1.826  8.584   4.265   1.00 12.63 ? 21   GLY A O   1 
ATOM   156  N  N   . ARG A 1 22 ? -1.800  8.426   2.028   1.00 14.70 ? 22   ARG A N   1 
ATOM   157  C  CA  . ARG A 1 22 ? -2.332  9.765   1.859   1.00 15.25 ? 22   ARG A CA  1 
ATOM   158  C  C   . ARG A 1 22 ? -3.767  9.826   2.362   1.00 13.69 ? 22   ARG A C   1 
ATOM   159  O  O   . ARG A 1 22 ? -4.144  10.782  3.038   1.00 14.01 ? 22   ARG A O   1 
ATOM   160  C  CB  . ARG A 1 22 ? -2.252  10.189  0.389   1.00 19.14 ? 22   ARG A CB  1 
ATOM   161  C  CG  . ARG A 1 22 ? -0.877  10.715  -0.015  1.00 22.43 ? 22   ARG A CG  1 
ATOM   162  C  CD  . ARG A 1 22 ? -0.836  11.157  -1.477  1.00 24.12 ? 22   ARG A CD  1 
ATOM   163  N  NE  . ARG A 1 22 ? -0.541  10.058  -2.395  1.00 26.73 ? 22   ARG A NE  1 
ATOM   164  C  CZ  . ARG A 1 22 ? 0.634   9.435   -2.470  1.00 28.49 ? 22   ARG A CZ  1 
ATOM   165  N  NH1 . ARG A 1 22 ? 1.638   9.797   -1.680  1.00 29.17 ? 22   ARG A NH1 1 
ATOM   166  N  NH2 . ARG A 1 22 ? 0.812   8.459   -3.346  1.00 29.16 ? 22   ARG A NH2 1 
ATOM   167  N  N   . LEU A 1 23 ? -4.561  8.805   2.046   1.00 10.87 ? 23   LEU A N   1 
ATOM   168  C  CA  . LEU A 1 23 ? -5.955  8.768   2.493   1.00 10.44 ? 23   LEU A CA  1 
ATOM   169  C  C   . LEU A 1 23 ? -5.998  8.617   4.003   1.00 11.73 ? 23   LEU A C   1 
ATOM   170  O  O   . LEU A 1 23 ? -6.883  9.166   4.672   1.00 12.10 ? 23   LEU A O   1 
ATOM   171  C  CB  . LEU A 1 23 ? -6.721  7.603   1.843   1.00 8.53  ? 23   LEU A CB  1 
ATOM   172  C  CG  . LEU A 1 23 ? -8.168  7.394   2.327   1.00 10.07 ? 23   LEU A CG  1 
ATOM   173  C  CD1 . LEU A 1 23 ? -8.946  8.699   2.274   1.00 8.85  ? 23   LEU A CD1 1 
ATOM   174  C  CD2 . LEU A 1 23 ? -8.852  6.344   1.479   1.00 7.57  ? 23   LEU A CD2 1 
ATOM   175  N  N   . ALA A 1 24 ? -5.037  7.863   4.529   1.00 11.17 ? 24   ALA A N   1 
ATOM   176  C  CA  . ALA A 1 24 ? -4.944  7.636   5.958   1.00 11.78 ? 24   ALA A CA  1 
ATOM   177  C  C   . ALA A 1 24 ? -4.806  8.980   6.654   1.00 12.31 ? 24   ALA A C   1 
ATOM   178  O  O   . ALA A 1 24 ? -5.449  9.234   7.673   1.00 9.35  ? 24   ALA A O   1 
ATOM   179  C  CB  . ALA A 1 24 ? -3.727  6.760   6.286   1.00 9.25  ? 24   ALA A CB  1 
ATOM   180  N  N   . GLU A 1 25 ? -3.961  9.843   6.098   1.00 13.19 ? 25   GLU A N   1 
ATOM   181  C  CA  . GLU A 1 25 ? -3.758  11.152  6.695   1.00 15.77 ? 25   GLU A CA  1 
ATOM   182  C  C   . GLU A 1 25 ? -5.017  12.015  6.614   1.00 15.80 ? 25   GLU A C   1 
ATOM   183  O  O   . GLU A 1 25 ? -5.322  12.754  7.550   1.00 16.07 ? 25   GLU A O   1 
ATOM   184  C  CB  . GLU A 1 25 ? -2.573  11.869  6.043   1.00 17.72 ? 25   GLU A CB  1 
ATOM   185  C  CG  . GLU A 1 25 ? -2.008  13.028  6.865   1.00 19.32 ? 25   GLU A CG  1 
ATOM   186  C  CD  . GLU A 1 25 ? -1.453  12.576  8.214   1.00 23.30 ? 25   GLU A CD  1 
ATOM   187  O  OE1 . GLU A 1 25 ? -1.013  11.422  8.321   1.00 23.05 ? 25   GLU A OE1 1 
ATOM   188  O  OE2 . GLU A 1 25 ? -1.441  13.374  9.160   1.00 25.41 ? 25   GLU A OE2 1 
ATOM   189  N  N   . GLU A 1 26 ? -5.762  11.922  5.520   1.00 16.05 ? 26   GLU A N   1 
ATOM   190  C  CA  . GLU A 1 26 ? -6.977  12.716  5.404   1.00 16.24 ? 26   GLU A CA  1 
ATOM   191  C  C   . GLU A 1 26 ? -8.021  12.199  6.391   1.00 15.54 ? 26   GLU A C   1 
ATOM   192  O  O   . GLU A 1 26 ? -8.758  12.987  6.985   1.00 15.92 ? 26   GLU A O   1 
ATOM   193  C  CB  . GLU A 1 26 ? -7.517  12.666  3.970   1.00 18.13 ? 26   GLU A CB  1 
ATOM   194  C  CG  . GLU A 1 26 ? -6.546  13.227  2.922   1.00 20.87 ? 26   GLU A CG  1 
ATOM   195  C  CD  . GLU A 1 26 ? -7.180  13.425  1.547   1.00 23.10 ? 26   GLU A CD  1 
ATOM   196  O  OE1 . GLU A 1 26 ? -8.189  12.762  1.223   1.00 26.85 ? 26   GLU A OE1 1 
ATOM   197  O  OE2 . GLU A 1 26 ? -6.649  14.245  0.775   1.00 26.20 ? 26   GLU A OE2 1 
ATOM   198  N  N   . ILE A 1 27 ? -8.104  10.884  6.550   1.00 15.62 ? 27   ILE A N   1 
ATOM   199  C  CA  . ILE A 1 27 ? -9.020  10.317  7.528   1.00 16.35 ? 27   ILE A CA  1 
ATOM   200  C  C   . ILE A 1 27 ? -8.662  10.829  8.920   1.00 16.11 ? 27   ILE A C   1 
ATOM   201  O  O   . ILE A 1 27 ? -9.535  11.180  9.705   1.00 16.03 ? 27   ILE A O   1 
ATOM   202  C  CB  . ILE A 1 27 ? -9.014  8.771   7.475   1.00 17.95 ? 27   ILE A CB  1 
ATOM   203  C  CG1 . ILE A 1 27 ? -9.691  8.281   6.193   1.00 20.36 ? 27   ILE A CG1 1 
ATOM   204  C  CG2 . ILE A 1 27 ? -9.729  8.193   8.691   1.00 16.18 ? 27   ILE A CG2 1 
ATOM   205  C  CD1 . ILE A 1 27 ? -9.607  6.791   5.976   1.00 17.85 ? 27   ILE A CD1 1 
ATOM   206  N  N   . PHE A 1 28 ? -7.368  10.894  9.205   1.00 15.89 ? 28   PHE A N   1 
ATOM   207  C  CA  . PHE A 1 28 ? -6.886  11.478  10.446  1.00 16.38 ? 28   PHE A CA  1 
ATOM   208  C  C   . PHE A 1 28 ? -7.305  12.936  10.612  1.00 18.15 ? 28   PHE A C   1 
ATOM   209  O  O   . PHE A 1 28 ? -7.717  13.346  11.690  1.00 18.69 ? 28   PHE A O   1 
ATOM   210  C  CB  . PHE A 1 28 ? -5.369  11.351  10.554  1.00 15.41 ? 28   PHE A CB  1 
ATOM   211  C  CG  . PHE A 1 28 ? -4.787  12.075  11.726  1.00 14.13 ? 28   PHE A CG  1 
ATOM   212  C  CD1 . PHE A 1 28 ? -4.889  11.551  13.001  1.00 15.35 ? 28   PHE A CD1 1 
ATOM   213  C  CD2 . PHE A 1 28 ? -4.146  13.285  11.556  1.00 15.08 ? 28   PHE A CD2 1 
ATOM   214  C  CE1 . PHE A 1 28 ? -4.351  12.220  14.081  1.00 14.19 ? 28   PHE A CE1 1 
ATOM   215  C  CE2 . PHE A 1 28 ? -3.610  13.953  12.630  1.00 14.23 ? 28   PHE A CE2 1 
ATOM   216  C  CZ  . PHE A 1 28 ? -3.713  13.421  13.895  1.00 14.60 ? 28   PHE A CZ  1 
ATOM   217  N  N   . ASP A 1 29 ? -7.193  13.713  9.541   1.00 17.97 ? 29   ASP A N   1 
ATOM   218  C  CA  . ASP A 1 29 ? -7.510  15.134  9.590   1.00 20.00 ? 29   ASP A CA  1 
ATOM   219  C  C   . ASP A 1 29 ? -9.012  15.384  9.668   1.00 19.28 ? 29   ASP A C   1 
ATOM   220  O  O   . ASP A 1 29 ? -9.445  16.475  10.009  1.00 20.27 ? 29   ASP A O   1 
ATOM   221  C  CB  . ASP A 1 29 ? -6.929  15.858  8.377   1.00 21.23 ? 29   ASP A CB  1 
ATOM   222  C  CG  . ASP A 1 29 ? -5.426  16.018  8.455   1.00 23.05 ? 29   ASP A CG  1 
ATOM   223  O  OD1 . ASP A 1 29 ? -4.872  15.987  9.569   1.00 21.12 ? 29   ASP A OD1 1 
ATOM   224  O  OD2 . ASP A 1 29 ? -4.719  16.175  7.444   1.00 25.69 ? 29   ASP A OD2 1 
ATOM   225  N  N   . ASP A 1 30 ? -9.801  14.366  9.347   1.00 18.06 ? 30   ASP A N   1 
ATOM   226  C  CA  . ASP A 1 30 ? -11.249 14.469  9.406   1.00 17.07 ? 30   ASP A CA  1 
ATOM   227  C  C   . ASP A 1 30 ? -11.759 14.321  10.840  1.00 17.43 ? 30   ASP A C   1 
ATOM   228  O  O   . ASP A 1 30 ? -11.954 13.210  11.324  1.00 16.18 ? 30   ASP A O   1 
ATOM   229  C  CB  . ASP A 1 30 ? -11.886 13.416  8.497   1.00 17.90 ? 30   ASP A CB  1 
ATOM   230  C  CG  . ASP A 1 30 ? -13.392 13.544  8.418   1.00 20.83 ? 30   ASP A CG  1 
ATOM   231  O  OD1 . ASP A 1 30 ? -13.941 14.486  9.015   1.00 19.46 ? 30   ASP A OD1 1 
ATOM   232  O  OD2 . ASP A 1 30 ? -14.106 12.745  7.785   1.00 23.20 ? 30   ASP A OD2 1 
ATOM   233  N  N   . LEU A 1 31 ? -12.008 15.447  11.495  1.00 17.61 ? 31   LEU A N   1 
ATOM   234  C  CA  . LEU A 1 31 ? -12.458 15.444  12.882  1.00 17.29 ? 31   LEU A CA  1 
ATOM   235  C  C   . LEU A 1 31 ? -13.805 14.754  13.084  1.00 17.91 ? 31   LEU A C   1 
ATOM   236  O  O   . LEU A 1 31 ? -14.209 14.498  14.211  1.00 18.78 ? 31   LEU A O   1 
ATOM   237  C  CB  . LEU A 1 31 ? -12.514 16.865  13.431  1.00 17.06 ? 31   LEU A CB  1 
ATOM   238  C  CG  . LEU A 1 31 ? -11.250 17.716  13.299  1.00 17.36 ? 31   LEU A CG  1 
ATOM   239  C  CD1 . LEU A 1 31 ? -11.367 18.942  14.182  1.00 14.94 ? 31   LEU A CD1 1 
ATOM   240  C  CD2 . LEU A 1 31 ? -10.013 16.917  13.645  1.00 16.14 ? 31   LEU A CD2 1 
ATOM   241  N  N   . ALA A 1 32 ? -14.492 14.451  11.991  1.00 18.49 ? 32   ALA A N   1 
ATOM   242  C  CA  . ALA A 1 32 ? -15.841 13.904  12.068  1.00 20.83 ? 32   ALA A CA  1 
ATOM   243  C  C   . ALA A 1 32 ? -15.901 12.407  11.783  1.00 21.43 ? 32   ALA A C   1 
ATOM   244  O  O   . ALA A 1 32 ? -16.946 11.786  11.939  1.00 21.32 ? 32   ALA A O   1 
ATOM   245  C  CB  . ALA A 1 32 ? -16.776 14.660  11.140  1.00 20.85 ? 32   ALA A CB  1 
ATOM   246  N  N   . PHE A 1 33 ? -14.778 11.834  11.363  1.00 20.40 ? 33   PHE A N   1 
ATOM   247  C  CA  . PHE A 1 33 ? -14.744 10.435  10.945  1.00 20.07 ? 33   PHE A CA  1 
ATOM   248  C  C   . PHE A 1 33 ? -15.143 9.497   12.080  1.00 19.51 ? 33   PHE A C   1 
ATOM   249  O  O   . PHE A 1 33 ? -14.764 9.704   13.225  1.00 19.19 ? 33   PHE A O   1 
ATOM   250  C  CB  . PHE A 1 33 ? -13.358 10.057  10.419  1.00 19.29 ? 33   PHE A CB  1 
ATOM   251  C  CG  . PHE A 1 33 ? -13.347 8.804   9.596   1.00 17.18 ? 33   PHE A CG  1 
ATOM   252  C  CD1 . PHE A 1 33 ? -13.503 8.860   8.225   1.00 16.21 ? 33   PHE A CD1 1 
ATOM   253  C  CD2 . PHE A 1 33 ? -13.183 7.572   10.192  1.00 15.14 ? 33   PHE A CD2 1 
ATOM   254  C  CE1 . PHE A 1 33 ? -13.496 7.713   7.471   1.00 15.60 ? 33   PHE A CE1 1 
ATOM   255  C  CE2 . PHE A 1 33 ? -13.176 6.419   9.437   1.00 15.76 ? 33   PHE A CE2 1 
ATOM   256  C  CZ  . PHE A 1 33 ? -13.328 6.490   8.078   1.00 15.63 ? 33   PHE A CZ  1 
ATOM   257  N  N   . PRO A 1 34 ? -15.914 8.468   11.754  1.00 19.77 ? 34   PRO A N   1 
ATOM   258  C  CA  . PRO A 1 34 ? -16.406 7.545   12.780  1.00 21.61 ? 34   PRO A CA  1 
ATOM   259  C  C   . PRO A 1 34 ? -15.310 6.620   13.302  1.00 22.08 ? 34   PRO A C   1 
ATOM   260  O  O   . PRO A 1 34 ? -14.838 5.758   12.577  1.00 20.79 ? 34   PRO A O   1 
ATOM   261  C  CB  . PRO A 1 34 ? -17.485 6.751   12.044  1.00 21.00 ? 34   PRO A CB  1 
ATOM   262  C  CG  . PRO A 1 34 ? -17.100 6.816   10.616  1.00 22.80 ? 34   PRO A CG  1 
ATOM   263  C  CD  . PRO A 1 34 ? -16.406 8.125   10.411  1.00 18.80 ? 34   PRO A CD  1 
ATOM   264  N  N   . LYS A 1 35 ? -14.925 6.808   14.558  1.00 23.56 ? 35   LYS A N   1 
ATOM   265  C  CA  . LYS A 1 35 ? -13.656 6.299   15.063  1.00 25.15 ? 35   LYS A CA  1 
ATOM   266  C  C   . LYS A 1 35 ? -13.763 4.885   15.638  1.00 25.70 ? 35   LYS A C   1 
ATOM   267  O  O   . LYS A 1 35 ? -12.755 4.235   15.890  1.00 26.86 ? 35   LYS A O   1 
ATOM   268  C  CB  . LYS A 1 35 ? -13.089 7.242   16.121  1.00 24.75 ? 35   LYS A CB  1 
ATOM   269  C  CG  . LYS A 1 35 ? -12.277 8.393   15.570  1.00 27.19 ? 35   LYS A CG  1 
ATOM   270  C  CD  . LYS A 1 35 ? -11.706 9.234   16.696  1.00 28.14 ? 35   LYS A CD  1 
ATOM   271  C  CE  . LYS A 1 35 ? -11.061 10.501  16.176  1.00 28.22 ? 35   LYS A CE  1 
ATOM   272  N  NZ  . LYS A 1 35 ? -10.350 11.227  17.254  1.00 28.37 ? 35   LYS A NZ  1 
ATOM   273  N  N   . HIS A 1 36 ? -14.983 4.413   15.851  1.00 25.04 ? 36   HIS A N   1 
ATOM   274  C  CA  . HIS A 1 36 ? -15.175 3.152   16.553  1.00 25.76 ? 36   HIS A CA  1 
ATOM   275  C  C   . HIS A 1 36 ? -15.912 2.115   15.716  1.00 24.67 ? 36   HIS A C   1 
ATOM   276  O  O   . HIS A 1 36 ? -16.203 1.018   16.188  1.00 24.33 ? 36   HIS A O   1 
ATOM   277  C  CB  . HIS A 1 36 ? -15.872 3.379   17.892  1.00 26.70 ? 36   HIS A CB  1 
ATOM   278  C  CG  . HIS A 1 36 ? -15.150 4.333   18.788  1.00 30.55 ? 36   HIS A CG  1 
ATOM   279  N  ND1 . HIS A 1 36 ? -13.934 4.037   19.362  1.00 31.39 ? 36   HIS A ND1 1 
ATOM   280  C  CD2 . HIS A 1 36 ? -15.463 5.584   19.198  1.00 31.20 ? 36   HIS A CD2 1 
ATOM   281  C  CE1 . HIS A 1 36 ? -13.535 5.061   20.094  1.00 31.89 ? 36   HIS A CE1 1 
ATOM   282  N  NE2 . HIS A 1 36 ? -14.444 6.013   20.009  1.00 32.01 ? 36   HIS A NE2 1 
ATOM   283  N  N   . ASP A 1 37 ? -16.195 2.464   14.467  1.00 23.92 ? 37   ASP A N   1 
ATOM   284  C  CA  . ASP A 1 37 ? -16.948 1.592   13.578  1.00 23.49 ? 37   ASP A CA  1 
ATOM   285  C  C   . ASP A 1 37 ? -16.050 0.660   12.778  1.00 24.95 ? 37   ASP A C   1 
ATOM   286  O  O   . ASP A 1 37 ? -14.915 0.999   12.453  1.00 22.34 ? 37   ASP A O   1 
ATOM   287  C  CB  . ASP A 1 37 ? -17.822 2.415   12.637  1.00 23.13 ? 37   ASP A CB  1 
ATOM   288  C  CG  . ASP A 1 37 ? -19.012 3.022   13.340  1.00 24.91 ? 37   ASP A CG  1 
ATOM   289  O  OD1 . ASP A 1 37 ? -19.930 2.267   13.705  1.00 23.08 ? 37   ASP A OD1 1 
ATOM   290  O  OD2 . ASP A 1 37 ? -19.113 4.239   13.577  1.00 25.40 ? 37   ASP A OD2 1 
ATOM   291  N  N   . ASP A 1 38 ? -16.568 -0.526  12.479  1.00 25.87 ? 38   ASP A N   1 
ATOM   292  C  CA  . ASP A 1 38 ? -15.824 -1.518  11.719  1.00 28.58 ? 38   ASP A CA  1 
ATOM   293  C  C   . ASP A 1 38 ? -16.640 -2.081  10.565  1.00 28.38 ? 38   ASP A C   1 
ATOM   294  O  O   . ASP A 1 38 ? -16.112 -2.778  9.704   1.00 28.27 ? 38   ASP A O   1 
ATOM   295  C  CB  . ASP A 1 38 ? -15.344 -2.652  12.624  1.00 32.33 ? 38   ASP A CB  1 
ATOM   296  C  CG  . ASP A 1 38 ? -16.485 -3.390  13.294  1.00 36.00 ? 38   ASP A CG  1 
ATOM   297  O  OD1 . ASP A 1 38 ? -17.513 -3.635  12.634  1.00 37.83 ? 38   ASP A OD1 1 
ATOM   298  O  OD2 . ASP A 1 38 ? -16.439 -3.767  14.481  1.00 37.26 ? 38   ASP A OD2 1 
ATOM   299  N  N   . ASP A 1 39 ? -17.931 -1.776  10.553  1.00 27.56 ? 39   ASP A N   1 
ATOM   300  C  CA  . ASP A 1 39 ? -18.824 -2.333  9.551   1.00 27.13 ? 39   ASP A CA  1 
ATOM   301  C  C   . ASP A 1 39 ? -18.721 -1.564  8.243   1.00 27.12 ? 39   ASP A C   1 
ATOM   302  O  O   . ASP A 1 39 ? -18.736 -0.336  8.234   1.00 27.79 ? 39   ASP A O   1 
ATOM   303  C  CB  . ASP A 1 39 ? -20.265 -2.333  10.049  1.00 27.44 ? 39   ASP A CB  1 
ATOM   304  C  CG  . ASP A 1 39 ? -21.243 -2.762  8.983   1.00 28.39 ? 39   ASP A CG  1 
ATOM   305  O  OD1 . ASP A 1 39 ? -21.497 -3.973  8.866   1.00 30.59 ? 39   ASP A OD1 1 
ATOM   306  O  OD2 . ASP A 1 39 ? -21.796 -1.962  8.208   1.00 31.34 ? 39   ASP A OD2 1 
ATOM   307  N  N   . PHE A 1 40 ? -18.610 -2.294  7.141   1.00 26.39 ? 40   PHE A N   1 
ATOM   308  C  CA  . PHE A 1 40 ? -18.312 -1.690  5.851   1.00 26.63 ? 40   PHE A CA  1 
ATOM   309  C  C   . PHE A 1 40 ? -19.387 -0.695  5.417   1.00 27.65 ? 40   PHE A C   1 
ATOM   310  O  O   . PHE A 1 40 ? -19.080 0.427   5.040   1.00 27.88 ? 40   PHE A O   1 
ATOM   311  C  CB  . PHE A 1 40 ? -18.127 -2.760  4.776   1.00 26.67 ? 40   PHE A CB  1 
ATOM   312  C  CG  . PHE A 1 40 ? -18.018 -2.207  3.386   1.00 28.03 ? 40   PHE A CG  1 
ATOM   313  C  CD1 . PHE A 1 40 ? -16.808 -1.751  2.904   1.00 27.11 ? 40   PHE A CD1 1 
ATOM   314  C  CD2 . PHE A 1 40 ? -19.129 -2.135  2.566   1.00 28.70 ? 40   PHE A CD2 1 
ATOM   315  C  CE1 . PHE A 1 40 ? -16.705 -1.239  1.629   1.00 28.51 ? 40   PHE A CE1 1 
ATOM   316  C  CE2 . PHE A 1 40 ? -19.031 -1.621  1.292   1.00 29.16 ? 40   PHE A CE2 1 
ATOM   317  C  CZ  . PHE A 1 40 ? -17.815 -1.175  0.822   1.00 27.16 ? 40   PHE A CZ  1 
ATOM   318  N  N   . ASN A 1 41 ? -20.646 -1.118  5.467   1.00 27.97 ? 41   ASN A N   1 
ATOM   319  C  CA  . ASN A 1 41 ? -21.750 -0.242  5.090   1.00 29.25 ? 41   ASN A CA  1 
ATOM   320  C  C   . ASN A 1 41 ? -21.804 1.050   5.896   1.00 27.46 ? 41   ASN A C   1 
ATOM   321  O  O   . ASN A 1 41 ? -21.976 2.129   5.327   1.00 25.44 ? 41   ASN A O   1 
ATOM   322  C  CB  . ASN A 1 41 ? -23.079 -0.992  5.203   1.00 32.86 ? 41   ASN A CB  1 
ATOM   323  C  CG  . ASN A 1 41 ? -23.312 -1.931  4.034   1.00 37.13 ? 41   ASN A CG  1 
ATOM   324  O  OD1 . ASN A 1 41 ? -23.466 -1.496  2.890   1.00 40.41 ? 41   ASN A OD1 1 
ATOM   325  N  ND2 . ASN A 1 41 ? -23.329 -3.228  4.313   1.00 40.77 ? 41   ASN A ND2 1 
ATOM   326  N  N   . ILE A 1 42 ? -21.662 0.942   7.212   1.00 24.34 ? 42   ILE A N   1 
ATOM   327  C  CA  . ILE A 1 42 ? -21.677 2.127   8.061   1.00 21.79 ? 42   ILE A CA  1 
ATOM   328  C  C   . ILE A 1 42 ? -20.612 3.097   7.549   1.00 20.05 ? 42   ILE A C   1 
ATOM   329  O  O   . ILE A 1 42 ? -20.895 4.266   7.294   1.00 18.67 ? 42   ILE A O   1 
ATOM   330  C  CB  . ILE A 1 42 ? -21.336 1.792   9.532   1.00 22.66 ? 42   ILE A CB  1 
ATOM   331  C  CG1 . ILE A 1 42 ? -22.228 0.662   10.051  1.00 24.13 ? 42   ILE A CG1 1 
ATOM   332  C  CG2 . ILE A 1 42 ? -21.487 3.047   10.391  1.00 21.82 ? 42   ILE A CG2 1 
ATOM   333  C  CD1 . ILE A 1 42 ? -23.689 0.990   10.095  1.00 25.90 ? 42   ILE A CD1 1 
ATOM   334  N  N   . LEU A 1 43 ? -19.387 2.597   7.399   1.00 17.18 ? 43   LEU A N   1 
ATOM   335  C  CA  . LEU A 1 43 ? -18.261 3.409   6.929   1.00 16.28 ? 43   LEU A CA  1 
ATOM   336  C  C   . LEU A 1 43 ? -18.453 3.990   5.521   1.00 15.74 ? 43   LEU A C   1 
ATOM   337  O  O   . LEU A 1 43 ? -18.205 5.176   5.291   1.00 12.80 ? 43   LEU A O   1 
ATOM   338  C  CB  . LEU A 1 43 ? -16.973 2.578   6.970   1.00 14.06 ? 43   LEU A CB  1 
ATOM   339  C  CG  . LEU A 1 43 ? -16.439 2.198   8.355   1.00 13.93 ? 43   LEU A CG  1 
ATOM   340  C  CD1 . LEU A 1 43 ? -15.333 1.159   8.183   1.00 14.12 ? 43   LEU A CD1 1 
ATOM   341  C  CD2 . LEU A 1 43 ? -15.929 3.432   9.096   1.00 10.83 ? 43   LEU A CD2 1 
ATOM   342  N  N   . SER A 1 44 ? -18.887 3.158   4.585   1.00 17.47 ? 44   SER A N   1 
ATOM   343  C  CA  . SER A 1 44 ? -19.121 3.620   3.225   1.00 21.58 ? 44   SER A CA  1 
ATOM   344  C  C   . SER A 1 44 ? -20.238 4.661   3.161   1.00 22.59 ? 44   SER A C   1 
ATOM   345  O  O   . SER A 1 44 ? -20.130 5.644   2.439   1.00 23.64 ? 44   SER A O   1 
ATOM   346  C  CB  . SER A 1 44 ? -19.407 2.449   2.286   1.00 23.97 ? 44   SER A CB  1 
ATOM   347  O  OG  . SER A 1 44 ? -20.632 1.824   2.603   1.00 27.25 ? 44   SER A OG  1 
ATOM   348  N  N   . ASP A 1 45 ? -21.298 4.441   3.931   1.00 24.01 ? 45   ASP A N   1 
ATOM   349  C  CA  . ASP A 1 45 ? -22.323 5.460   4.143   1.00 25.54 ? 45   ASP A CA  1 
ATOM   350  C  C   . ASP A 1 45 ? -21.710 6.797   4.540   1.00 23.54 ? 45   ASP A C   1 
ATOM   351  O  O   . ASP A 1 45 ? -22.030 7.826   3.957   1.00 22.81 ? 45   ASP A O   1 
ATOM   352  C  CB  . ASP A 1 45 ? -23.334 5.007   5.200   1.00 29.63 ? 45   ASP A CB  1 
ATOM   353  C  CG  . ASP A 1 45 ? -24.464 6.011   5.402   1.00 35.20 ? 45   ASP A CG  1 
ATOM   354  O  OD1 . ASP A 1 45 ? -24.190 7.138   5.858   1.00 37.54 ? 45   ASP A OD1 1 
ATOM   355  O  OD2 . ASP A 1 45 ? -25.656 5.758   5.136   1.00 36.54 ? 45   ASP A OD2 1 
ATOM   356  N  N   . TYR A 1 46 ? -20.827 6.778   5.530   1.00 20.45 ? 46   TYR A N   1 
ATOM   357  C  CA  . TYR A 1 46 ? -20.188 8.007   5.981   1.00 18.69 ? 46   TYR A CA  1 
ATOM   358  C  C   . TYR A 1 46 ? -19.392 8.693   4.876   1.00 18.47 ? 46   TYR A C   1 
ATOM   359  O  O   . TYR A 1 46 ? -19.529 9.891   4.655   1.00 15.86 ? 46   TYR A O   1 
ATOM   360  C  CB  . TYR A 1 46 ? -19.290 7.768   7.194   1.00 16.73 ? 46   TYR A CB  1 
ATOM   361  C  CG  . TYR A 1 46 ? -18.523 9.007   7.577   1.00 17.79 ? 46   TYR A CG  1 
ATOM   362  C  CD1 . TYR A 1 46 ? -19.073 9.948   8.433   1.00 16.00 ? 46   TYR A CD1 1 
ATOM   363  C  CD2 . TYR A 1 46 ? -17.265 9.256   7.053   1.00 16.51 ? 46   TYR A CD2 1 
ATOM   364  C  CE1 . TYR A 1 46 ? -18.385 11.090  8.772   1.00 15.73 ? 46   TYR A CE1 1 
ATOM   365  C  CE2 . TYR A 1 46 ? -16.570 10.395  7.388   1.00 17.30 ? 46   TYR A CE2 1 
ATOM   366  C  CZ  . TYR A 1 46 ? -17.133 11.308  8.248   1.00 14.30 ? 46   TYR A CZ  1 
ATOM   367  O  OH  . TYR A 1 46 ? -16.446 12.443  8.579   1.00 16.73 ? 46   TYR A OH  1 
ATOM   368  N  N   . ILE A 1 47 ? -18.549 7.927   4.191   1.00 17.70 ? 47   ILE A N   1 
ATOM   369  C  CA  . ILE A 1 47 ? -17.690 8.493   3.165   1.00 19.63 ? 47   ILE A CA  1 
ATOM   370  C  C   . ILE A 1 47 ? -18.502 9.084   2.020   1.00 21.38 ? 47   ILE A C   1 
ATOM   371  O  O   . ILE A 1 47 ? -18.156 10.134  1.492   1.00 23.86 ? 47   ILE A O   1 
ATOM   372  C  CB  . ILE A 1 47 ? -16.673 7.457   2.649   1.00 18.79 ? 47   ILE A CB  1 
ATOM   373  C  CG1 . ILE A 1 47 ? -15.661 7.119   3.744   1.00 17.63 ? 47   ILE A CG1 1 
ATOM   374  C  CG2 . ILE A 1 47 ? -15.938 7.996   1.434   1.00 17.68 ? 47   ILE A CG2 1 
ATOM   375  C  CD1 . ILE A 1 47 ? -14.936 5.829   3.524   1.00 15.50 ? 47   ILE A CD1 1 
ATOM   376  N  N   . GLU A 1 48 ? -19.590 8.414   1.651   1.00 23.62 ? 48   GLU A N   1 
ATOM   377  C  CA  . GLU A 1 48 ? -20.457 8.888   0.576   1.00 26.03 ? 48   GLU A CA  1 
ATOM   378  C  C   . GLU A 1 48 ? -21.124 10.230  0.895   1.00 24.36 ? 48   GLU A C   1 
ATOM   379  O  O   . GLU A 1 48 ? -21.100 11.146  0.083   1.00 26.02 ? 48   GLU A O   1 
ATOM   380  C  CB  . GLU A 1 48 ? -21.516 7.841   0.224   1.00 29.45 ? 48   GLU A CB  1 
ATOM   381  C  CG  . GLU A 1 48 ? -20.961 6.572   -0.403  1.00 36.33 ? 48   GLU A CG  1 
ATOM   382  C  CD  . GLU A 1 48 ? -20.734 6.700   -1.895  1.00 40.56 ? 48   GLU A CD  1 
ATOM   383  O  OE1 . GLU A 1 48 ? -21.201 7.692   -2.487  1.00 41.44 ? 48   GLU A OE1 1 
ATOM   384  O  OE2 . GLU A 1 48 ? -20.086 5.804   -2.476  1.00 42.73 ? 48   GLU A OE2 1 
ATOM   385  N  N   . THR A 1 49 ? -21.662 10.349  2.103   1.00 23.45 ? 49   THR A N   1 
ATOM   386  C  CA  . THR A 1 49 ? -22.419 11.530  2.506   1.00 22.47 ? 49   THR A CA  1 
ATOM   387  C  C   . THR A 1 49 ? -21.576 12.647  3.126   1.00 22.90 ? 49   THR A C   1 
ATOM   388  O  O   . THR A 1 49 ? -21.853 13.819  2.911   1.00 21.90 ? 49   THR A O   1 
ATOM   389  C  CB  . THR A 1 49 ? -23.555 11.142  3.457   1.00 21.03 ? 49   THR A CB  1 
ATOM   390  O  OG1 . THR A 1 49 ? -23.009 10.525  4.626   1.00 21.89 ? 49   THR A OG1 1 
ATOM   391  C  CG2 . THR A 1 49 ? -24.408 10.047  2.845   1.00 19.03 ? 49   THR A CG2 1 
ATOM   392  N  N   . HIS A 1 50 ? -20.551 12.275  3.882   1.00 24.42 ? 50   HIS A N   1 
ATOM   393  C  CA  . HIS A 1 50 ? -19.735 13.250  4.600   1.00 24.37 ? 50   HIS A CA  1 
ATOM   394  C  C   . HIS A 1 50 ? -18.335 13.344  4.015   1.00 26.46 ? 50   HIS A C   1 
ATOM   395  O  O   . HIS A 1 50 ? -17.608 14.297  4.272   1.00 25.64 ? 50   HIS A O   1 
ATOM   396  C  CB  . HIS A 1 50 ? -19.658 12.900  6.085   1.00 21.82 ? 50   HIS A CB  1 
ATOM   397  C  CG  . HIS A 1 50 ? -20.931 13.147  6.829   1.00 20.03 ? 50   HIS A CG  1 
ATOM   398  N  ND1 . HIS A 1 50 ? -22.005 12.287  6.771   1.00 18.51 ? 50   HIS A ND1 1 
ATOM   399  C  CD2 . HIS A 1 50 ? -21.304 14.158  7.646   1.00 20.32 ? 50   HIS A CD2 1 
ATOM   400  C  CE1 . HIS A 1 50 ? -22.983 12.758  7.522   1.00 20.47 ? 50   HIS A CE1 1 
ATOM   401  N  NE2 . HIS A 1 50 ? -22.586 13.893  8.061   1.00 17.78 ? 50   HIS A NE2 1 
ATOM   402  N  N   . GLY A 1 51 ? -17.963 12.341  3.230   1.00 28.61 ? 51   GLY A N   1 
ATOM   403  C  CA  . GLY A 1 51 ? -16.592 12.189  2.792   1.00 30.32 ? 51   GLY A CA  1 
ATOM   404  C  C   . GLY A 1 51 ? -16.127 13.343  1.931   1.00 31.75 ? 51   GLY A C   1 
ATOM   405  O  O   . GLY A 1 51 ? -16.803 13.746  0.992   1.00 30.13 ? 51   GLY A O   1 
ATOM   406  N  N   . ASP A 1 52 ? -14.961 13.879  2.260   1.00 33.73 ? 52   ASP A N   1 
ATOM   407  C  CA  . ASP A 1 52 ? -14.417 15.013  1.539   1.00 36.39 ? 52   ASP A CA  1 
ATOM   408  C  C   . ASP A 1 52 ? -12.954 14.778  1.198   1.00 35.54 ? 52   ASP A C   1 
ATOM   409  O  O   . ASP A 1 52 ? -12.086 15.547  1.590   1.00 36.03 ? 52   ASP A O   1 
ATOM   410  C  CB  . ASP A 1 52 ? -14.574 16.285  2.365   1.00 40.93 ? 52   ASP A CB  1 
ATOM   411  C  CG  . ASP A 1 52 ? -14.234 17.528  1.583   1.00 45.18 ? 52   ASP A CG  1 
ATOM   412  O  OD1 . ASP A 1 52 ? -14.343 17.495  0.341   1.00 45.77 ? 52   ASP A OD1 1 
ATOM   413  O  OD2 . ASP A 1 52 ? -13.850 18.582  2.125   1.00 46.68 ? 52   ASP A OD2 1 
ATOM   414  N  N   . PHE A 1 53 ? -12.689 13.703  0.468   1.00 33.22 ? 53   PHE A N   1 
ATOM   415  C  CA  . PHE A 1 53 ? -11.327 13.227  0.275   1.00 31.09 ? 53   PHE A CA  1 
ATOM   416  C  C   . PHE A 1 53 ? -10.871 13.445  -1.164  1.00 30.66 ? 53   PHE A C   1 
ATOM   417  O  O   . PHE A 1 53 ? -11.686 13.494  -2.079  1.00 29.78 ? 53   PHE A O   1 
ATOM   418  C  CB  . PHE A 1 53 ? -11.221 11.749  0.654   1.00 28.39 ? 53   PHE A CB  1 
ATOM   419  C  CG  . PHE A 1 53 ? -11.619 11.464  2.067   1.00 25.28 ? 53   PHE A CG  1 
ATOM   420  C  CD1 . PHE A 1 53 ? -10.855 11.925  3.120   1.00 23.29 ? 53   PHE A CD1 1 
ATOM   421  C  CD2 . PHE A 1 53 ? -12.765 10.744  2.346   1.00 24.81 ? 53   PHE A CD2 1 
ATOM   422  C  CE1 . PHE A 1 53 ? -11.222 11.669  4.422   1.00 23.05 ? 53   PHE A CE1 1 
ATOM   423  C  CE2 . PHE A 1 53 ? -13.132 10.486  3.646   1.00 25.07 ? 53   PHE A CE2 1 
ATOM   424  C  CZ  . PHE A 1 53 ? -12.359 10.950  4.685   1.00 22.52 ? 53   PHE A CZ  1 
ATOM   425  N  N   . THR A 1 54 ? -9.564  13.580  -1.356  1.00 29.79 ? 54   THR A N   1 
ATOM   426  C  CA  . THR A 1 54 ? -9.021  13.880  -2.669  1.00 30.01 ? 54   THR A CA  1 
ATOM   427  C  C   . THR A 1 54 ? -8.769  12.615  -3.475  1.00 29.89 ? 54   THR A C   1 
ATOM   428  O  O   . THR A 1 54 ? -8.592  12.669  -4.689  1.00 31.89 ? 54   THR A O   1 
ATOM   429  C  CB  . THR A 1 54 ? -7.735  14.710  -2.561  1.00 30.40 ? 54   THR A CB  1 
ATOM   430  O  OG1 . THR A 1 54 ? -6.733  13.961  -1.868  1.00 30.79 ? 54   THR A OG1 1 
ATOM   431  C  CG2 . THR A 1 54 ? -7.952  15.915  -1.673  1.00 30.34 ? 54   THR A CG2 1 
ATOM   432  N  N   . LEU A 1 55 ? -8.762  11.476  -2.796  1.00 28.37 ? 55   LEU A N   1 
ATOM   433  C  CA  . LEU A 1 55 ? -8.504  10.207  -3.455  1.00 26.98 ? 55   LEU A CA  1 
ATOM   434  C  C   . LEU A 1 55 ? -9.788  9.513   -3.877  1.00 27.22 ? 55   LEU A C   1 
ATOM   435  O  O   . LEU A 1 55 ? -10.841 9.730   -3.289  1.00 27.14 ? 55   LEU A O   1 
ATOM   436  C  CB  . LEU A 1 55 ? -7.673  9.290   -2.558  1.00 26.49 ? 55   LEU A CB  1 
ATOM   437  C  CG  . LEU A 1 55 ? -6.301  9.853   -2.192  1.00 26.33 ? 55   LEU A CG  1 
ATOM   438  C  CD1 . LEU A 1 55 ? -6.107  9.866   -0.695  1.00 24.70 ? 55   LEU A CD1 1 
ATOM   439  C  CD2 . LEU A 1 55 ? -5.187  9.091   -2.883  1.00 25.58 ? 55   LEU A CD2 1 
ATOM   440  N  N   . PRO A 1 56 ? -9.678  8.680   -4.904  1.00 27.00 ? 56   PRO A N   1 
ATOM   441  C  CA  . PRO A 1 56 ? -10.818 7.940   -5.461  1.00 27.15 ? 56   PRO A CA  1 
ATOM   442  C  C   . PRO A 1 56 ? -11.411 6.976   -4.434  1.00 27.39 ? 56   PRO A C   1 
ATOM   443  O  O   . PRO A 1 56 ? -10.693 6.434   -3.596  1.00 25.33 ? 56   PRO A O   1 
ATOM   444  C  CB  . PRO A 1 56 ? -10.203 7.193   -6.639  1.00 27.24 ? 56   PRO A CB  1 
ATOM   445  C  CG  . PRO A 1 56 ? -9.085  8.090   -7.062  1.00 27.80 ? 56   PRO A CG  1 
ATOM   446  C  CD  . PRO A 1 56 ? -8.483  8.499   -5.746  1.00 26.97 ? 56   PRO A CD  1 
HETATM 447  N  N   . MSE A 1 57 ? -12.718 6.758   -4.518  1.00 27.48 ? 57   MSE A N   1 
HETATM 448  C  CA  . MSE A 1 57 ? -13.417 5.865   -3.604  1.00 26.70 ? 57   MSE A CA  1 
HETATM 449  C  C   . MSE A 1 57 ? -12.766 4.487   -3.555  1.00 24.52 ? 57   MSE A C   1 
HETATM 450  O  O   . MSE A 1 57 ? -12.811 3.812   -2.532  1.00 22.69 ? 57   MSE A O   1 
HETATM 451  C  CB  . MSE A 1 57 ? -14.881 5.722   -4.037  1.00 30.95 ? 57   MSE A CB  1 
HETATM 452  C  CG  . MSE A 1 57 ? -15.724 4.846   -3.130  1.00 35.89 ? 57   MSE A CG  1 
HETATM 453  SE SE  . MSE A 1 57 ? -15.919 5.580   -1.352  1.00 45.13 ? 57   MSE A SE  1 
HETATM 454  C  CE  . MSE A 1 57 ? -16.970 4.164   -0.570  1.00 41.55 ? 57   MSE A CE  1 
ATOM   455  N  N   . SER A 1 58 ? -12.180 4.068   -4.669  1.00 21.79 ? 58   SER A N   1 
ATOM   456  C  CA  . SER A 1 58 ? -11.530 2.770   -4.740  1.00 19.20 ? 58   SER A CA  1 
ATOM   457  C  C   . SER A 1 58 ? -10.411 2.632   -3.711  1.00 17.58 ? 58   SER A C   1 
ATOM   458  O  O   . SER A 1 58 ? -10.138 1.538   -3.227  1.00 16.38 ? 58   SER A O   1 
ATOM   459  C  CB  . SER A 1 58 ? -10.987 2.516   -6.145  1.00 19.37 ? 58   SER A CB  1 
ATOM   460  O  OG  . SER A 1 58 ? -9.967  3.437   -6.466  1.00 21.68 ? 58   SER A OG  1 
ATOM   461  N  N   . VAL A 1 59 ? -9.767  3.744   -3.381  1.00 15.23 ? 59   VAL A N   1 
ATOM   462  C  CA  . VAL A 1 59 ? -8.733  3.733   -2.359  1.00 15.31 ? 59   VAL A CA  1 
ATOM   463  C  C   . VAL A 1 59 ? -9.292  3.333   -0.995  1.00 16.00 ? 59   VAL A C   1 
ATOM   464  O  O   . VAL A 1 59 ? -8.702  2.517   -0.300  1.00 14.02 ? 59   VAL A O   1 
ATOM   465  C  CB  . VAL A 1 59 ? -7.992  5.076   -2.264  1.00 14.72 ? 59   VAL A CB  1 
ATOM   466  C  CG1 . VAL A 1 59 ? -6.946  5.029   -1.168  1.00 12.90 ? 59   VAL A CG1 1 
ATOM   467  C  CG2 . VAL A 1 59 ? -7.347  5.417   -3.595  1.00 16.94 ? 59   VAL A CG2 1 
ATOM   468  N  N   . PHE A 1 60 ? -10.436 3.898   -0.625  1.00 12.80 ? 60   PHE A N   1 
ATOM   469  C  CA  . PHE A 1 60 ? -11.128 3.462   0.580   1.00 15.60 ? 60   PHE A CA  1 
ATOM   470  C  C   . PHE A 1 60 ? -11.437 1.973   0.558   1.00 15.56 ? 60   PHE A C   1 
ATOM   471  O  O   . PHE A 1 60 ? -11.160 1.269   1.518   1.00 15.05 ? 60   PHE A O   1 
ATOM   472  C  CB  . PHE A 1 60 ? -12.419 4.240   0.819   1.00 13.89 ? 60   PHE A CB  1 
ATOM   473  C  CG  . PHE A 1 60 ? -13.326 3.585   1.816   1.00 15.17 ? 60   PHE A CG  1 
ATOM   474  C  CD1 . PHE A 1 60 ? -13.000 3.572   3.162   1.00 15.08 ? 60   PHE A CD1 1 
ATOM   475  C  CD2 . PHE A 1 60 ? -14.487 2.956   1.411   1.00 13.70 ? 60   PHE A CD2 1 
ATOM   476  C  CE1 . PHE A 1 60 ? -13.825 2.962   4.083   1.00 13.35 ? 60   PHE A CE1 1 
ATOM   477  C  CE2 . PHE A 1 60 ? -15.315 2.344   2.327   1.00 16.61 ? 60   PHE A CE2 1 
ATOM   478  C  CZ  . PHE A 1 60 ? -14.981 2.346   3.665   1.00 15.72 ? 60   PHE A CZ  1 
ATOM   479  N  N   . ASP A 1 61 ? -12.025 1.509   -0.540  1.00 16.83 ? 61   ASP A N   1 
ATOM   480  C  CA  . ASP A 1 61 ? -12.333 0.095   -0.710  1.00 16.25 ? 61   ASP A CA  1 
ATOM   481  C  C   . ASP A 1 61 ? -11.090 -0.762  -0.491  1.00 14.67 ? 61   ASP A C   1 
ATOM   482  O  O   . ASP A 1 61 ? -11.126 -1.742  0.242   1.00 13.35 ? 61   ASP A O   1 
ATOM   483  C  CB  . ASP A 1 61 ? -12.897 -0.171  -2.108  1.00 19.13 ? 61   ASP A CB  1 
ATOM   484  C  CG  . ASP A 1 61 ? -14.233 0.501   -2.342  1.00 21.12 ? 61   ASP A CG  1 
ATOM   485  O  OD1 . ASP A 1 61 ? -14.940 0.800   -1.362  1.00 22.14 ? 61   ASP A OD1 1 
ATOM   486  O  OD2 . ASP A 1 61 ? -14.659 0.766   -3.481  1.00 23.18 ? 61   ASP A OD2 1 
ATOM   487  N  N   . ASP A 1 62 ? -9.996  -0.381  -1.139  1.00 13.87 ? 62   ASP A N   1 
ATOM   488  C  CA  . ASP A 1 62 ? -8.736  -1.098  -1.003  1.00 15.92 ? 62   ASP A CA  1 
ATOM   489  C  C   . ASP A 1 62 ? -8.259  -1.068  0.444   1.00 14.60 ? 62   ASP A C   1 
ATOM   490  O  O   . ASP A 1 62 ? -7.796  -2.069  0.971   1.00 16.03 ? 62   ASP A O   1 
ATOM   491  C  CB  . ASP A 1 62 ? -7.667  -0.497  -1.918  1.00 18.80 ? 62   ASP A CB  1 
ATOM   492  C  CG  . ASP A 1 62 ? -7.962  -0.708  -3.388  1.00 22.22 ? 62   ASP A CG  1 
ATOM   493  O  OD1 . ASP A 1 62 ? -8.905  -1.453  -3.721  1.00 23.43 ? 62   ASP A OD1 1 
ATOM   494  O  OD2 . ASP A 1 62 ? -7.294  -0.168  -4.286  1.00 24.98 ? 62   ASP A OD2 1 
ATOM   495  N  N   . LEU A 1 63 ? -8.381  0.092   1.076   1.00 14.11 ? 63   LEU A N   1 
ATOM   496  C  CA  . LEU A 1 63 ? -7.990  0.255   2.468   1.00 13.57 ? 63   LEU A CA  1 
ATOM   497  C  C   . LEU A 1 63 ? -8.798  -0.651  3.393   1.00 12.77 ? 63   LEU A C   1 
ATOM   498  O  O   . LEU A 1 63 ? -8.241  -1.292  4.273   1.00 13.48 ? 63   LEU A O   1 
ATOM   499  C  CB  . LEU A 1 63 ? -8.134  1.714   2.896   1.00 13.62 ? 63   LEU A CB  1 
ATOM   500  C  CG  . LEU A 1 63 ? -7.356  2.197   4.118   1.00 14.46 ? 63   LEU A CG  1 
ATOM   501  C  CD1 . LEU A 1 63 ? -5.933  1.687   4.108   1.00 12.66 ? 63   LEU A CD1 1 
ATOM   502  C  CD2 . LEU A 1 63 ? -7.381  3.712   4.180   1.00 12.41 ? 63   LEU A CD2 1 
ATOM   503  N  N   . TYR A 1 64 ? -10.110 -0.704  3.187   1.00 12.36 ? 64   TYR A N   1 
ATOM   504  C  CA  . TYR A 1 64 ? -10.955 -1.605  3.956   1.00 14.06 ? 64   TYR A CA  1 
ATOM   505  C  C   . TYR A 1 64 ? -10.634 -3.071  3.707   1.00 13.72 ? 64   TYR A C   1 
ATOM   506  O  O   . TYR A 1 64 ? -10.618 -3.869  4.632   1.00 13.80 ? 64   TYR A O   1 
ATOM   507  C  CB  . TYR A 1 64 ? -12.439 -1.346  3.710   1.00 13.90 ? 64   TYR A CB  1 
ATOM   508  C  CG  . TYR A 1 64 ? -13.325 -2.075  4.694   1.00 16.77 ? 64   TYR A CG  1 
ATOM   509  C  CD1 . TYR A 1 64 ? -13.721 -3.385  4.465   1.00 16.81 ? 64   TYR A CD1 1 
ATOM   510  C  CD2 . TYR A 1 64 ? -13.746 -1.460  5.863   1.00 15.77 ? 64   TYR A CD2 1 
ATOM   511  C  CE1 . TYR A 1 64 ? -14.517 -4.056  5.368   1.00 16.33 ? 64   TYR A CE1 1 
ATOM   512  C  CE2 . TYR A 1 64 ? -14.545 -2.124  6.769   1.00 16.94 ? 64   TYR A CE2 1 
ATOM   513  C  CZ  . TYR A 1 64 ? -14.928 -3.421  6.517   1.00 17.50 ? 64   TYR A CZ  1 
ATOM   514  O  OH  . TYR A 1 64 ? -15.724 -4.083  7.416   1.00 17.67 ? 64   TYR A OH  1 
ATOM   515  N  N   . GLU A 1 65 ? -10.370 -3.418  2.455   1.00 16.32 ? 65   GLU A N   1 
ATOM   516  C  CA  . GLU A 1 65 ? -9.930  -4.761  2.115   1.00 18.31 ? 65   GLU A CA  1 
ATOM   517  C  C   . GLU A 1 65 ? -8.681  -5.151  2.902   1.00 16.29 ? 65   GLU A C   1 
ATOM   518  O  O   . GLU A 1 65 ? -8.609  -6.239  3.460   1.00 15.43 ? 65   GLU A O   1 
ATOM   519  C  CB  . GLU A 1 65 ? -9.689  -4.889  0.611   1.00 24.11 ? 65   GLU A CB  1 
ATOM   520  C  CG  . GLU A 1 65 ? -9.203  -6.260  0.171   1.00 33.33 ? 65   GLU A CG  1 
ATOM   521  C  CD  . GLU A 1 65 ? -9.555  -6.573  -1.270  1.00 38.66 ? 65   GLU A CD  1 
ATOM   522  O  OE1 . GLU A 1 65 ? -9.190  -5.786  -2.166  1.00 42.94 ? 65   GLU A OE1 1 
ATOM   523  O  OE2 . GLU A 1 65 ? -10.199 -7.611  -1.511  1.00 43.07 ? 65   GLU A OE2 1 
ATOM   524  N  N   . GLU A 1 66 ? -7.704  -4.254  2.949   1.00 13.98 ? 66   GLU A N   1 
ATOM   525  C  CA  . GLU A 1 66 ? -6.489  -4.492  3.716   1.00 13.91 ? 66   GLU A CA  1 
ATOM   526  C  C   . GLU A 1 66 ? -6.789  -4.654  5.206   1.00 13.16 ? 66   GLU A C   1 
ATOM   527  O  O   . GLU A 1 66 ? -6.250  -5.530  5.863   1.00 11.65 ? 66   GLU A O   1 
ATOM   528  C  CB  . GLU A 1 66 ? -5.476  -3.368  3.495   1.00 11.77 ? 66   GLU A CB  1 
ATOM   529  C  CG  . GLU A 1 66 ? -4.146  -3.597  4.192   1.00 14.64 ? 66   GLU A CG  1 
ATOM   530  C  CD  . GLU A 1 66 ? -3.144  -2.484  3.953   1.00 14.19 ? 66   GLU A CD  1 
ATOM   531  O  OE1 . GLU A 1 66 ? -3.304  -1.729  2.978   1.00 13.19 ? 66   GLU A OE1 1 
ATOM   532  O  OE2 . GLU A 1 66 ? -2.194  -2.374  4.746   1.00 15.07 ? 66   GLU A OE2 1 
ATOM   533  N  N   . TYR A 1 67 ? -7.658  -3.791  5.722   1.00 13.63 ? 67   TYR A N   1 
ATOM   534  C  CA  . TYR A 1 67 ? -8.154  -3.891  7.088   1.00 13.91 ? 67   TYR A CA  1 
ATOM   535  C  C   . TYR A 1 67 ? -8.600  -5.306  7.455   1.00 15.37 ? 67   TYR A C   1 
ATOM   536  O  O   . TYR A 1 67 ? -8.187  -5.844  8.476   1.00 16.36 ? 67   TYR A O   1 
ATOM   537  C  CB  . TYR A 1 67 ? -9.290  -2.887  7.298   1.00 13.19 ? 67   TYR A CB  1 
ATOM   538  C  CG  . TYR A 1 67 ? -10.016 -2.991  8.618   1.00 12.97 ? 67   TYR A CG  1 
ATOM   539  C  CD1 . TYR A 1 67 ? -9.327  -3.000  9.823   1.00 12.11 ? 67   TYR A CD1 1 
ATOM   540  C  CD2 . TYR A 1 67 ? -11.400 -3.060  8.657   1.00 12.24 ? 67   TYR A CD2 1 
ATOM   541  C  CE1 . TYR A 1 67 ? -10.002 -3.086  11.025  1.00 14.51 ? 67   TYR A CE1 1 
ATOM   542  C  CE2 . TYR A 1 67 ? -12.077 -3.147  9.846   1.00 13.28 ? 67   TYR A CE2 1 
ATOM   543  C  CZ  . TYR A 1 67 ? -11.381 -3.160  11.028  1.00 14.42 ? 67   TYR A CZ  1 
ATOM   544  O  OH  . TYR A 1 67 ? -12.072 -3.247  12.207  1.00 15.24 ? 67   TYR A OH  1 
ATOM   545  N  N   . THR A 1 68 ? -9.440  -5.905  6.618   1.00 15.84 ? 68   THR A N   1 
ATOM   546  C  CA  . THR A 1 68 ? -9.958  -7.240  6.893   1.00 17.13 ? 68   THR A CA  1 
ATOM   547  C  C   . THR A 1 68 ? -8.882  -8.329  6.871   1.00 17.78 ? 68   THR A C   1 
ATOM   548  O  O   . THR A 1 68 ? -8.850  -9.180  7.748   1.00 16.39 ? 68   THR A O   1 
ATOM   549  C  CB  . THR A 1 68 ? -11.130 -7.597  5.960   1.00 17.06 ? 68   THR A CB  1 
ATOM   550  O  OG1 . THR A 1 68 ? -10.645 -7.813  4.633   1.00 24.53 ? 68   THR A OG1 1 
ATOM   551  C  CG2 . THR A 1 68 ? -12.068 -6.421  5.797   1.00 17.34 ? 68   THR A CG2 1 
ATOM   552  N  N   . GLU A 1 69 ? -8.003  -8.289  5.874   1.00 18.47 ? 69   GLU A N   1 
ATOM   553  C  CA  . GLU A 1 69 ? -6.829  -9.161  5.849   1.00 21.16 ? 69   GLU A CA  1 
ATOM   554  C  C   . GLU A 1 69 ? -6.008  -8.995  7.121   1.00 21.52 ? 69   GLU A C   1 
ATOM   555  O  O   . GLU A 1 69 ? -5.564  -9.968  7.720   1.00 22.55 ? 69   GLU A O   1 
ATOM   556  C  CB  . GLU A 1 69 ? -5.956  -8.853  4.630   1.00 24.15 ? 69   GLU A CB  1 
ATOM   557  C  CG  . GLU A 1 69 ? -6.434  -9.488  3.334   1.00 30.51 ? 69   GLU A CG  1 
ATOM   558  C  CD  . GLU A 1 69 ? -5.413  -9.379  2.216   1.00 34.43 ? 69   GLU A CD  1 
ATOM   559  O  OE1 . GLU A 1 69 ? -4.220  -9.646  2.462   1.00 36.45 ? 69   GLU A OE1 1 
ATOM   560  O  OE2 . GLU A 1 69 ? -5.804  -9.026  1.086   1.00 37.55 ? 69   GLU A OE2 1 
ATOM   561  N  N   . TRP A 1 70 ? -5.821  -7.743  7.518   1.00 21.22 ? 70   TRP A N   1 
ATOM   562  C  CA  . TRP A 1 70 ? -5.016  -7.373  8.676   1.00 21.84 ? 70   TRP A CA  1 
ATOM   563  C  C   . TRP A 1 70 ? -5.597  -7.999  9.945   1.00 23.03 ? 70   TRP A C   1 
ATOM   564  O  O   . TRP A 1 70 ? -4.866  -8.516  10.793  1.00 21.56 ? 70   TRP A O   1 
ATOM   565  C  CB  . TRP A 1 70 ? -4.997  -5.847  8.811   1.00 21.03 ? 70   TRP A CB  1 
ATOM   566  C  CG  . TRP A 1 70 ? -4.141  -5.309  9.922   1.00 20.27 ? 70   TRP A CG  1 
ATOM   567  C  CD1 . TRP A 1 70 ? -2.779  -5.248  9.957   1.00 20.10 ? 70   TRP A CD1 1 
ATOM   568  C  CD2 . TRP A 1 70 ? -4.599  -4.733  11.150  1.00 18.60 ? 70   TRP A CD2 1 
ATOM   569  N  NE1 . TRP A 1 70 ? -2.361  -4.660  11.126  1.00 19.63 ? 70   TRP A NE1 1 
ATOM   570  C  CE2 . TRP A 1 70 ? -3.460  -4.324  11.872  1.00 20.17 ? 70   TRP A CE2 1 
ATOM   571  C  CE3 . TRP A 1 70 ? -5.864  -4.494  11.698  1.00 18.93 ? 70   TRP A CE3 1 
ATOM   572  C  CZ2 . TRP A 1 70 ? -3.546  -3.720  13.129  1.00 19.23 ? 70   TRP A CZ2 1 
ATOM   573  C  CZ3 . TRP A 1 70 ? -5.950  -3.892  12.945  1.00 17.71 ? 70   TRP A CZ3 1 
ATOM   574  C  CH2 . TRP A 1 70 ? -4.799  -3.501  13.640  1.00 18.73 ? 70   TRP A CH2 1 
ATOM   575  N  N   . LEU A 1 71 ? -6.916  -7.942  10.072  1.00 24.01 ? 71   LEU A N   1 
ATOM   576  C  CA  . LEU A 1 71 ? -7.586  -8.514  11.230  1.00 26.77 ? 71   LEU A CA  1 
ATOM   577  C  C   . LEU A 1 71 ? -7.362  -10.017 11.256  1.00 29.27 ? 71   LEU A C   1 
ATOM   578  O  O   . LEU A 1 71 ? -6.981  -10.583 12.282  1.00 29.23 ? 71   LEU A O   1 
ATOM   579  C  CB  . LEU A 1 71 ? -9.084  -8.210  11.181  1.00 23.61 ? 71   LEU A CB  1 
ATOM   580  C  CG  . LEU A 1 71 ? -9.465  -6.800  11.634  1.00 24.73 ? 71   LEU A CG  1 
ATOM   581  C  CD1 . LEU A 1 71 ? -10.954 -6.571  11.431  1.00 25.20 ? 71   LEU A CD1 1 
ATOM   582  C  CD2 . LEU A 1 71 ? -9.099  -6.631  13.102  1.00 22.98 ? 71   LEU A CD2 1 
ATOM   583  N  N   . LYS A 1 72 ? -7.590  -10.661 10.118  1.00 32.82 ? 72   LYS A N   1 
ATOM   584  C  CA  . LYS A 1 72 ? -7.406  -12.099 10.020  1.00 37.38 ? 72   LYS A CA  1 
ATOM   585  C  C   . LYS A 1 72 ? -5.977  -12.484 10.382  1.00 37.11 ? 72   LYS A C   1 
ATOM   586  O  O   . LYS A 1 72 ? -5.727  -13.595 10.835  1.00 37.89 ? 72   LYS A O   1 
ATOM   587  C  CB  . LYS A 1 72 ? -7.732  -12.578 8.606   1.00 41.32 ? 72   LYS A CB  1 
ATOM   588  C  CG  . LYS A 1 72 ? -9.200  -12.459 8.250   1.00 46.18 ? 72   LYS A CG  1 
ATOM   589  C  CD  . LYS A 1 72 ? -9.443  -12.779 6.780   1.00 51.14 ? 72   LYS A CD  1 
ATOM   590  C  CE  . LYS A 1 72 ? -10.933 -12.789 6.461   1.00 53.67 ? 72   LYS A CE  1 
ATOM   591  N  NZ  . LYS A 1 72 ? -11.604 -11.533 6.889   1.00 55.91 ? 72   LYS A NZ  1 
ATOM   592  N  N   . PHE A 1 73 ? -5.046  -11.555 10.213  1.00 39.25 ? 73   PHE A N   1 
ATOM   593  C  CA  . PHE A 1 73 ? -3.640  -11.834 10.460  1.00 40.71 ? 73   PHE A CA  1 
ATOM   594  C  C   . PHE A 1 73 ? -3.253  -11.773 11.936  1.00 42.37 ? 73   PHE A C   1 
ATOM   595  O  O   . PHE A 1 73 ? -2.503  -12.610 12.419  1.00 39.33 ? 73   PHE A O   1 
ATOM   596  C  CB  . PHE A 1 73 ? -2.758  -10.888 9.656   1.00 41.25 ? 73   PHE A CB  1 
ATOM   597  C  CG  . PHE A 1 73 ? -1.369  -11.399 9.445   1.00 44.42 ? 73   PHE A CG  1 
ATOM   598  C  CD1 . PHE A 1 73 ? -1.120  -12.394 8.513   1.00 45.58 ? 73   PHE A CD1 1 
ATOM   599  C  CD2 . PHE A 1 73 ? -0.315  -10.897 10.179  1.00 45.28 ? 73   PHE A CD2 1 
ATOM   600  C  CE1 . PHE A 1 73 ? 0.154   -12.870 8.315   1.00 46.96 ? 73   PHE A CE1 1 
ATOM   601  C  CE2 . PHE A 1 73 ? 0.963   -11.370 9.989   1.00 46.23 ? 73   PHE A CE2 1 
ATOM   602  C  CZ  . PHE A 1 73 ? 1.199   -12.359 9.053   1.00 47.28 ? 73   PHE A CZ  1 
ATOM   603  N  N   . LEU A 1 74 ? -3.758  -10.773 12.643  1.00 43.25 ? 74   LEU A N   1 
ATOM   604  C  CA  . LEU A 1 74 ? -4.045  -10.930 14.057  1.00 47.43 ? 74   LEU A CA  1 
ATOM   605  C  C   . LEU A 1 74 ? -5.006  -12.103 14.221  1.00 51.65 ? 74   LEU A C   1 
ATOM   606  O  O   . LEU A 1 74 ? -5.492  -12.655 13.234  1.00 53.33 ? 74   LEU A O   1 
ATOM   607  C  CB  . LEU A 1 74 ? -4.637  -9.640  14.626  1.00 46.24 ? 74   LEU A CB  1 
ATOM   608  C  CG  . LEU A 1 74 ? -4.036  -8.344  14.075  1.00 44.41 ? 74   LEU A CG  1 
ATOM   609  C  CD1 . LEU A 1 74 ? -4.548  -7.123  14.820  1.00 44.43 ? 74   LEU A CD1 1 
ATOM   610  C  CD2 . LEU A 1 74 ? -2.524  -8.386  14.089  1.00 42.72 ? 74   LEU A CD2 1 
ATOM   611  N  N   . GLU A 1 75 ? -5.273  -12.500 15.457  1.00 56.76 ? 75   GLU A N   1 
ATOM   612  C  CA  . GLU A 1 75 ? -6.121  -13.663 15.692  1.00 61.71 ? 75   GLU A CA  1 
ATOM   613  C  C   . GLU A 1 75 ? -5.683  -14.833 14.814  1.00 61.57 ? 75   GLU A C   1 
ATOM   614  O  O   . GLU A 1 75 ? -4.519  -15.230 14.817  1.00 61.55 ? 75   GLU A O   1 
ATOM   615  C  CB  . GLU A 1 75 ? -7.580  -13.322 15.388  1.00 63.69 ? 75   GLU A CB  1 
ATOM   616  C  CG  . GLU A 1 75 ? -7.995  -13.629 13.960  1.00 69.29 ? 75   GLU A CG  1 
ATOM   617  C  CD  . GLU A 1 75 ? -9.381  -14.234 13.868  1.00 72.18 ? 75   GLU A CD  1 
ATOM   618  O  OE1 . GLU A 1 75 ? -9.786  -14.944 14.813  1.00 74.89 ? 75   GLU A OE1 1 
ATOM   619  O  OE2 . GLU A 1 75 ? -10.068 -14.001 12.851  1.00 73.16 ? 75   GLU A OE2 1 
ATOM   620  N  N   . TYR B 1 4  ? 19.330  2.160   0.805   1.00 42.08 ? 4    TYR B N   1 
ATOM   621  C  CA  . TYR B 1 4  ? 18.549  3.078   -0.050  1.00 42.83 ? 4    TYR B CA  1 
ATOM   622  C  C   . TYR B 1 4  ? 18.180  2.542   -1.442  1.00 40.27 ? 4    TYR B C   1 
ATOM   623  O  O   . TYR B 1 4  ? 17.597  3.275   -2.227  1.00 41.17 ? 4    TYR B O   1 
ATOM   624  C  CB  . TYR B 1 4  ? 19.280  4.419   -0.190  1.00 46.95 ? 4    TYR B CB  1 
ATOM   625  C  CG  . TYR B 1 4  ? 20.691  4.322   -0.746  1.00 52.41 ? 4    TYR B CG  1 
ATOM   626  C  CD1 . TYR B 1 4  ? 20.925  4.018   -2.087  1.00 55.03 ? 4    TYR B CD1 1 
ATOM   627  C  CD2 . TYR B 1 4  ? 21.796  4.524   0.072   1.00 54.82 ? 4    TYR B CD2 1 
ATOM   628  C  CE1 . TYR B 1 4  ? 22.236  3.921   -2.599  1.00 58.50 ? 4    TYR B CE1 1 
ATOM   629  C  CE2 . TYR B 1 4  ? 23.102  4.429   -0.429  1.00 58.49 ? 4    TYR B CE2 1 
ATOM   630  C  CZ  . TYR B 1 4  ? 23.316  4.126   -1.761  1.00 59.40 ? 4    TYR B CZ  1 
ATOM   631  O  OH  . TYR B 1 4  ? 24.602  4.024   -2.249  1.00 60.99 ? 4    TYR B OH  1 
ATOM   632  N  N   . SER B 1 5  ? 18.499  1.288   -1.761  1.00 36.83 ? 5    SER B N   1 
ATOM   633  C  CA  . SER B 1 5  ? 18.155  0.749   -3.085  1.00 35.09 ? 5    SER B CA  1 
ATOM   634  C  C   . SER B 1 5  ? 16.754  0.128   -3.196  1.00 32.98 ? 5    SER B C   1 
ATOM   635  O  O   . SER B 1 5  ? 16.077  -0.094  -2.189  1.00 31.22 ? 5    SER B O   1 
ATOM   636  C  CB  . SER B 1 5  ? 19.173  -0.292  -3.528  1.00 35.89 ? 5    SER B CB  1 
ATOM   637  O  OG  . SER B 1 5  ? 18.796  -0.860  -4.772  1.00 40.54 ? 5    SER B OG  1 
ATOM   638  N  N   . PHE B 1 6  ? 16.352  -0.195  -4.421  1.00 28.55 ? 6    PHE B N   1 
ATOM   639  C  CA  . PHE B 1 6  ? 15.017  -0.720  -4.666  1.00 26.90 ? 6    PHE B CA  1 
ATOM   640  C  C   . PHE B 1 6  ? 14.752  -2.038  -3.945  1.00 27.43 ? 6    PHE B C   1 
ATOM   641  O  O   . PHE B 1 6  ? 13.771  -2.159  -3.216  1.00 25.05 ? 6    PHE B O   1 
ATOM   642  C  CB  . PHE B 1 6  ? 14.724  -0.873  -6.158  1.00 23.34 ? 6    PHE B CB  1 
ATOM   643  C  CG  . PHE B 1 6  ? 13.402  -1.523  -6.447  1.00 21.01 ? 6    PHE B CG  1 
ATOM   644  C  CD1 . PHE B 1 6  ? 12.228  -0.791  -6.392  1.00 18.52 ? 6    PHE B CD1 1 
ATOM   645  C  CD2 . PHE B 1 6  ? 13.327  -2.867  -6.754  1.00 19.03 ? 6    PHE B CD2 1 
ATOM   646  C  CE1 . PHE B 1 6  ? 11.011  -1.386  -6.646  1.00 15.67 ? 6    PHE B CE1 1 
ATOM   647  C  CE2 . PHE B 1 6  ? 12.114  -3.465  -7.009  1.00 16.98 ? 6    PHE B CE2 1 
ATOM   648  C  CZ  . PHE B 1 6  ? 10.954  -2.723  -6.955  1.00 16.67 ? 6    PHE B CZ  1 
ATOM   649  N  N   . TYR B 1 7  ? 15.616  -3.025  -4.162  1.00 25.20 ? 7    TYR B N   1 
ATOM   650  C  CA  . TYR B 1 7  ? 15.444  -4.311  -3.505  1.00 25.76 ? 7    TYR B CA  1 
ATOM   651  C  C   . TYR B 1 7  ? 15.312  -4.120  -2.004  1.00 25.31 ? 7    TYR B C   1 
ATOM   652  O  O   . TYR B 1 7  ? 14.415  -4.667  -1.377  1.00 26.07 ? 7    TYR B O   1 
ATOM   653  C  CB  . TYR B 1 7  ? 16.605  -5.255  -3.813  1.00 25.80 ? 7    TYR B CB  1 
ATOM   654  C  CG  . TYR B 1 7  ? 16.352  -6.674  -3.372  1.00 23.95 ? 7    TYR B CG  1 
ATOM   655  C  CD1 . TYR B 1 7  ? 15.519  -7.507  -4.101  1.00 25.11 ? 7    TYR B CD1 1 
ATOM   656  C  CD2 . TYR B 1 7  ? 16.930  -7.176  -2.219  1.00 23.78 ? 7    TYR B CD2 1 
ATOM   657  C  CE1 . TYR B 1 7  ? 15.279  -8.800  -3.700  1.00 23.73 ? 7    TYR B CE1 1 
ATOM   658  C  CE2 . TYR B 1 7  ? 16.697  -8.465  -1.810  1.00 24.48 ? 7    TYR B CE2 1 
ATOM   659  C  CZ  . TYR B 1 7  ? 15.871  -9.275  -2.555  1.00 23.60 ? 7    TYR B CZ  1 
ATOM   660  O  OH  . TYR B 1 7  ? 15.636  -10.563 -2.155  1.00 20.81 ? 7    TYR B OH  1 
ATOM   661  N  N   . GLN B 1 8  ? 16.212  -3.331  -1.436  1.00 27.06 ? 8    GLN B N   1 
ATOM   662  C  CA  . GLN B 1 8  ? 16.185  -3.048  -0.011  1.00 27.91 ? 8    GLN B CA  1 
ATOM   663  C  C   . GLN B 1 8  ? 14.854  -2.439  0.404   1.00 24.62 ? 8    GLN B C   1 
ATOM   664  O  O   . GLN B 1 8  ? 14.291  -2.811  1.428   1.00 24.63 ? 8    GLN B O   1 
ATOM   665  C  CB  . GLN B 1 8  ? 17.338  -2.129  0.382   1.00 35.14 ? 8    GLN B CB  1 
ATOM   666  C  CG  . GLN B 1 8  ? 18.578  -2.860  0.877   1.00 45.07 ? 8    GLN B CG  1 
ATOM   667  C  CD  . GLN B 1 8  ? 18.595  -4.323  0.487   1.00 50.16 ? 8    GLN B CD  1 
ATOM   668  O  OE1 . GLN B 1 8  ? 18.488  -5.199  1.344   1.00 52.49 ? 8    GLN B OE1 1 
ATOM   669  N  NE2 . GLN B 1 8  ? 18.730  -4.591  -0.806  1.00 52.74 ? 8    GLN B NE2 1 
ATOM   670  N  N   . PHE B 1 9  ? 14.352  -1.510  -0.402  1.00 20.48 ? 9    PHE B N   1 
ATOM   671  C  CA  . PHE B 1 9  ? 13.032  -0.942  -0.177  1.00 15.99 ? 9    PHE B CA  1 
ATOM   672  C  C   . PHE B 1 9  ? 11.934  -1.998  -0.149  1.00 15.40 ? 9    PHE B C   1 
ATOM   673  O  O   . PHE B 1 9  ? 11.056  -1.958  0.704   1.00 15.17 ? 9    PHE B O   1 
ATOM   674  C  CB  . PHE B 1 9  ? 12.695  0.124   -1.218  1.00 15.20 ? 9    PHE B CB  1 
ATOM   675  C  CG  . PHE B 1 9  ? 11.226  0.417   -1.319  1.00 13.65 ? 9    PHE B CG  1 
ATOM   676  C  CD1 . PHE B 1 9  ? 10.576  1.118   -0.318  1.00 13.87 ? 9    PHE B CD1 1 
ATOM   677  C  CD2 . PHE B 1 9  ? 10.490  -0.023  -2.403  1.00 12.39 ? 9    PHE B CD2 1 
ATOM   678  C  CE1 . PHE B 1 9  ? 9.225   1.378   -0.403  1.00 12.76 ? 9    PHE B CE1 1 
ATOM   679  C  CE2 . PHE B 1 9  ? 9.144   0.236   -2.492  1.00 11.18 ? 9    PHE B CE2 1 
ATOM   680  C  CZ  . PHE B 1 9  ? 8.510   0.938   -1.493  1.00 11.16 ? 9    PHE B CZ  1 
ATOM   681  N  N   . VAL B 1 10 ? 11.973  -2.927  -1.099  1.00 13.98 ? 10   VAL B N   1 
ATOM   682  C  CA  . VAL B 1 10 ? 10.965  -3.976  -1.169  1.00 14.11 ? 10   VAL B CA  1 
ATOM   683  C  C   . VAL B 1 10 ? 10.956  -4.817  0.105   1.00 13.74 ? 10   VAL B C   1 
ATOM   684  O  O   . VAL B 1 10 ? 9.903   -5.209  0.590   1.00 12.31 ? 10   VAL B O   1 
ATOM   685  C  CB  . VAL B 1 10 ? 11.159  -4.891  -2.395  1.00 14.04 ? 10   VAL B CB  1 
ATOM   686  C  CG1 . VAL B 1 10 ? 10.101  -5.985  -2.414  1.00 14.56 ? 10   VAL B CG1 1 
ATOM   687  C  CG2 . VAL B 1 10 ? 11.121  -4.086  -3.685  1.00 12.94 ? 10   VAL B CG2 1 
HETATM 688  N  N   . MSE B 1 11 ? 12.141  -5.078  0.646   1.00 13.91 ? 11   MSE B N   1 
HETATM 689  C  CA  . MSE B 1 11 ? 12.268  -5.727  1.947   1.00 16.74 ? 11   MSE B CA  1 
HETATM 690  C  C   . MSE B 1 11 ? 11.372  -5.090  3.007   1.00 15.13 ? 11   MSE B C   1 
HETATM 691  O  O   . MSE B 1 11 ? 10.809  -5.785  3.842   1.00 15.42 ? 11   MSE B O   1 
HETATM 692  C  CB  . MSE B 1 11 ? 13.724  -5.732  2.411   1.00 18.54 ? 11   MSE B CB  1 
HETATM 693  C  CG  . MSE B 1 11 ? 14.705  -6.201  1.360   1.00 19.64 ? 11   MSE B CG  1 
HETATM 694  SE SE  . MSE B 1 11 ? 14.021  -8.380  1.100   1.00 26.31 ? 11   MSE B SE  1 
HETATM 695  C  CE  . MSE B 1 11 ? 12.878  -8.312  -0.894  1.00 22.08 ? 11   MSE B CE  1 
ATOM   696  N  N   . THR B 1 12 ? 11.236  -3.768  2.961   1.00 14.74 ? 12   THR B N   1 
ATOM   697  C  CA  . THR B 1 12 ? 10.400  -3.061  3.922   1.00 14.98 ? 12   THR B CA  1 
ATOM   698  C  C   . THR B 1 12 ? 8.908   -3.193  3.636   1.00 14.62 ? 12   THR B C   1 
ATOM   699  O  O   . THR B 1 12 ? 8.086   -2.923  4.502   1.00 16.18 ? 12   THR B O   1 
ATOM   700  C  CB  . THR B 1 12 ? 10.793  -1.571  4.008   1.00 15.89 ? 12   THR B CB  1 
ATOM   701  O  OG1 . THR B 1 12 ? 10.236  -0.861  2.897   1.00 14.72 ? 12   THR B OG1 1 
ATOM   702  C  CG2 . THR B 1 12 ? 12.287  -1.400  3.834   1.00 14.47 ? 12   THR B CG2 1 
ATOM   703  N  N   . VAL B 1 13 ? 8.563   -3.602  2.421   1.00 13.12 ? 13   VAL B N   1 
ATOM   704  C  CA  . VAL B 1 13 ? 7.164   -3.787  2.054   1.00 12.28 ? 13   VAL B CA  1 
ATOM   705  C  C   . VAL B 1 13 ? 6.634   -5.172  2.409   1.00 14.74 ? 13   VAL B C   1 
ATOM   706  O  O   . VAL B 1 13 ? 5.435   -5.349  2.588   1.00 14.16 ? 13   VAL B O   1 
ATOM   707  C  CB  . VAL B 1 13 ? 6.908   -3.494  0.561   1.00 12.48 ? 13   VAL B CB  1 
ATOM   708  C  CG1 . VAL B 1 13 ? 5.441   -3.698  0.219   1.00 8.19  ? 13   VAL B CG1 1 
ATOM   709  C  CG2 . VAL B 1 13 ? 7.345   -2.083  0.208   1.00 8.55  ? 13   VAL B CG2 1 
ATOM   710  N  N   . ARG B 1 14 ? 7.529   -6.151  2.511   1.00 15.18 ? 14   ARG B N   1 
ATOM   711  C  CA  . ARG B 1 14 ? 7.128   -7.520  2.815   1.00 15.83 ? 14   ARG B CA  1 
ATOM   712  C  C   . ARG B 1 14 ? 6.249   -7.541  4.046   1.00 17.17 ? 14   ARG B C   1 
ATOM   713  O  O   . ARG B 1 14 ? 6.492   -6.801  4.995   1.00 15.63 ? 14   ARG B O   1 
ATOM   714  C  CB  . ARG B 1 14 ? 8.352   -8.395  3.063   1.00 16.10 ? 14   ARG B CB  1 
ATOM   715  C  CG  . ARG B 1 14 ? 9.236   -8.594  1.847   1.00 16.62 ? 14   ARG B CG  1 
ATOM   716  C  CD  . ARG B 1 14 ? 10.379  -9.524  2.194   1.00 16.58 ? 14   ARG B CD  1 
ATOM   717  N  NE  . ARG B 1 14 ? 9.894   -10.838 2.606   1.00 16.58 ? 14   ARG B NE  1 
ATOM   718  C  CZ  . ARG B 1 14 ? 10.538  -11.631 3.457   1.00 18.96 ? 14   ARG B CZ  1 
ATOM   719  N  NH1 . ARG B 1 14 ? 11.685  -11.235 3.984   1.00 17.50 ? 14   ARG B NH1 1 
ATOM   720  N  NH2 . ARG B 1 14 ? 10.038  -12.818 3.775   1.00 20.25 ? 14   ARG B NH2 1 
ATOM   721  N  N   . GLY B 1 15 ? 5.233   -8.395  4.034   1.00 18.24 ? 15   GLY B N   1 
ATOM   722  C  CA  . GLY B 1 15 ? 4.337   -8.473  5.174   1.00 18.16 ? 15   GLY B CA  1 
ATOM   723  C  C   . GLY B 1 15 ? 3.065   -7.666  4.988   1.00 19.43 ? 15   GLY B C   1 
ATOM   724  O  O   . GLY B 1 15 ? 2.031   -8.004  5.562   1.00 18.66 ? 15   GLY B O   1 
ATOM   725  N  N   . ARG B 1 16 ? 3.122   -6.609  4.179   1.00 18.99 ? 16   ARG B N   1 
ATOM   726  C  CA  . ARG B 1 16 ? 1.949   -5.770  3.950   1.00 18.65 ? 16   ARG B CA  1 
ATOM   727  C  C   . ARG B 1 16 ? 0.790   -6.584  3.366   1.00 18.77 ? 16   ARG B C   1 
ATOM   728  O  O   . ARG B 1 16 ? 0.960   -7.307  2.382   1.00 18.28 ? 16   ARG B O   1 
ATOM   729  C  CB  . ARG B 1 16 ? 2.304   -4.612  3.017   1.00 18.58 ? 16   ARG B CB  1 
ATOM   730  C  CG  . ARG B 1 16 ? 1.505   -3.363  3.287   1.00 21.45 ? 16   ARG B CG  1 
ATOM   731  C  CD  . ARG B 1 16 ? 2.390   -2.133  3.189   1.00 23.47 ? 16   ARG B CD  1 
ATOM   732  N  NE  . ARG B 1 16 ? 2.437   -1.646  1.825   1.00 21.03 ? 16   ARG B NE  1 
ATOM   733  C  CZ  . ARG B 1 16 ? 3.330   -0.787  1.360   1.00 19.26 ? 16   ARG B CZ  1 
ATOM   734  N  NH1 . ARG B 1 16 ? 4.284   -0.308  2.147   1.00 16.08 ? 16   ARG B NH1 1 
ATOM   735  N  NH2 . ARG B 1 16 ? 3.245   -0.392  0.101   1.00 19.89 ? 16   ARG B NH2 1 
ATOM   736  N  N   . HIS B 1 17 ? -0.388  -6.454  3.963   1.00 18.09 ? 17   HIS B N   1 
ATOM   737  C  CA  . HIS B 1 17 ? -1.530  -7.266  3.560   1.00 19.26 ? 17   HIS B CA  1 
ATOM   738  C  C   . HIS B 1 17 ? -2.294  -6.667  2.384   1.00 19.39 ? 17   HIS B C   1 
ATOM   739  O  O   . HIS B 1 17 ? -3.481  -6.364  2.480   1.00 18.22 ? 17   HIS B O   1 
ATOM   740  C  CB  . HIS B 1 17 ? -2.446  -7.545  4.746   1.00 20.45 ? 17   HIS B CB  1 
ATOM   741  C  CG  . HIS B 1 17 ? -1.762  -8.245  5.876   1.00 21.17 ? 17   HIS B CG  1 
ATOM   742  N  ND1 . HIS B 1 17 ? -1.295  -7.580  6.988   1.00 21.95 ? 17   HIS B ND1 1 
ATOM   743  C  CD2 . HIS B 1 17 ? -1.443  -9.547  6.054   1.00 21.05 ? 17   HIS B CD2 1 
ATOM   744  C  CE1 . HIS B 1 17 ? -0.729  -8.446  7.808   1.00 21.47 ? 17   HIS B CE1 1 
ATOM   745  N  NE2 . HIS B 1 17 ? -0.806  -9.646  7.264   1.00 23.51 ? 17   HIS B NE2 1 
ATOM   746  N  N   . ASP B 1 18 ? -1.590  -6.508  1.271   1.00 17.77 ? 18   ASP B N   1 
ATOM   747  C  CA  . ASP B 1 18 ? -2.217  -6.185  0.001   1.00 17.38 ? 18   ASP B CA  1 
ATOM   748  C  C   . ASP B 1 18 ? -1.341  -6.608  -1.171  1.00 16.75 ? 18   ASP B C   1 
ATOM   749  O  O   . ASP B 1 18 ? -0.343  -7.297  -0.993  1.00 18.36 ? 18   ASP B O   1 
ATOM   750  C  CB  . ASP B 1 18 ? -2.556  -4.692  -0.075  1.00 16.64 ? 18   ASP B CB  1 
ATOM   751  C  CG  . ASP B 1 18 ? -1.328  -3.812  -0.263  1.00 18.48 ? 18   ASP B CG  1 
ATOM   752  O  OD1 . ASP B 1 18 ? -0.203  -4.341  -0.305  1.00 15.84 ? 18   ASP B OD1 1 
ATOM   753  O  OD2 . ASP B 1 18 ? -1.400  -2.575  -0.371  1.00 15.56 ? 18   ASP B OD2 1 
ATOM   754  N  N   . ASP B 1 19 ? -1.723  -6.192  -2.369  1.00 15.91 ? 19   ASP B N   1 
ATOM   755  C  CA  . ASP B 1 19 ? -1.094  -6.689  -3.579  1.00 16.85 ? 19   ASP B CA  1 
ATOM   756  C  C   . ASP B 1 19 ? 0.383   -6.323  -3.628  1.00 17.24 ? 19   ASP B C   1 
ATOM   757  O  O   . ASP B 1 19 ? 1.181   -7.055  -4.204  1.00 16.19 ? 19   ASP B O   1 
ATOM   758  C  CB  . ASP B 1 19 ? -1.814  -6.173  -4.822  1.00 17.87 ? 19   ASP B CB  1 
ATOM   759  C  CG  . ASP B 1 19 ? -3.048  -6.984  -5.159  1.00 18.94 ? 19   ASP B CG  1 
ATOM   760  O  OD1 . ASP B 1 19 ? -3.191  -8.104  -4.639  1.00 17.97 ? 19   ASP B OD1 1 
ATOM   761  O  OD2 . ASP B 1 19 ? -3.930  -6.578  -5.934  1.00 22.64 ? 19   ASP B OD2 1 
ATOM   762  N  N   . LYS B 1 20 ? 0.744   -5.196  -3.019  1.00 15.35 ? 20   LYS B N   1 
ATOM   763  C  CA  . LYS B 1 20 ? 2.144   -4.787  -2.982  1.00 15.47 ? 20   LYS B CA  1 
ATOM   764  C  C   . LYS B 1 20 ? 2.931   -5.733  -2.090  1.00 14.06 ? 20   LYS B C   1 
ATOM   765  O  O   . LYS B 1 20 ? 4.048   -6.138  -2.429  1.00 14.11 ? 20   LYS B O   1 
ATOM   766  C  CB  . LYS B 1 20 ? 2.292   -3.366  -2.456  1.00 16.88 ? 20   LYS B CB  1 
ATOM   767  C  CG  . LYS B 1 20 ? 1.950   -2.293  -3.452  1.00 21.55 ? 20   LYS B CG  1 
ATOM   768  C  CD  . LYS B 1 20 ? 2.331   -0.949  -2.873  1.00 22.07 ? 20   LYS B CD  1 
ATOM   769  C  CE  . LYS B 1 20 ? 1.741   0.180   -3.660  1.00 21.31 ? 20   LYS B CE  1 
ATOM   770  N  NZ  . LYS B 1 20 ? 2.211   1.478   -3.117  1.00 23.38 ? 20   LYS B NZ  1 
ATOM   771  N  N   . GLY B 1 21 ? 2.351   -6.064  -0.940  1.00 13.07 ? 21   GLY B N   1 
ATOM   772  C  CA  . GLY B 1 21 ? 3.007   -6.984  -0.032  1.00 14.68 ? 21   GLY B CA  1 
ATOM   773  C  C   . GLY B 1 21 ? 3.211   -8.313  -0.749  1.00 15.98 ? 21   GLY B C   1 
ATOM   774  O  O   . GLY B 1 21 ? 4.221   -8.991  -0.550  1.00 14.63 ? 21   GLY B O   1 
ATOM   775  N  N   . ARG B 1 22 ? 2.246   -8.672  -1.597  1.00 16.55 ? 22   ARG B N   1 
ATOM   776  C  CA  . ARG B 1 22 ? 2.311   -9.912  -2.360  1.00 18.10 ? 22   ARG B CA  1 
ATOM   777  C  C   . ARG B 1 22 ? 3.401   -9.866  -3.431  1.00 16.37 ? 22   ARG B C   1 
ATOM   778  O  O   . ARG B 1 22 ? 4.143   -10.830 -3.599  1.00 16.27 ? 22   ARG B O   1 
ATOM   779  C  CB  . ARG B 1 22 ? 0.942   -10.236 -2.978  1.00 21.99 ? 22   ARG B CB  1 
ATOM   780  C  CG  . ARG B 1 22 ? -0.049  -10.788 -1.946  1.00 28.66 ? 22   ARG B CG  1 
ATOM   781  C  CD  . ARG B 1 22 ? -1.402  -11.199 -2.538  1.00 34.20 ? 22   ARG B CD  1 
ATOM   782  N  NE  . ARG B 1 22 ? -2.414  -10.148 -2.452  1.00 38.88 ? 22   ARG B NE  1 
ATOM   783  C  CZ  . ARG B 1 22 ? -2.885  -9.651  -1.311  1.00 40.52 ? 22   ARG B CZ  1 
ATOM   784  N  NH1 . ARG B 1 22 ? -2.438  -10.105 -0.145  1.00 40.45 ? 22   ARG B NH1 1 
ATOM   785  N  NH2 . ARG B 1 22 ? -3.805  -8.697  -1.337  1.00 40.75 ? 22   ARG B NH2 1 
ATOM   786  N  N   . LEU B 1 23 ? 3.509   -8.754  -4.153  1.00 14.62 ? 23   LEU B N   1 
ATOM   787  C  CA  . LEU B 1 23 ? 4.545   -8.643  -5.165  1.00 12.22 ? 23   LEU B CA  1 
ATOM   788  C  C   . LEU B 1 23 ? 5.887   -8.672  -4.437  1.00 10.76 ? 23   LEU B C   1 
ATOM   789  O  O   . LEU B 1 23 ? 6.817   -9.362  -4.850  1.00 9.83  ? 23   LEU B O   1 
ATOM   790  C  CB  . LEU B 1 23 ? 4.390   -7.341  -5.952  1.00 10.10 ? 23   LEU B CB  1 
ATOM   791  C  CG  . LEU B 1 23 ? 5.416   -7.087  -7.064  1.00 12.87 ? 23   LEU B CG  1 
ATOM   792  C  CD1 . LEU B 1 23 ? 5.554   -8.314  -7.951  1.00 12.63 ? 23   LEU B CD1 1 
ATOM   793  C  CD2 . LEU B 1 23 ? 4.993   -5.873  -7.895  1.00 9.56  ? 23   LEU B CD2 1 
ATOM   794  N  N   . ALA B 1 24 ? 5.974   -7.937  -3.334  1.00 12.66 ? 24   ALA B N   1 
ATOM   795  C  CA  . ALA B 1 24 ? 7.202   -7.880  -2.551  1.00 12.87 ? 24   ALA B CA  1 
ATOM   796  C  C   . ALA B 1 24 ? 7.658   -9.286  -2.148  1.00 13.53 ? 24   ALA B C   1 
ATOM   797  O  O   . ALA B 1 24 ? 8.848   -9.594  -2.200  1.00 13.27 ? 24   ALA B O   1 
ATOM   798  C  CB  . ALA B 1 24 ? 6.992   -7.025  -1.314  1.00 13.96 ? 24   ALA B CB  1 
ATOM   799  N  N   . GLU B 1 25 ? 6.716   -10.134 -1.741  1.00 14.71 ? 25   GLU B N   1 
ATOM   800  C  CA  . GLU B 1 25 ? 7.058   -11.496 -1.353  1.00 16.70 ? 25   GLU B CA  1 
ATOM   801  C  C   . GLU B 1 25 ? 7.533   -12.317 -2.563  1.00 17.90 ? 25   GLU B C   1 
ATOM   802  O  O   . GLU B 1 25 ? 8.432   -13.153 -2.436  1.00 17.54 ? 25   GLU B O   1 
ATOM   803  C  CB  . GLU B 1 25 ? 5.861   -12.188 -0.697  1.00 17.48 ? 25   GLU B CB  1 
ATOM   804  C  CG  . GLU B 1 25 ? 6.247   -13.324 0.258   1.00 19.03 ? 25   GLU B CG  1 
ATOM   805  C  CD  . GLU B 1 25 ? 7.167   -12.856 1.372   1.00 19.53 ? 25   GLU B CD  1 
ATOM   806  O  OE1 . GLU B 1 25 ? 7.134   -11.659 1.709   1.00 18.21 ? 25   GLU B OE1 1 
ATOM   807  O  OE2 . GLU B 1 25 ? 7.910   -13.685 1.923   1.00 19.25 ? 25   GLU B OE2 1 
ATOM   808  N  N   . GLU B 1 26 ? 6.945   -12.073 -3.730  1.00 18.32 ? 26   GLU B N   1 
ATOM   809  C  CA  . GLU B 1 26 ? 7.347   -12.786 -4.927  1.00 20.45 ? 26   GLU B CA  1 
ATOM   810  C  C   . GLU B 1 26 ? 8.777   -12.381 -5.285  1.00 20.16 ? 26   GLU B C   1 
ATOM   811  O  O   . GLU B 1 26 ? 9.582   -13.219 -5.697  1.00 18.55 ? 26   GLU B O   1 
ATOM   812  C  CB  . GLU B 1 26 ? 6.415   -12.454 -6.084  1.00 23.24 ? 26   GLU B CB  1 
ATOM   813  C  CG  . GLU B 1 26 ? 4.972   -12.850 -5.832  1.00 29.35 ? 26   GLU B CG  1 
ATOM   814  C  CD  . GLU B 1 26 ? 4.081   -12.637 -7.042  1.00 32.75 ? 26   GLU B CD  1 
ATOM   815  O  OE1 . GLU B 1 26 ? 4.133   -11.535 -7.643  1.00 34.98 ? 26   GLU B OE1 1 
ATOM   816  O  OE2 . GLU B 1 26 ? 3.324   -13.569 -7.384  1.00 34.79 ? 26   GLU B OE2 1 
ATOM   817  N  N   . ILE B 1 27 ? 9.088   -11.093 -5.130  1.00 18.41 ? 27   ILE B N   1 
ATOM   818  C  CA  . ILE B 1 27 ? 10.431  -10.616 -5.424  1.00 19.01 ? 27   ILE B CA  1 
ATOM   819  C  C   . ILE B 1 27 ? 11.402  -11.279 -4.453  1.00 20.94 ? 27   ILE B C   1 
ATOM   820  O  O   . ILE B 1 27 ? 12.459  -11.778 -4.850  1.00 20.76 ? 27   ILE B O   1 
ATOM   821  C  CB  . ILE B 1 27 ? 10.514  -9.089  -5.325  1.00 18.41 ? 27   ILE B CB  1 
ATOM   822  C  CG1 . ILE B 1 27 ? 9.761   -8.468  -6.500  1.00 16.55 ? 27   ILE B CG1 1 
ATOM   823  C  CG2 . ILE B 1 27 ? 11.960  -8.648  -5.284  1.00 16.70 ? 27   ILE B CG2 1 
ATOM   824  C  CD1 . ILE B 1 27 ? 9.654   -6.985  -6.459  1.00 20.07 ? 27   ILE B CD1 1 
ATOM   825  N  N   . PHE B 1 28 ? 11.054  -11.279 -3.173  1.00 20.95 ? 28   PHE B N   1 
ATOM   826  C  CA  . PHE B 1 28 ? 11.869  -11.959 -2.174  1.00 23.30 ? 28   PHE B CA  1 
ATOM   827  C  C   . PHE B 1 28 ? 12.142  -13.402 -2.588  1.00 24.22 ? 28   PHE B C   1 
ATOM   828  O  O   . PHE B 1 28 ? 13.271  -13.871 -2.520  1.00 24.41 ? 28   PHE B O   1 
ATOM   829  C  CB  . PHE B 1 28 ? 11.197  -11.917 -0.798  1.00 24.28 ? 28   PHE B CB  1 
ATOM   830  C  CG  . PHE B 1 28 ? 12.028  -12.516 0.303   1.00 25.95 ? 28   PHE B CG  1 
ATOM   831  C  CD1 . PHE B 1 28 ? 13.208  -11.917 0.703   1.00 24.80 ? 28   PHE B CD1 1 
ATOM   832  C  CD2 . PHE B 1 28 ? 11.628  -13.680 0.938   1.00 26.95 ? 28   PHE B CD2 1 
ATOM   833  C  CE1 . PHE B 1 28 ? 13.971  -12.467 1.712   1.00 24.92 ? 28   PHE B CE1 1 
ATOM   834  C  CE2 . PHE B 1 28 ? 12.392  -14.233 1.947   1.00 26.14 ? 28   PHE B CE2 1 
ATOM   835  C  CZ  . PHE B 1 28 ? 13.562  -13.624 2.334   1.00 23.49 ? 28   PHE B CZ  1 
ATOM   836  N  N   . ASP B 1 29 ? 11.095  -14.096 -3.022  1.00 23.82 ? 29   ASP B N   1 
ATOM   837  C  CA  . ASP B 1 29 ? 11.176  -15.520 -3.311  1.00 24.83 ? 29   ASP B CA  1 
ATOM   838  C  C   . ASP B 1 29 ? 11.993  -15.813 -4.565  1.00 24.91 ? 29   ASP B C   1 
ATOM   839  O  O   . ASP B 1 29 ? 12.450  -16.931 -4.763  1.00 26.02 ? 29   ASP B O   1 
ATOM   840  C  CB  . ASP B 1 29 ? 9.779   -16.122 -3.446  1.00 26.00 ? 29   ASP B CB  1 
ATOM   841  C  CG  . ASP B 1 29 ? 9.083   -16.273 -2.115  1.00 27.28 ? 29   ASP B CG  1 
ATOM   842  O  OD1 . ASP B 1 29 ? 9.778   -16.386 -1.090  1.00 24.17 ? 29   ASP B OD1 1 
ATOM   843  O  OD2 . ASP B 1 29 ? 7.844   -16.285 -1.996  1.00 30.33 ? 29   ASP B OD2 1 
ATOM   844  N  N   . ASP B 1 30 ? 12.166  -14.805 -5.409  1.00 22.98 ? 30   ASP B N   1 
ATOM   845  C  CA  . ASP B 1 30 ? 12.854  -14.987 -6.679  1.00 21.83 ? 30   ASP B CA  1 
ATOM   846  C  C   . ASP B 1 30 ? 14.361  -14.896 -6.493  1.00 22.24 ? 30   ASP B C   1 
ATOM   847  O  O   . ASP B 1 30 ? 14.927  -13.808 -6.433  1.00 20.15 ? 30   ASP B O   1 
ATOM   848  C  CB  . ASP B 1 30 ? 12.375  -13.963 -7.703  1.00 21.51 ? 30   ASP B CB  1 
ATOM   849  C  CG  . ASP B 1 30 ? 13.016  -14.151 -9.068  1.00 23.54 ? 30   ASP B CG  1 
ATOM   850  O  OD1 . ASP B 1 30 ? 13.722  -15.156 -9.272  1.00 25.06 ? 30   ASP B OD1 1 
ATOM   851  O  OD2 . ASP B 1 30 ? 12.868  -13.340 -9.994  1.00 23.46 ? 30   ASP B OD2 1 
ATOM   852  N  N   . LEU B 1 31 ? 15.001  -16.053 -6.398  1.00 23.42 ? 31   LEU B N   1 
ATOM   853  C  CA  . LEU B 1 31 ? 16.404  -16.131 -6.023  1.00 24.37 ? 31   LEU B CA  1 
ATOM   854  C  C   . LEU B 1 31 ? 17.285  -15.367 -7.001  1.00 23.58 ? 31   LEU B C   1 
ATOM   855  O  O   . LEU B 1 31 ? 18.367  -14.914 -6.649  1.00 21.76 ? 31   LEU B O   1 
ATOM   856  C  CB  . LEU B 1 31 ? 16.848  -17.590 -5.949  1.00 28.95 ? 31   LEU B CB  1 
ATOM   857  C  CG  . LEU B 1 31 ? 16.272  -18.412 -4.797  1.00 32.55 ? 31   LEU B CG  1 
ATOM   858  C  CD1 . LEU B 1 31 ? 17.365  -19.235 -4.149  1.00 36.69 ? 31   LEU B CD1 1 
ATOM   859  C  CD2 . LEU B 1 31 ? 15.602  -17.512 -3.777  1.00 34.92 ? 31   LEU B CD2 1 
ATOM   860  N  N   . ALA B 1 32 ? 16.813  -15.231 -8.233  1.00 24.74 ? 32   ALA B N   1 
ATOM   861  C  CA  . ALA B 1 32 ? 17.613  -14.640 -9.295  1.00 23.21 ? 32   ALA B CA  1 
ATOM   862  C  C   . ALA B 1 32 ? 17.217  -13.194 -9.578  1.00 22.46 ? 32   ALA B C   1 
ATOM   863  O  O   . ALA B 1 32 ? 17.673  -12.602 -10.551 1.00 22.57 ? 32   ALA B O   1 
ATOM   864  C  CB  . ALA B 1 32 ? 17.517  -15.477 -10.559 1.00 23.67 ? 32   ALA B CB  1 
ATOM   865  N  N   . PHE B 1 33 ? 16.368  -12.627 -8.728  1.00 21.46 ? 33   PHE B N   1 
ATOM   866  C  CA  . PHE B 1 33 ? 16.034  -11.214 -8.838  1.00 20.71 ? 33   PHE B CA  1 
ATOM   867  C  C   . PHE B 1 33 ? 17.285  -10.350 -8.815  1.00 21.22 ? 33   PHE B C   1 
ATOM   868  O  O   . PHE B 1 33 ? 18.165  -10.546 -7.985  1.00 22.13 ? 33   PHE B O   1 
ATOM   869  C  CB  . PHE B 1 33 ? 15.071  -10.777 -7.734  1.00 18.77 ? 33   PHE B CB  1 
ATOM   870  C  CG  . PHE B 1 33 ? 14.276  -9.554  -8.085  1.00 16.77 ? 33   PHE B CG  1 
ATOM   871  C  CD1 . PHE B 1 33 ? 13.058  -9.666  -8.732  1.00 15.04 ? 33   PHE B CD1 1 
ATOM   872  C  CD2 . PHE B 1 33 ? 14.754  -8.292  -7.786  1.00 13.95 ? 33   PHE B CD2 1 
ATOM   873  C  CE1 . PHE B 1 33 ? 12.331  -8.544  -9.064  1.00 13.20 ? 33   PHE B CE1 1 
ATOM   874  C  CE2 . PHE B 1 33 ? 14.033  -7.169  -8.117  1.00 13.22 ? 33   PHE B CE2 1 
ATOM   875  C  CZ  . PHE B 1 33 ? 12.819  -7.295  -8.754  1.00 14.75 ? 33   PHE B CZ  1 
ATOM   876  N  N   . PRO B 1 34 ? 17.362  -9.396  -9.732  1.00 20.06 ? 34   PRO B N   1 
ATOM   877  C  CA  . PRO B 1 34 ? 18.481  -8.455  -9.744  1.00 20.40 ? 34   PRO B CA  1 
ATOM   878  C  C   . PRO B 1 34 ? 18.396  -7.479  -8.575  1.00 21.43 ? 34   PRO B C   1 
ATOM   879  O  O   . PRO B 1 34 ? 17.700  -6.476  -8.662  1.00 21.17 ? 34   PRO B O   1 
ATOM   880  C  CB  . PRO B 1 34 ? 18.316  -7.731  -11.080 1.00 18.77 ? 34   PRO B CB  1 
ATOM   881  C  CG  . PRO B 1 34 ? 16.873  -7.805  -11.385 1.00 19.22 ? 34   PRO B CG  1 
ATOM   882  C  CD  . PRO B 1 34 ? 16.324  -9.027  -10.707 1.00 19.25 ? 34   PRO B CD  1 
ATOM   883  N  N   . LYS B 1 35 ? 19.101  -7.793  -7.494  1.00 23.64 ? 35   LYS B N   1 
ATOM   884  C  CA  . LYS B 1 35 ? 18.904  -7.125  -6.211  1.00 26.15 ? 35   LYS B CA  1 
ATOM   885  C  C   . LYS B 1 35 ? 19.648  -5.797  -6.169  1.00 26.47 ? 35   LYS B C   1 
ATOM   886  O  O   . LYS B 1 35 ? 19.666  -5.117  -5.150  1.00 25.19 ? 35   LYS B O   1 
ATOM   887  C  CB  . LYS B 1 35 ? 19.391  -8.011  -5.062  1.00 26.13 ? 35   LYS B CB  1 
ATOM   888  C  CG  . LYS B 1 35 ? 18.688  -9.343  -4.941  1.00 29.85 ? 35   LYS B CG  1 
ATOM   889  C  CD  . LYS B 1 35 ? 19.226  -10.132 -3.761  1.00 33.00 ? 35   LYS B CD  1 
ATOM   890  C  CE  . LYS B 1 35 ? 19.110  -11.630 -3.988  1.00 35.13 ? 35   LYS B CE  1 
ATOM   891  N  NZ  . LYS B 1 35 ? 20.275  -12.177 -4.737  1.00 38.90 ? 35   LYS B NZ  1 
ATOM   892  N  N   . HIS B 1 36 ? 20.279  -5.441  -7.278  1.00 27.74 ? 36   HIS B N   1 
ATOM   893  C  CA  . HIS B 1 36 ? 21.216  -4.332  -7.286  1.00 30.44 ? 36   HIS B CA  1 
ATOM   894  C  C   . HIS B 1 36 ? 20.786  -3.260  -8.269  1.00 30.38 ? 36   HIS B C   1 
ATOM   895  O  O   . HIS B 1 36 ? 21.445  -2.236  -8.411  1.00 31.90 ? 36   HIS B O   1 
ATOM   896  C  CB  . HIS B 1 36 ? 22.625  -4.825  -7.604  1.00 34.08 ? 36   HIS B CB  1 
ATOM   897  C  CG  . HIS B 1 36 ? 23.212  -5.686  -6.533  1.00 37.80 ? 36   HIS B CG  1 
ATOM   898  N  ND1 . HIS B 1 36 ? 23.691  -5.174  -5.348  1.00 39.82 ? 36   HIS B ND1 1 
ATOM   899  C  CD2 . HIS B 1 36 ? 23.382  -7.026  -6.459  1.00 39.35 ? 36   HIS B CD2 1 
ATOM   900  C  CE1 . HIS B 1 36 ? 24.136  -6.160  -4.593  1.00 41.01 ? 36   HIS B CE1 1 
ATOM   901  N  NE2 . HIS B 1 36 ? 23.961  -7.295  -5.244  1.00 40.70 ? 36   HIS B NE2 1 
ATOM   902  N  N   . ASP B 1 37 ? 19.668  -3.503  -8.940  1.00 30.51 ? 37   ASP B N   1 
ATOM   903  C  CA  . ASP B 1 37 ? 19.191  -2.602  -9.973  1.00 31.01 ? 37   ASP B CA  1 
ATOM   904  C  C   . ASP B 1 37 ? 18.131  -1.634  -9.464  1.00 31.40 ? 37   ASP B C   1 
ATOM   905  O  O   . ASP B 1 37 ? 17.218  -2.020  -8.739  1.00 30.12 ? 37   ASP B O   1 
ATOM   906  C  CB  . ASP B 1 37 ? 18.674  -3.392  -11.169 1.00 31.59 ? 37   ASP B CB  1 
ATOM   907  C  CG  . ASP B 1 37 ? 19.792  -3.920  -12.032 1.00 33.28 ? 37   ASP B CG  1 
ATOM   908  O  OD1 . ASP B 1 37 ? 20.447  -3.106  -12.707 1.00 32.69 ? 37   ASP B OD1 1 
ATOM   909  O  OD2 . ASP B 1 37 ? 20.097  -5.126  -12.091 1.00 33.71 ? 37   ASP B OD2 1 
ATOM   910  N  N   . ASP B 1 38 ? 18.275  -0.370  -9.837  1.00 32.01 ? 38   ASP B N   1 
ATOM   911  C  CA  . ASP B 1 38 ? 17.378  0.679   -9.376  1.00 33.57 ? 38   ASP B CA  1 
ATOM   912  C  C   . ASP B 1 38 ? 16.498  1.175   -10.520 1.00 31.47 ? 38   ASP B C   1 
ATOM   913  O  O   . ASP B 1 38 ? 15.485  1.828   -10.292 1.00 31.08 ? 38   ASP B O   1 
ATOM   914  C  CB  . ASP B 1 38 ? 18.174  1.845   -8.789  1.00 38.79 ? 38   ASP B CB  1 
ATOM   915  C  CG  . ASP B 1 38 ? 18.645  1.580   -7.370  1.00 44.39 ? 38   ASP B CG  1 
ATOM   916  O  OD1 . ASP B 1 38 ? 18.500  0.440   -6.888  1.00 46.28 ? 38   ASP B OD1 1 
ATOM   917  O  OD2 . ASP B 1 38 ? 19.177  2.457   -6.660  1.00 48.61 ? 38   ASP B OD2 1 
ATOM   918  N  N   . ASP B 1 39 ? 16.895  0.862   -11.748 1.00 29.13 ? 39   ASP B N   1 
ATOM   919  C  CA  . ASP B 1 39 ? 16.348  1.520   -12.926 1.00 28.43 ? 39   ASP B CA  1 
ATOM   920  C  C   . ASP B 1 39 ? 15.010  0.914   -13.337 1.00 26.97 ? 39   ASP B C   1 
ATOM   921  O  O   . ASP B 1 39 ? 14.857  -0.302  -13.378 1.00 23.10 ? 39   ASP B O   1 
ATOM   922  C  CB  . ASP B 1 39 ? 17.333  1.442   -14.091 1.00 31.48 ? 39   ASP B CB  1 
ATOM   923  C  CG  . ASP B 1 39 ? 16.725  1.899   -15.401 1.00 33.64 ? 39   ASP B CG  1 
ATOM   924  O  OD1 . ASP B 1 39 ? 16.676  3.123   -15.638 1.00 34.61 ? 39   ASP B OD1 1 
ATOM   925  O  OD2 . ASP B 1 39 ? 16.271  1.110   -16.253 1.00 32.96 ? 39   ASP B OD2 1 
ATOM   926  N  N   . PHE B 1 40 ? 14.046  1.774   -13.648 1.00 26.72 ? 40   PHE B N   1 
ATOM   927  C  CA  . PHE B 1 40 ? 12.675  1.338   -13.856 1.00 26.25 ? 40   PHE B CA  1 
ATOM   928  C  C   . PHE B 1 40 ? 12.530  0.340   -15.002 1.00 26.12 ? 40   PHE B C   1 
ATOM   929  O  O   . PHE B 1 40 ? 11.863  -0.676  -14.853 1.00 25.86 ? 40   PHE B O   1 
ATOM   930  C  CB  . PHE B 1 40 ? 11.739  2.526   -14.062 1.00 25.66 ? 40   PHE B CB  1 
ATOM   931  C  CG  . PHE B 1 40 ? 10.338  2.132   -14.429 1.00 26.58 ? 40   PHE B CG  1 
ATOM   932  C  CD1 . PHE B 1 40 ? 9.425   1.782   -13.451 1.00 26.64 ? 40   PHE B CD1 1 
ATOM   933  C  CD2 . PHE B 1 40 ? 9.938   2.097   -15.751 1.00 25.94 ? 40   PHE B CD2 1 
ATOM   934  C  CE1 . PHE B 1 40 ? 8.140   1.416   -13.785 1.00 26.65 ? 40   PHE B CE1 1 
ATOM   935  C  CE2 . PHE B 1 40 ? 8.654   1.729   -16.089 1.00 25.98 ? 40   PHE B CE2 1 
ATOM   936  C  CZ  . PHE B 1 40 ? 7.753   1.390   -15.104 1.00 28.47 ? 40   PHE B CZ  1 
ATOM   937  N  N   . ASN B 1 41 ? 13.151  0.636   -16.141 1.00 25.57 ? 41   ASN B N   1 
ATOM   938  C  CA  . ASN B 1 41 ? 13.063  -0.234  -17.315 1.00 26.54 ? 41   ASN B CA  1 
ATOM   939  C  C   . ASN B 1 41 ? 13.754  -1.587  -17.129 1.00 25.17 ? 41   ASN B C   1 
ATOM   940  O  O   . ASN B 1 41 ? 13.326  -2.598  -17.693 1.00 26.41 ? 41   ASN B O   1 
ATOM   941  C  CB  . ASN B 1 41 ? 13.651  0.470   -18.544 1.00 27.72 ? 41   ASN B CB  1 
ATOM   942  C  CG  . ASN B 1 41 ? 13.010  1.821   -18.809 1.00 30.09 ? 41   ASN B CG  1 
ATOM   943  O  OD1 . ASN B 1 41 ? 11.797  1.926   -18.999 1.00 30.41 ? 41   ASN B OD1 1 
ATOM   944  N  ND2 . ASN B 1 41 ? 13.830  2.866   -18.823 1.00 33.03 ? 41   ASN B ND2 1 
ATOM   945  N  N   . ILE B 1 42 ? 14.832  -1.607  -16.357 1.00 24.48 ? 42   ILE B N   1 
ATOM   946  C  CA  . ILE B 1 42 ? 15.559  -2.845  -16.107 1.00 22.10 ? 42   ILE B CA  1 
ATOM   947  C  C   . ILE B 1 42 ? 14.704  -3.773  -15.258 1.00 19.97 ? 42   ILE B C   1 
ATOM   948  O  O   . ILE B 1 42 ? 14.528  -4.944  -15.588 1.00 20.19 ? 42   ILE B O   1 
ATOM   949  C  CB  . ILE B 1 42 ? 16.886  -2.575  -15.372 1.00 22.86 ? 42   ILE B CB  1 
ATOM   950  C  CG1 . ILE B 1 42 ? 17.846  -1.816  -16.291 1.00 25.63 ? 42   ILE B CG1 1 
ATOM   951  C  CG2 . ILE B 1 42 ? 17.517  -3.890  -14.925 1.00 21.68 ? 42   ILE B CG2 1 
ATOM   952  C  CD1 . ILE B 1 42 ? 18.249  -2.575  -17.533 1.00 27.02 ? 42   ILE B CD1 1 
ATOM   953  N  N   . LEU B 1 43 ? 14.170  -3.245  -14.164 1.00 16.93 ? 43   LEU B N   1 
ATOM   954  C  CA  . LEU B 1 43 ? 13.330  -4.032  -13.268 1.00 16.57 ? 43   LEU B CA  1 
ATOM   955  C  C   . LEU B 1 43 ? 12.028  -4.392  -13.987 1.00 15.92 ? 43   LEU B C   1 
ATOM   956  O  O   . LEU B 1 43 ? 11.516  -5.515  -13.873 1.00 14.36 ? 43   LEU B O   1 
ATOM   957  C  CB  . LEU B 1 43 ? 13.036  -3.227  -11.999 1.00 15.56 ? 43   LEU B CB  1 
ATOM   958  C  CG  . LEU B 1 43 ? 14.276  -2.825  -11.191 1.00 14.91 ? 43   LEU B CG  1 
ATOM   959  C  CD1 . LEU B 1 43 ? 13.918  -1.698  -10.228 1.00 13.87 ? 43   LEU B CD1 1 
ATOM   960  C  CD2 . LEU B 1 43 ? 14.825  -4.040  -10.448 1.00 14.31 ? 43   LEU B CD2 1 
ATOM   961  N  N   . SER B 1 44 ? 11.512  -3.428  -14.742 1.00 16.68 ? 44   SER B N   1 
ATOM   962  C  CA  . SER B 1 44 ? 10.280  -3.615  -15.492 1.00 18.76 ? 44   SER B CA  1 
ATOM   963  C  C   . SER B 1 44 ? 10.414  -4.729  -16.521 1.00 20.53 ? 44   SER B C   1 
ATOM   964  O  O   . SER B 1 44 ? 9.489   -5.521  -16.694 1.00 21.12 ? 44   SER B O   1 
ATOM   965  C  CB  . SER B 1 44 ? 9.884   -2.320  -16.194 1.00 19.49 ? 44   SER B CB  1 
ATOM   966  O  OG  . SER B 1 44 ? 8.660   -2.481  -16.878 1.00 25.58 ? 44   SER B OG  1 
ATOM   967  N  N   . ASP B 1 45 ? 11.560  -4.780  -17.191 1.00 20.68 ? 45   ASP B N   1 
ATOM   968  C  CA  . ASP B 1 45 ? 11.830  -5.811  -18.185 1.00 23.09 ? 45   ASP B CA  1 
ATOM   969  C  C   . ASP B 1 45 ? 11.910  -7.181  -17.522 1.00 21.95 ? 45   ASP B C   1 
ATOM   970  O  O   . ASP B 1 45 ? 11.372  -8.155  -18.031 1.00 21.48 ? 45   ASP B O   1 
ATOM   971  C  CB  . ASP B 1 45 ? 13.129  -5.513  -18.944 1.00 26.66 ? 45   ASP B CB  1 
ATOM   972  C  CG  . ASP B 1 45 ? 12.969  -4.411  -19.981 1.00 30.21 ? 45   ASP B CG  1 
ATOM   973  O  OD1 . ASP B 1 45 ? 11.835  -4.157  -20.429 1.00 33.30 ? 45   ASP B OD1 1 
ATOM   974  O  OD2 . ASP B 1 45 ? 13.929  -3.746  -20.411 1.00 33.06 ? 45   ASP B OD2 1 
ATOM   975  N  N   . TYR B 1 46 ? 12.576  -7.246  -16.376 1.00 20.43 ? 46   TYR B N   1 
ATOM   976  C  CA  . TYR B 1 46 ? 12.699  -8.498  -15.644 1.00 18.95 ? 46   TYR B CA  1 
ATOM   977  C  C   . TYR B 1 46 ? 11.333  -9.049  -15.246 1.00 18.78 ? 46   TYR B C   1 
ATOM   978  O  O   . TYR B 1 46 ? 11.012  -10.198 -15.528 1.00 17.37 ? 46   TYR B O   1 
ATOM   979  C  CB  . TYR B 1 46 ? 13.588  -8.328  -14.409 1.00 18.15 ? 46   TYR B CB  1 
ATOM   980  C  CG  . TYR B 1 46 ? 13.864  -9.629  -13.696 1.00 15.59 ? 46   TYR B CG  1 
ATOM   981  C  CD1 . TYR B 1 46 ? 14.963  -10.404 -14.030 1.00 13.82 ? 46   TYR B CD1 1 
ATOM   982  C  CD2 . TYR B 1 46 ? 13.010  -10.096 -12.711 1.00 11.48 ? 46   TYR B CD2 1 
ATOM   983  C  CE1 . TYR B 1 46 ? 15.210  -11.595 -13.397 1.00 14.62 ? 46   TYR B CE1 1 
ATOM   984  C  CE2 . TYR B 1 46 ? 13.247  -11.287 -12.073 1.00 12.05 ? 46   TYR B CE2 1 
ATOM   985  C  CZ  . TYR B 1 46 ? 14.350  -12.034 -12.418 1.00 14.64 ? 46   TYR B CZ  1 
ATOM   986  O  OH  . TYR B 1 46 ? 14.597  -13.222 -11.784 1.00 15.23 ? 46   TYR B OH  1 
ATOM   987  N  N   . ILE B 1 47 ? 10.533  -8.219  -14.592 1.00 18.65 ? 47   ILE B N   1 
ATOM   988  C  CA  . ILE B 1 47 ? 9.227   -8.643  -14.111 1.00 18.58 ? 47   ILE B CA  1 
ATOM   989  C  C   . ILE B 1 47 ? 8.319   -9.074  -15.259 1.00 18.48 ? 47   ILE B C   1 
ATOM   990  O  O   . ILE B 1 47 ? 7.624   -10.080 -15.161 1.00 17.47 ? 47   ILE B O   1 
ATOM   991  C  CB  . ILE B 1 47 ? 8.568   -7.531  -13.271 1.00 18.47 ? 47   ILE B CB  1 
ATOM   992  C  CG1 . ILE B 1 47 ? 9.339   -7.334  -11.962 1.00 17.26 ? 47   ILE B CG1 1 
ATOM   993  C  CG2 . ILE B 1 47 ? 7.113   -7.861  -12.991 1.00 17.03 ? 47   ILE B CG2 1 
ATOM   994  C  CD1 . ILE B 1 47 ? 8.798   -6.242  -11.096 1.00 16.43 ? 47   ILE B CD1 1 
ATOM   995  N  N   . GLU B 1 48 ? 8.358   -8.314  -16.350 1.00 20.48 ? 48   GLU B N   1 
ATOM   996  C  CA  . GLU B 1 48 ? 7.541   -8.583  -17.528 1.00 22.75 ? 48   GLU B CA  1 
ATOM   997  C  C   . GLU B 1 48 ? 7.814   -9.959  -18.120 1.00 21.93 ? 48   GLU B C   1 
ATOM   998  O  O   . GLU B 1 48 ? 6.904   -10.611 -18.616 1.00 22.63 ? 48   GLU B O   1 
ATOM   999  C  CB  . GLU B 1 48 ? 7.751   -7.507  -18.599 1.00 25.24 ? 48   GLU B CB  1 
ATOM   1000 C  CG  . GLU B 1 48 ? 6.945   -6.236  -18.385 1.00 30.19 ? 48   GLU B CG  1 
ATOM   1001 C  CD  . GLU B 1 48 ? 7.264   -5.154  -19.406 1.00 35.32 ? 48   GLU B CD  1 
ATOM   1002 O  OE1 . GLU B 1 48 ? 8.215   -5.328  -20.190 1.00 37.32 ? 48   GLU B OE1 1 
ATOM   1003 O  OE2 . GLU B 1 48 ? 6.560   -4.127  -19.426 1.00 35.69 ? 48   GLU B OE2 1 
ATOM   1004 N  N   . THR B 1 49 ? 9.069   -10.391 -18.071 1.00 21.87 ? 49   THR B N   1 
ATOM   1005 C  CA  . THR B 1 49 ? 9.492   -11.585 -18.791 1.00 22.57 ? 49   THR B CA  1 
ATOM   1006 C  C   . THR B 1 49 ? 9.615   -12.823 -17.909 1.00 22.89 ? 49   THR B C   1 
ATOM   1007 O  O   . THR B 1 49 ? 10.064  -13.867 -18.367 1.00 21.47 ? 49   THR B O   1 
ATOM   1008 C  CB  . THR B 1 49 ? 10.814  -11.345 -19.532 1.00 23.10 ? 49   THR B CB  1 
ATOM   1009 O  OG1 . THR B 1 49 ? 11.837  -11.002 -18.592 1.00 24.56 ? 49   THR B OG1 1 
ATOM   1010 C  CG2 . THR B 1 49 ? 10.716  -10.124 -20.425 1.00 23.69 ? 49   THR B CG2 1 
ATOM   1011 N  N   . HIS B 1 50 ? 9.219   -12.703 -16.647 1.00 22.90 ? 50   HIS B N   1 
ATOM   1012 C  CA  . HIS B 1 50 ? 9.418   -13.782 -15.689 1.00 23.73 ? 50   HIS B CA  1 
ATOM   1013 C  C   . HIS B 1 50 ? 8.120   -14.286 -15.071 1.00 24.57 ? 50   HIS B C   1 
ATOM   1014 O  O   . HIS B 1 50 ? 7.314   -13.512 -14.562 1.00 24.22 ? 50   HIS B O   1 
ATOM   1015 C  CB  . HIS B 1 50 ? 10.412  -13.380 -14.602 1.00 24.30 ? 50   HIS B CB  1 
ATOM   1016 C  CG  . HIS B 1 50 ? 11.844  -13.530 -15.010 1.00 25.71 ? 50   HIS B CG  1 
ATOM   1017 N  ND1 . HIS B 1 50 ? 12.513  -12.574 -15.742 1.00 25.78 ? 50   HIS B ND1 1 
ATOM   1018 C  CD2 . HIS B 1 50 ? 12.732  -14.529 -14.798 1.00 24.86 ? 50   HIS B CD2 1 
ATOM   1019 C  CE1 . HIS B 1 50 ? 13.752  -12.974 -15.958 1.00 23.58 ? 50   HIS B CE1 1 
ATOM   1020 N  NE2 . HIS B 1 50 ? 13.910  -14.157 -15.396 1.00 24.89 ? 50   HIS B NE2 1 
ATOM   1021 N  N   . GLY B 1 51 ? 7.937   -15.599 -15.112 1.00 24.64 ? 51   GLY B N   1 
ATOM   1022 C  CA  . GLY B 1 51 ? 6.622   -16.194 -14.999 1.00 25.86 ? 51   GLY B CA  1 
ATOM   1023 C  C   . GLY B 1 51 ? 6.114   -16.278 -13.576 1.00 26.48 ? 51   GLY B C   1 
ATOM   1024 O  O   . GLY B 1 51 ? 4.928   -16.489 -13.353 1.00 26.81 ? 51   GLY B O   1 
ATOM   1025 N  N   . ASP B 1 52 ? 7.003   -16.111 -12.603 1.00 26.66 ? 52   ASP B N   1 
ATOM   1026 C  CA  . ASP B 1 52 ? 6.571   -16.120 -11.213 1.00 30.32 ? 52   ASP B CA  1 
ATOM   1027 C  C   . ASP B 1 52 ? 5.806   -14.855 -10.834 1.00 27.53 ? 52   ASP B C   1 
ATOM   1028 O  O   . ASP B 1 52 ? 5.153   -14.802 -9.801  1.00 26.93 ? 52   ASP B O   1 
ATOM   1029 C  CB  . ASP B 1 52 ? 7.737   -16.374 -10.252 1.00 35.83 ? 52   ASP B CB  1 
ATOM   1030 C  CG  . ASP B 1 52 ? 9.034   -15.759 -10.725 1.00 41.33 ? 52   ASP B CG  1 
ATOM   1031 O  OD1 . ASP B 1 52 ? 9.373   -15.897 -11.918 1.00 44.94 ? 52   ASP B OD1 1 
ATOM   1032 O  OD2 . ASP B 1 52 ? 9.790   -15.124 -9.964  1.00 46.80 ? 52   ASP B OD2 1 
ATOM   1033 N  N   . PHE B 1 53 ? 5.883   -13.845 -11.690 1.00 24.83 ? 53   PHE B N   1 
ATOM   1034 C  CA  . PHE B 1 53 ? 5.130   -12.614 -11.495 1.00 24.04 ? 53   PHE B CA  1 
ATOM   1035 C  C   . PHE B 1 53 ? 3.942   -12.558 -12.446 1.00 25.04 ? 53   PHE B C   1 
ATOM   1036 O  O   . PHE B 1 53 ? 4.115   -12.469 -13.655 1.00 27.30 ? 53   PHE B O   1 
ATOM   1037 C  CB  . PHE B 1 53 ? 6.038   -11.399 -11.712 1.00 20.04 ? 53   PHE B CB  1 
ATOM   1038 C  CG  . PHE B 1 53 ? 7.334   -11.465 -10.953 1.00 15.88 ? 53   PHE B CG  1 
ATOM   1039 C  CD1 . PHE B 1 53 ? 7.394   -11.089 -9.624  1.00 15.33 ? 53   PHE B CD1 1 
ATOM   1040 C  CD2 . PHE B 1 53 ? 8.491   -11.904 -11.569 1.00 15.36 ? 53   PHE B CD2 1 
ATOM   1041 C  CE1 . PHE B 1 53 ? 8.583   -11.148 -8.926  1.00 14.79 ? 53   PHE B CE1 1 
ATOM   1042 C  CE2 . PHE B 1 53 ? 9.684   -11.966 -10.874 1.00 16.04 ? 53   PHE B CE2 1 
ATOM   1043 C  CZ  . PHE B 1 53 ? 9.729   -11.590 -9.552  1.00 15.53 ? 53   PHE B CZ  1 
ATOM   1044 N  N   . THR B 1 54 ? 2.735   -12.615 -11.896 1.00 25.80 ? 54   THR B N   1 
ATOM   1045 C  CA  . THR B 1 54 ? 1.525   -12.634 -12.713 1.00 27.20 ? 54   THR B CA  1 
ATOM   1046 C  C   . THR B 1 54 ? 0.477   -11.630 -12.247 1.00 26.30 ? 54   THR B C   1 
ATOM   1047 O  O   . THR B 1 54 ? -0.605  -11.548 -12.824 1.00 26.14 ? 54   THR B O   1 
ATOM   1048 C  CB  . THR B 1 54 ? 0.909   -14.044 -12.753 1.00 28.82 ? 54   THR B CB  1 
ATOM   1049 O  OG1 . THR B 1 54 ? 0.501   -14.427 -11.436 1.00 31.72 ? 54   THR B OG1 1 
ATOM   1050 C  CG2 . THR B 1 54 ? 1.956   -15.082 -13.126 1.00 28.55 ? 54   THR B CG2 1 
ATOM   1051 N  N   . LEU B 1 55 ? 0.797   -10.871 -11.206 1.00 24.78 ? 55   LEU B N   1 
ATOM   1052 C  CA  . LEU B 1 55 ? 0.022   -9.683  -10.880 1.00 23.95 ? 55   LEU B CA  1 
ATOM   1053 C  C   . LEU B 1 55 ? 0.048   -8.686  -12.033 1.00 23.64 ? 55   LEU B C   1 
ATOM   1054 O  O   . LEU B 1 55 ? 1.007   -8.635  -12.788 1.00 23.99 ? 55   LEU B O   1 
ATOM   1055 C  CB  . LEU B 1 55 ? 0.535   -9.036  -9.593  1.00 23.21 ? 55   LEU B CB  1 
ATOM   1056 C  CG  . LEU B 1 55 ? 0.237   -9.809  -8.308  1.00 22.62 ? 55   LEU B CG  1 
ATOM   1057 C  CD1 . LEU B 1 55 ? 1.033   -9.252  -7.148  1.00 23.15 ? 55   LEU B CD1 1 
ATOM   1058 C  CD2 . LEU B 1 55 ? -1.249  -9.789  -8.001  1.00 24.16 ? 55   LEU B CD2 1 
ATOM   1059 N  N   . PRO B 1 56 ? -1.013  -7.901  -12.168 1.00 24.28 ? 56   PRO B N   1 
ATOM   1060 C  CA  . PRO B 1 56 ? -1.041  -6.823  -13.159 1.00 23.89 ? 56   PRO B CA  1 
ATOM   1061 C  C   . PRO B 1 56 ? 0.138   -5.876  -12.975 1.00 22.94 ? 56   PRO B C   1 
ATOM   1062 O  O   . PRO B 1 56 ? 0.484   -5.537  -11.849 1.00 22.53 ? 56   PRO B O   1 
ATOM   1063 C  CB  . PRO B 1 56 ? -2.357  -6.102  -12.852 1.00 25.46 ? 56   PRO B CB  1 
ATOM   1064 C  CG  . PRO B 1 56 ? -3.138  -7.061  -12.040 1.00 25.10 ? 56   PRO B CG  1 
ATOM   1065 C  CD  . PRO B 1 56 ? -2.141  -7.812  -11.228 1.00 24.84 ? 56   PRO B CD  1 
HETATM 1066 N  N   . MSE B 1 57 ? 0.753   -5.467  -14.078 1.00 21.14 ? 57   MSE B N   1 
HETATM 1067 C  CA  . MSE B 1 57 ? 1.921   -4.604  -14.025 1.00 20.69 ? 57   MSE B CA  1 
HETATM 1068 C  C   . MSE B 1 57 ? 1.669   -3.367  -13.168 1.00 21.07 ? 57   MSE B C   1 
HETATM 1069 O  O   . MSE B 1 57 ? 2.601   -2.780  -12.634 1.00 21.38 ? 57   MSE B O   1 
HETATM 1070 C  CB  . MSE B 1 57 ? 2.350   -4.188  -15.431 1.00 19.32 ? 57   MSE B CB  1 
HETATM 1071 C  CG  . MSE B 1 57 ? 2.748   -5.345  -16.324 1.00 19.97 ? 57   MSE B CG  1 
HETATM 1072 SE SE  . MSE B 1 57 ? 4.538   -6.230  -15.187 1.00 18.39 ? 57   MSE B SE  1 
HETATM 1073 C  CE  . MSE B 1 57 ? 5.972   -4.444  -14.991 1.00 17.46 ? 57   MSE B CE  1 
ATOM   1074 N  N   . SER B 1 58 ? 0.405   -2.977  -13.043 1.00 19.75 ? 58   SER B N   1 
ATOM   1075 C  CA  . SER B 1 58 ? 0.066   -1.770  -12.308 1.00 20.39 ? 58   SER B CA  1 
ATOM   1076 C  C   . SER B 1 58 ? 0.516   -1.854  -10.855 1.00 19.12 ? 58   SER B C   1 
ATOM   1077 O  O   . SER B 1 58 ? 0.741   -0.838  -10.208 1.00 18.45 ? 58   SER B O   1 
ATOM   1078 C  CB  . SER B 1 58 ? -1.440  -1.509  -12.374 1.00 20.83 ? 58   SER B CB  1 
ATOM   1079 O  OG  . SER B 1 58 ? -2.158  -2.498  -11.667 1.00 20.50 ? 58   SER B OG  1 
ATOM   1080 N  N   . VAL B 1 59 ? 0.637   -3.075  -10.346 1.00 17.86 ? 59   VAL B N   1 
ATOM   1081 C  CA  . VAL B 1 59 ? 1.157   -3.284  -9.004  1.00 16.63 ? 59   VAL B CA  1 
ATOM   1082 C  C   . VAL B 1 59 ? 2.629   -2.906  -8.906  1.00 17.17 ? 59   VAL B C   1 
ATOM   1083 O  O   . VAL B 1 59 ? 3.015   -2.144  -8.026  1.00 15.54 ? 59   VAL B O   1 
ATOM   1084 C  CB  . VAL B 1 59 ? 0.949   -4.724  -8.513  1.00 17.63 ? 59   VAL B CB  1 
ATOM   1085 C  CG1 . VAL B 1 59 ? 1.348   -4.847  -7.054  1.00 15.98 ? 59   VAL B CG1 1 
ATOM   1086 C  CG2 . VAL B 1 59 ? -0.495  -5.144  -8.708  1.00 16.28 ? 59   VAL B CG2 1 
ATOM   1087 N  N   . PHE B 1 60 ? 3.447   -3.428  -9.814  1.00 15.34 ? 60   PHE B N   1 
ATOM   1088 C  CA  . PHE B 1 60 ? 4.846   -3.027  -9.860  1.00 15.76 ? 60   PHE B CA  1 
ATOM   1089 C  C   . PHE B 1 60 ? 4.986   -1.530  -10.060 1.00 15.37 ? 60   PHE B C   1 
ATOM   1090 O  O   . PHE B 1 60 ? 5.822   -0.893  -9.435  1.00 16.93 ? 60   PHE B O   1 
ATOM   1091 C  CB  . PHE B 1 60 ? 5.622   -3.749  -10.957 1.00 13.92 ? 60   PHE B CB  1 
ATOM   1092 C  CG  . PHE B 1 60 ? 6.990   -3.179  -11.185 1.00 15.20 ? 60   PHE B CG  1 
ATOM   1093 C  CD1 . PHE B 1 60 ? 8.007   -3.411  -10.280 1.00 15.86 ? 60   PHE B CD1 1 
ATOM   1094 C  CD2 . PHE B 1 60 ? 7.250   -2.382  -12.282 1.00 15.62 ? 60   PHE B CD2 1 
ATOM   1095 C  CE1 . PHE B 1 60 ? 9.262   -2.881  -10.477 1.00 15.84 ? 60   PHE B CE1 1 
ATOM   1096 C  CE2 . PHE B 1 60 ? 8.505   -1.851  -12.483 1.00 17.48 ? 60   PHE B CE2 1 
ATOM   1097 C  CZ  . PHE B 1 60 ? 9.511   -2.100  -11.577 1.00 16.59 ? 60   PHE B CZ  1 
ATOM   1098 N  N   . ASP B 1 61 ? 4.164   -0.979  -10.944 1.00 15.45 ? 61   ASP B N   1 
ATOM   1099 C  CA  . ASP B 1 61 ? 4.148   0.456   -11.175 1.00 15.66 ? 61   ASP B CA  1 
ATOM   1100 C  C   . ASP B 1 61 ? 3.956   1.214   -9.867  1.00 14.84 ? 61   ASP B C   1 
ATOM   1101 O  O   . ASP B 1 61 ? 4.745   2.090   -9.534  1.00 11.89 ? 61   ASP B O   1 
ATOM   1102 C  CB  . ASP B 1 61 ? 3.058   0.834   -12.177 1.00 16.69 ? 61   ASP B CB  1 
ATOM   1103 C  CG  . ASP B 1 61 ? 3.440   0.508   -13.610 1.00 18.54 ? 61   ASP B CG  1 
ATOM   1104 O  OD1 . ASP B 1 61 ? 4.572   0.049   -13.841 1.00 20.53 ? 61   ASP B OD1 1 
ATOM   1105 O  OD2 . ASP B 1 61 ? 2.669   0.675   -14.567 1.00 20.51 ? 61   ASP B OD2 1 
ATOM   1106 N  N   . ASP B 1 62 ? 2.911   0.868   -9.125  1.00 16.39 ? 62   ASP B N   1 
ATOM   1107 C  CA  . ASP B 1 62 ? 2.639   1.562   -7.880  1.00 18.87 ? 62   ASP B CA  1 
ATOM   1108 C  C   . ASP B 1 62 ? 3.728   1.290   -6.848  1.00 16.52 ? 62   ASP B C   1 
ATOM   1109 O  O   . ASP B 1 62 ? 4.015   2.139   -6.003  1.00 15.63 ? 62   ASP B O   1 
ATOM   1110 C  CB  . ASP B 1 62 ? 1.270   1.174   -7.320  1.00 24.97 ? 62   ASP B CB  1 
ATOM   1111 C  CG  . ASP B 1 62 ? 0.700   2.249   -6.407  1.00 32.84 ? 62   ASP B CG  1 
ATOM   1112 O  OD1 . ASP B 1 62 ? 0.651   3.422   -6.846  1.00 39.17 ? 62   ASP B OD1 1 
ATOM   1113 O  OD2 . ASP B 1 62 ? 0.303   1.941   -5.262  1.00 34.83 ? 62   ASP B OD2 1 
ATOM   1114 N  N   . LEU B 1 63 ? 4.337   0.112   -6.921  1.00 13.93 ? 63   LEU B N   1 
ATOM   1115 C  CA  . LEU B 1 63 ? 5.428   -0.241  -6.020  1.00 13.14 ? 63   LEU B CA  1 
ATOM   1116 C  C   . LEU B 1 63 ? 6.680   0.593   -6.285  1.00 13.36 ? 63   LEU B C   1 
ATOM   1117 O  O   . LEU B 1 63 ? 7.325   1.062   -5.353  1.00 12.21 ? 63   LEU B O   1 
ATOM   1118 C  CB  . LEU B 1 63 ? 5.751   -1.732  -6.109  1.00 11.11 ? 63   LEU B CB  1 
ATOM   1119 C  CG  . LEU B 1 63 ? 6.792   -2.274  -5.126  1.00 13.70 ? 63   LEU B CG  1 
ATOM   1120 C  CD1 . LEU B 1 63 ? 6.328   -2.144  -3.692  1.00 12.04 ? 63   LEU B CD1 1 
ATOM   1121 C  CD2 . LEU B 1 63 ? 7.152   -3.710  -5.449  1.00 13.18 ? 63   LEU B CD2 1 
ATOM   1122 N  N   . TYR B 1 64 ? 7.014   0.773   -7.558  1.00 11.41 ? 64   TYR B N   1 
ATOM   1123 C  CA  . TYR B 1 64 ? 8.135   1.619   -7.941  1.00 12.11 ? 64   TYR B CA  1 
ATOM   1124 C  C   . TYR B 1 64 ? 7.906   3.085   -7.599  1.00 11.34 ? 64   TYR B C   1 
ATOM   1125 O  O   . TYR B 1 64 ? 8.812   3.762   -7.133  1.00 11.63 ? 64   TYR B O   1 
ATOM   1126 C  CB  . TYR B 1 64 ? 8.477   1.467   -9.423  1.00 13.13 ? 64   TYR B CB  1 
ATOM   1127 C  CG  . TYR B 1 64 ? 9.827   2.049   -9.776  1.00 12.49 ? 64   TYR B CG  1 
ATOM   1128 C  CD1 . TYR B 1 64 ? 10.982  1.286   -9.675  1.00 13.57 ? 64   TYR B CD1 1 
ATOM   1129 C  CD2 . TYR B 1 64 ? 9.949   3.368   -10.183 1.00 14.29 ? 64   TYR B CD2 1 
ATOM   1130 C  CE1 . TYR B 1 64 ? 12.213  1.816   -9.981  1.00 13.18 ? 64   TYR B CE1 1 
ATOM   1131 C  CE2 . TYR B 1 64 ? 11.176  3.907   -10.491 1.00 12.94 ? 64   TYR B CE2 1 
ATOM   1132 C  CZ  . TYR B 1 64 ? 12.306  3.130   -10.390 1.00 14.42 ? 64   TYR B CZ  1 
ATOM   1133 O  OH  . TYR B 1 64 ? 13.529  3.665   -10.697 1.00 15.86 ? 64   TYR B OH  1 
ATOM   1134 N  N   . GLU B 1 65 ? 6.695   3.572   -7.838  1.00 11.20 ? 65   GLU B N   1 
ATOM   1135 C  CA  . GLU B 1 65 ? 6.343   4.929   -7.451  1.00 13.20 ? 65   GLU B CA  1 
ATOM   1136 C  C   . GLU B 1 65 ? 6.550   5.133   -5.955  1.00 13.40 ? 65   GLU B C   1 
ATOM   1137 O  O   . GLU B 1 65 ? 7.106   6.139   -5.531  1.00 12.30 ? 65   GLU B O   1 
ATOM   1138 C  CB  . GLU B 1 65 ? 4.907   5.275   -7.851  1.00 14.33 ? 65   GLU B CB  1 
ATOM   1139 C  CG  . GLU B 1 65 ? 4.461   6.647   -7.371  1.00 21.30 ? 65   GLU B CG  1 
ATOM   1140 C  CD  . GLU B 1 65 ? 3.201   7.151   -8.055  1.00 23.84 ? 65   GLU B CD  1 
ATOM   1141 O  OE1 . GLU B 1 65 ? 2.360   6.331   -8.461  1.00 25.02 ? 65   GLU B OE1 1 
ATOM   1142 O  OE2 . GLU B 1 65 ? 3.054   8.379   -8.177  1.00 25.22 ? 65   GLU B OE2 1 
ATOM   1143 N  N   . GLU B 1 66 ? 6.110   4.164   -5.161  1.00 12.17 ? 66   GLU B N   1 
ATOM   1144 C  CA  . GLU B 1 66 ? 6.258   4.251   -3.708  1.00 12.52 ? 66   GLU B CA  1 
ATOM   1145 C  C   . GLU B 1 66 ? 7.747   4.310   -3.396  1.00 12.67 ? 66   GLU B C   1 
ATOM   1146 O  O   . GLU B 1 66 ? 8.192   5.065   -2.529  1.00 12.20 ? 66   GLU B O   1 
ATOM   1147 C  CB  . GLU B 1 66 ? 5.628   3.037   -3.007  1.00 11.54 ? 66   GLU B CB  1 
ATOM   1148 C  CG  . GLU B 1 66 ? 5.566   3.196   -1.493  1.00 10.63 ? 66   GLU B CG  1 
ATOM   1149 C  CD  . GLU B 1 66 ? 5.037   1.973   -0.768  1.00 13.97 ? 66   GLU B CD  1 
ATOM   1150 O  OE1 . GLU B 1 66 ? 4.203   1.238   -1.344  1.00 13.02 ? 66   GLU B OE1 1 
ATOM   1151 O  OE2 . GLU B 1 66 ? 5.447   1.763   0.396   1.00 13.75 ? 66   GLU B OE2 1 
ATOM   1152 N  N   . TYR B 1 67 ? 8.512   3.478   -4.091  1.00 13.80 ? 67   TYR B N   1 
ATOM   1153 C  CA  . TYR B 1 67 ? 9.957   3.452   -3.946  1.00 14.87 ? 67   TYR B CA  1 
ATOM   1154 C  C   . TYR B 1 67 ? 10.574  4.833   -4.153  1.00 15.50 ? 67   TYR B C   1 
ATOM   1155 O  O   . TYR B 1 67 ? 11.361  5.289   -3.331  1.00 15.44 ? 67   TYR B O   1 
ATOM   1156 C  CB  . TYR B 1 67 ? 10.569  2.431   -4.903  1.00 17.73 ? 67   TYR B CB  1 
ATOM   1157 C  CG  . TYR B 1 67 ? 12.044  2.614   -5.157  1.00 21.45 ? 67   TYR B CG  1 
ATOM   1158 C  CD1 . TYR B 1 67 ? 12.971  2.439   -4.141  1.00 23.34 ? 67   TYR B CD1 1 
ATOM   1159 C  CD2 . TYR B 1 67 ? 12.510  2.957   -6.416  1.00 23.52 ? 67   TYR B CD2 1 
ATOM   1160 C  CE1 . TYR B 1 67 ? 14.318  2.599   -4.372  1.00 26.17 ? 67   TYR B CE1 1 
ATOM   1161 C  CE2 . TYR B 1 67 ? 13.854  3.122   -6.658  1.00 25.24 ? 67   TYR B CE2 1 
ATOM   1162 C  CZ  . TYR B 1 67 ? 14.756  2.943   -5.633  1.00 28.07 ? 67   TYR B CZ  1 
ATOM   1163 O  OH  . TYR B 1 67 ? 16.098  3.108   -5.869  1.00 29.41 ? 67   TYR B OH  1 
ATOM   1164 N  N   . THR B 1 68 ? 10.212  5.498   -5.246  1.00 14.47 ? 68   THR B N   1 
ATOM   1165 C  CA  . THR B 1 68 ? 10.744  6.828   -5.515  1.00 14.82 ? 68   THR B CA  1 
ATOM   1166 C  C   . THR B 1 68 ? 10.414  7.825   -4.409  1.00 14.33 ? 68   THR B C   1 
ATOM   1167 O  O   . THR B 1 68 ? 11.267  8.609   -4.012  1.00 15.04 ? 68   THR B O   1 
ATOM   1168 C  CB  . THR B 1 68 ? 10.312  7.370   -6.897  1.00 16.60 ? 68   THR B CB  1 
ATOM   1169 O  OG1 . THR B 1 68 ? 8.920   7.700   -6.880  1.00 17.51 ? 68   THR B OG1 1 
ATOM   1170 C  CG2 . THR B 1 68 ? 10.425  6.299   -7.968  1.00 15.19 ? 68   THR B CG2 1 
ATOM   1171 N  N   . GLU B 1 69 ? 9.187   7.789   -3.903  1.00 13.47 ? 69   GLU B N   1 
ATOM   1172 C  CA  . GLU B 1 69 ? 8.826   8.640   -2.776  1.00 14.87 ? 69   GLU B CA  1 
ATOM   1173 C  C   . GLU B 1 69 ? 9.623   8.293   -1.522  1.00 15.93 ? 69   GLU B C   1 
ATOM   1174 O  O   . GLU B 1 69 ? 10.218  9.164   -0.900  1.00 14.93 ? 69   GLU B O   1 
ATOM   1175 C  CB  . GLU B 1 69 ? 7.323   8.600   -2.487  1.00 14.41 ? 69   GLU B CB  1 
ATOM   1176 C  CG  . GLU B 1 69 ? 6.908   9.509   -1.339  1.00 15.54 ? 69   GLU B CG  1 
ATOM   1177 C  CD  . GLU B 1 69 ? 5.409   9.531   -1.087  1.00 17.81 ? 69   GLU B CD  1 
ATOM   1178 O  OE1 . GLU B 1 69 ? 4.631   9.252   -2.019  1.00 16.07 ? 69   GLU B OE1 1 
ATOM   1179 O  OE2 . GLU B 1 69 ? 5.013   9.838   0.053   1.00 16.13 ? 69   GLU B OE2 1 
ATOM   1180 N  N   . TRP B 1 70 ? 9.615   7.014   -1.160  1.00 17.80 ? 70   TRP B N   1 
ATOM   1181 C  CA  . TRP B 1 70 ? 10.519  6.471   -0.152  1.00 18.24 ? 70   TRP B CA  1 
ATOM   1182 C  C   . TRP B 1 70 ? 11.926  7.043   -0.281  1.00 19.33 ? 70   TRP B C   1 
ATOM   1183 O  O   . TRP B 1 70 ? 12.494  7.537   0.687   1.00 17.29 ? 70   TRP B O   1 
ATOM   1184 C  CB  . TRP B 1 70 ? 10.557  4.947   -0.255  1.00 17.90 ? 70   TRP B CB  1 
ATOM   1185 C  CG  . TRP B 1 70 ? 11.406  4.263   0.767   1.00 16.74 ? 70   TRP B CG  1 
ATOM   1186 C  CD1 . TRP B 1 70 ? 11.085  4.012   2.067   1.00 17.27 ? 70   TRP B CD1 1 
ATOM   1187 C  CD2 . TRP B 1 70 ? 12.712  3.715   0.568   1.00 17.78 ? 70   TRP B CD2 1 
ATOM   1188 N  NE1 . TRP B 1 70 ? 12.116  3.353   2.693   1.00 15.73 ? 70   TRP B NE1 1 
ATOM   1189 C  CE2 . TRP B 1 70 ? 13.127  3.157   1.791   1.00 18.12 ? 70   TRP B CE2 1 
ATOM   1190 C  CE3 . TRP B 1 70 ? 13.581  3.644   -0.525  1.00 15.15 ? 70   TRP B CE3 1 
ATOM   1191 C  CZ2 . TRP B 1 70 ? 14.363  2.540   1.950   1.00 15.92 ? 70   TRP B CZ2 1 
ATOM   1192 C  CZ3 . TRP B 1 70 ? 14.806  3.033   -0.362  1.00 14.12 ? 70   TRP B CZ3 1 
ATOM   1193 C  CH2 . TRP B 1 70 ? 15.184  2.488   0.863   1.00 14.28 ? 70   TRP B CH2 1 
ATOM   1194 N  N   . LEU B 1 71 ? 12.473  6.968   -1.488  1.00 20.46 ? 71   LEU B N   1 
ATOM   1195 C  CA  . LEU B 1 71 ? 13.826  7.423   -1.766  1.00 21.32 ? 71   LEU B CA  1 
ATOM   1196 C  C   . LEU B 1 71 ? 14.002  8.898   -1.429  1.00 20.67 ? 71   LEU B C   1 
ATOM   1197 O  O   . LEU B 1 71 ? 14.969  9.282   -0.783  1.00 18.99 ? 71   LEU B O   1 
ATOM   1198 C  CB  . LEU B 1 71 ? 14.177  7.177   -3.233  1.00 26.36 ? 71   LEU B CB  1 
ATOM   1199 C  CG  . LEU B 1 71 ? 15.596  6.695   -3.524  1.00 30.67 ? 71   LEU B CG  1 
ATOM   1200 C  CD1 . LEU B 1 71 ? 15.945  6.901   -4.984  1.00 32.27 ? 71   LEU B CD1 1 
ATOM   1201 C  CD2 . LEU B 1 71 ? 16.578  7.423   -2.640  1.00 34.72 ? 71   LEU B CD2 1 
ATOM   1202 N  N   . LYS B 1 72 ? 13.063  9.717   -1.874  1.00 17.72 ? 72   LYS B N   1 
ATOM   1203 C  CA  . LYS B 1 72 ? 13.141  11.152  -1.643  1.00 18.97 ? 72   LYS B CA  1 
ATOM   1204 C  C   . LYS B 1 72 ? 13.091  11.469  -0.147  1.00 20.50 ? 72   LYS B C   1 
ATOM   1205 O  O   . LYS B 1 72 ? 13.901  12.247  0.350   1.00 21.22 ? 72   LYS B O   1 
ATOM   1206 C  CB  . LYS B 1 72 ? 12.027  11.876  -2.404  1.00 18.08 ? 72   LYS B CB  1 
ATOM   1207 C  CG  . LYS B 1 72 ? 12.390  12.137  -3.857  1.00 16.50 ? 72   LYS B CG  1 
ATOM   1208 C  CD  . LYS B 1 72 ? 11.231  12.716  -4.649  1.00 17.82 ? 72   LYS B CD  1 
ATOM   1209 C  CE  . LYS B 1 72 ? 10.150  11.686  -4.874  1.00 16.43 ? 72   LYS B CE  1 
ATOM   1210 N  NZ  . LYS B 1 72 ? 9.018   12.262  -5.644  1.00 17.10 ? 72   LYS B NZ  1 
ATOM   1211 N  N   . PHE B 1 73 ? 12.138  10.878  0.562   1.00 20.95 ? 73   PHE B N   1 
ATOM   1212 C  CA  . PHE B 1 73 ? 12.066  11.029  2.010   1.00 22.32 ? 73   PHE B CA  1 
ATOM   1213 C  C   . PHE B 1 73 ? 13.382  10.641  2.675   1.00 23.11 ? 73   PHE B C   1 
ATOM   1214 O  O   . PHE B 1 73 ? 13.838  11.300  3.599   1.00 24.02 ? 73   PHE B O   1 
ATOM   1215 C  CB  . PHE B 1 73 ? 10.918  10.199  2.584   1.00 21.39 ? 73   PHE B CB  1 
ATOM   1216 C  CG  . PHE B 1 73 ? 9.621   10.946  2.677   1.00 21.69 ? 73   PHE B CG  1 
ATOM   1217 C  CD1 . PHE B 1 73 ? 8.848   11.161  1.551   1.00 20.58 ? 73   PHE B CD1 1 
ATOM   1218 C  CD2 . PHE B 1 73 ? 9.178   11.441  3.891   1.00 21.72 ? 73   PHE B CD2 1 
ATOM   1219 C  CE1 . PHE B 1 73 ? 7.654   11.850  1.634   1.00 23.57 ? 73   PHE B CE1 1 
ATOM   1220 C  CE2 . PHE B 1 73 ? 7.988   12.130  3.980   1.00 23.10 ? 73   PHE B CE2 1 
ATOM   1221 C  CZ  . PHE B 1 73 ? 7.224   12.336  2.850   1.00 23.16 ? 73   PHE B CZ  1 
ATOM   1222 N  N   . LEU B 1 74 ? 13.981  9.564   2.187   1.00 25.83 ? 74   LEU B N   1 
ATOM   1223 C  CA  . LEU B 1 74 ? 15.259  9.083   2.684   1.00 29.09 ? 74   LEU B CA  1 
ATOM   1224 C  C   . LEU B 1 74 ? 16.375  10.107  2.469   1.00 32.01 ? 74   LEU B C   1 
ATOM   1225 O  O   . LEU B 1 74 ? 17.130  10.413  3.391   1.00 29.32 ? 74   LEU B O   1 
ATOM   1226 C  CB  . LEU B 1 74 ? 15.610  7.768   1.990   1.00 29.88 ? 74   LEU B CB  1 
ATOM   1227 C  CG  . LEU B 1 74 ? 16.860  7.000   2.402   1.00 30.17 ? 74   LEU B CG  1 
ATOM   1228 C  CD1 . LEU B 1 74 ? 16.921  6.847   3.905   1.00 32.31 ? 74   LEU B CD1 1 
ATOM   1229 C  CD2 . LEU B 1 74 ? 16.852  5.637   1.731   1.00 32.26 ? 74   LEU B CD2 1 
ATOM   1230 N  N   . GLU B 1 75 ? 16.475  10.619  1.245   1.00 34.25 ? 75   GLU B N   1 
ATOM   1231 C  CA  . GLU B 1 75 ? 17.432  11.667  0.902   1.00 37.48 ? 75   GLU B CA  1 
ATOM   1232 C  C   . GLU B 1 75 ? 17.317  12.832  1.872   1.00 38.28 ? 75   GLU B C   1 
ATOM   1233 O  O   . GLU B 1 75 ? 18.311  13.440  2.254   1.00 38.74 ? 75   GLU B O   1 
ATOM   1234 C  CB  . GLU B 1 75 ? 17.169  12.180  -0.519  1.00 40.79 ? 75   GLU B CB  1 
ATOM   1235 C  CG  . GLU B 1 75 ? 17.762  11.330  -1.628  1.00 45.23 ? 75   GLU B CG  1 
ATOM   1236 C  CD  . GLU B 1 75 ? 16.996  11.462  -2.936  1.00 47.44 ? 75   GLU B CD  1 
ATOM   1237 O  OE1 . GLU B 1 75 ? 16.118  12.337  -3.032  1.00 49.08 ? 75   GLU B OE1 1 
ATOM   1238 O  OE2 . GLU B 1 75 ? 17.269  10.684  -3.866  1.00 49.46 ? 75   GLU B OE2 1 
ATOM   1239 N  N   . HIS B 1 76 ? 16.088  13.141  2.257   1.00 39.75 ? 76   HIS B N   1 
ATOM   1240 C  CA  . HIS B 1 76 ? 15.707  14.498  2.591   1.00 43.76 ? 76   HIS B CA  1 
ATOM   1241 C  C   . HIS B 1 76 ? 15.293  14.568  4.049   1.00 48.17 ? 76   HIS B C   1 
ATOM   1242 O  O   . HIS B 1 76 ? 15.073  15.649  4.582   1.00 47.14 ? 76   HIS B O   1 
ATOM   1243 C  CB  . HIS B 1 76 ? 14.549  14.952  1.707   1.00 41.33 ? 76   HIS B CB  1 
ATOM   1244 C  CG  . HIS B 1 76 ? 14.559  16.413  1.394   1.00 39.98 ? 76   HIS B CG  1 
ATOM   1245 N  ND1 . HIS B 1 76 ? 15.669  17.061  0.900   1.00 40.38 ? 76   HIS B ND1 1 
ATOM   1246 C  CD2 . HIS B 1 76 ? 13.590  17.352  1.494   1.00 39.10 ? 76   HIS B CD2 1 
ATOM   1247 C  CE1 . HIS B 1 76 ? 15.384  18.336  0.711   1.00 38.90 ? 76   HIS B CE1 1 
ATOM   1248 N  NE2 . HIS B 1 76 ? 14.128  18.539  1.065   1.00 37.81 ? 76   HIS B NE2 1 
ATOM   1249 N  N   . HIS B 1 77 ? 15.184  13.414  4.699   1.00 52.23 ? 77   HIS B N   1 
ATOM   1250 C  CA  . HIS B 1 77 ? 14.869  13.423  6.116   1.00 56.64 ? 77   HIS B CA  1 
ATOM   1251 C  C   . HIS B 1 77 ? 16.090  12.866  6.846   1.00 57.35 ? 77   HIS B C   1 
ATOM   1252 O  O   . HIS B 1 77 ? 16.322  11.649  6.826   1.00 56.82 ? 77   HIS B O   1 
ATOM   1253 C  CB  . HIS B 1 77 ? 13.601  12.591  6.416   1.00 62.61 ? 77   HIS B CB  1 
ATOM   1254 C  CG  . HIS B 1 77 ? 12.319  13.350  6.233   1.00 66.69 ? 77   HIS B CG  1 
ATOM   1255 N  ND1 . HIS B 1 77 ? 11.458  13.608  7.276   1.00 68.63 ? 77   HIS B ND1 1 
ATOM   1256 C  CD2 . HIS B 1 77 ? 11.750  13.899  5.131   1.00 68.85 ? 77   HIS B CD2 1 
ATOM   1257 C  CE1 . HIS B 1 77 ? 10.410  14.276  6.826   1.00 69.93 ? 77   HIS B CE1 1 
ATOM   1258 N  NE2 . HIS B 1 77 ? 10.561  14.465  5.528   1.00 69.95 ? 77   HIS B NE2 1 
HETATM 1259 O  O   . HOH C 2 .  ? -13.810 3.265   12.569  1.00 19.77 ? 3003 HOH A O   1 
HETATM 1260 O  O   . HOH C 2 .  ? -7.929  18.454  10.934  1.00 23.71 ? 3006 HOH A O   1 
HETATM 1261 O  O   . HOH C 2 .  ? -18.898 10.312  12.873  1.00 26.90 ? 3007 HOH A O   1 
HETATM 1262 O  O   . HOH C 2 .  ? -0.109  0.221   0.165   1.00 22.30 ? 3008 HOH A O   1 
HETATM 1263 O  O   . HOH C 2 .  ? -6.828  4.128   19.177  1.00 21.93 ? 3009 HOH A O   1 
HETATM 1264 O  O   . HOH C 2 .  ? -25.056 12.089  8.647   1.00 34.76 ? 3010 HOH A O   1 
HETATM 1265 O  O   . HOH C 2 .  ? 5.962   3.661   2.596   1.00 17.36 ? 3012 HOH A O   1 
HETATM 1266 O  O   . HOH C 2 .  ? -6.001  -3.765  -0.442  1.00 18.08 ? 3014 HOH A O   1 
HETATM 1267 O  O   . HOH C 2 .  ? -17.515 5.728   15.373  1.00 31.82 ? 3016 HOH A O   1 
HETATM 1268 O  O   . HOH C 2 .  ? -13.015 5.186   -7.355  1.00 30.15 ? 3017 HOH A O   1 
HETATM 1269 O  O   . HOH C 2 .  ? -14.190 13.925  5.190   1.00 21.77 ? 3018 HOH A O   1 
HETATM 1270 O  O   . HOH C 2 .  ? 2.438   9.598   3.302   1.00 29.87 ? 3022 HOH A O   1 
HETATM 1271 O  O   . HOH C 2 .  ? -0.587  -1.793  9.379   1.00 29.86 ? 3024 HOH A O   1 
HETATM 1272 O  O   . HOH C 2 .  ? -16.319 8.651   16.550  1.00 24.75 ? 3026 HOH A O   1 
HETATM 1273 O  O   . HOH C 2 .  ? -13.195 0.301   -5.761  1.00 27.96 ? 3028 HOH A O   1 
HETATM 1274 O  O   . HOH C 2 .  ? -22.598 5.983   8.594   1.00 26.78 ? 3029 HOH A O   1 
HETATM 1275 O  O   . HOH C 2 .  ? 3.051   0.838   5.762   1.00 33.40 ? 3031 HOH A O   1 
HETATM 1276 O  O   . HOH C 2 .  ? -0.469  9.341   6.261   1.00 32.98 ? 3033 HOH A O   1 
HETATM 1277 O  O   . HOH C 2 .  ? 0.953   -0.226  7.678   1.00 26.88 ? 3035 HOH A O   1 
HETATM 1278 O  O   . HOH C 2 .  ? 1.355   4.870   11.541  1.00 28.60 ? 3036 HOH A O   1 
HETATM 1279 O  O   . HOH C 2 .  ? -9.981  12.016  12.850  1.00 36.45 ? 3038 HOH A O   1 
HETATM 1280 O  O   . HOH C 2 .  ? -1.953  1.533   -3.020  1.00 29.25 ? 3039 HOH A O   1 
HETATM 1281 O  O   . HOH C 2 .  ? 2.438   10.687  0.400   1.00 22.62 ? 3040 HOH A O   1 
HETATM 1282 O  O   . HOH C 2 .  ? -3.004  13.288  2.701   1.00 22.14 ? 3043 HOH A O   1 
HETATM 1283 O  O   . HOH C 2 .  ? 3.706   6.604   -4.118  1.00 27.42 ? 3045 HOH A O   1 
HETATM 1284 O  O   . HOH C 2 .  ? -8.341  -9.315  14.856  1.00 32.87 ? 3046 HOH A O   1 
HETATM 1285 O  O   . HOH C 2 .  ? -14.723 11.937  -0.422  1.00 35.69 ? 3048 HOH A O   1 
HETATM 1286 O  O   . HOH C 2 .  ? -11.288 -9.922  8.742   1.00 33.35 ? 3053 HOH A O   1 
HETATM 1287 O  O   . HOH C 2 .  ? -0.283  5.187   -4.623  1.00 31.97 ? 3054 HOH A O   1 
HETATM 1288 O  O   . HOH C 2 .  ? -10.391 4.982   17.954  1.00 31.90 ? 3055 HOH A O   1 
HETATM 1289 O  O   . HOH C 2 .  ? -19.688 -0.532  12.817  1.00 28.24 ? 3056 HOH A O   1 
HETATM 1290 O  O   . HOH C 2 .  ? -6.755  16.668  5.182   1.00 36.13 ? 3057 HOH A O   1 
HETATM 1291 O  O   . HOH C 2 .  ? -11.913 15.694  4.869   1.00 42.66 ? 3059 HOH A O   1 
HETATM 1292 O  O   . HOH C 2 .  ? -9.450  15.388  6.207   1.00 29.11 ? 3061 HOH A O   1 
HETATM 1293 O  O   . HOH C 2 .  ? -24.661 2.464   4.344   1.00 36.75 ? 3062 HOH A O   1 
HETATM 1294 O  O   . HOH C 2 .  ? 2.680   2.148   11.033  1.00 33.15 ? 3064 HOH A O   1 
HETATM 1295 O  O   . HOH C 2 .  ? -7.273  10.697  16.426  1.00 35.79 ? 3069 HOH A O   1 
HETATM 1296 O  O   . HOH C 2 .  ? -1.622  16.548  7.142   1.00 38.80 ? 3070 HOH A O   1 
HETATM 1297 O  O   . HOH C 2 .  ? -22.010 16.573  2.291   1.00 41.26 ? 3073 HOH A O   1 
HETATM 1298 O  O   . HOH C 2 .  ? 1.588   10.439  9.372   1.00 35.74 ? 3075 HOH A O   1 
HETATM 1299 O  O   . HOH C 2 .  ? -3.191  15.607  4.602   1.00 43.98 ? 3079 HOH A O   1 
HETATM 1300 O  O   . HOH C 2 .  ? -16.276 -5.859  10.902  1.00 40.60 ? 3080 HOH A O   1 
HETATM 1301 O  O   . HOH C 2 .  ? -13.116 11.633  14.259  1.00 41.37 ? 3082 HOH A O   1 
HETATM 1302 O  O   . HOH C 2 .  ? -18.744 -5.200  7.523   1.00 35.06 ? 3083 HOH A O   1 
HETATM 1303 O  O   . HOH D 2 .  ? -4.245  -4.966  -2.960  1.00 20.29 ? 3001 HOH B O   1 
HETATM 1304 O  O   . HOH D 2 .  ? 12.974  9.445   -6.245  1.00 15.96 ? 3002 HOH B O   1 
HETATM 1305 O  O   . HOH D 2 .  ? 5.126   -10.163 1.768   1.00 16.08 ? 3004 HOH B O   1 
HETATM 1306 O  O   . HOH D 2 .  ? 14.410  4.715   -13.424 1.00 24.75 ? 3005 HOH B O   1 
HETATM 1307 O  O   . HOH D 2 .  ? 7.587   10.143  -5.618  1.00 16.35 ? 3011 HOH B O   1 
HETATM 1308 O  O   . HOH D 2 .  ? 2.645   4.374   -4.989  1.00 21.91 ? 3013 HOH B O   1 
HETATM 1309 O  O   . HOH D 2 .  ? 15.384  10.837  -6.051  1.00 16.26 ? 3015 HOH B O   1 
HETATM 1310 O  O   . HOH D 2 .  ? 15.719  -6.518  -17.125 1.00 21.71 ? 3019 HOH B O   1 
HETATM 1311 O  O   . HOH D 2 .  ? -1.071  -4.633  5.974   1.00 25.86 ? 3020 HOH B O   1 
HETATM 1312 O  O   . HOH D 2 .  ? 15.402  -12.325 -3.927  1.00 19.52 ? 3021 HOH B O   1 
HETATM 1313 O  O   . HOH D 2 .  ? 8.566   -16.338 1.247   1.00 34.28 ? 3023 HOH B O   1 
HETATM 1314 O  O   . HOH D 2 .  ? 21.132  -6.688  -9.764  1.00 23.82 ? 3025 HOH B O   1 
HETATM 1315 O  O   . HOH D 2 .  ? 16.913  -4.037  -7.346  1.00 18.65 ? 3027 HOH B O   1 
HETATM 1316 O  O   . HOH D 2 .  ? 14.856  -9.238  -18.013 1.00 26.19 ? 3030 HOH B O   1 
HETATM 1317 O  O   . HOH D 2 .  ? 20.751  -0.198  0.189   1.00 35.75 ? 3032 HOH B O   1 
HETATM 1318 O  O   . HOH D 2 .  ? -5.713  -6.222  1.025   1.00 30.29 ? 3034 HOH B O   1 
HETATM 1319 O  O   . HOH D 2 .  ? 6.031   3.827   -11.755 1.00 22.22 ? 3037 HOH B O   1 
HETATM 1320 O  O   . HOH D 2 .  ? 3.416   -13.801 -2.725  1.00 35.61 ? 3041 HOH B O   1 
HETATM 1321 O  O   . HOH D 2 .  ? 16.203  -3.159  3.647   1.00 33.13 ? 3042 HOH B O   1 
HETATM 1322 O  O   . HOH D 2 .  ? 13.060  17.120  7.386   1.00 43.41 ? 3044 HOH B O   1 
HETATM 1323 O  O   . HOH D 2 .  ? 12.293  -8.069  4.740   1.00 30.28 ? 3047 HOH B O   1 
HETATM 1324 O  O   . HOH D 2 .  ? 1.977   -13.929 -9.259  1.00 68.91 ? 3049 HOH B O   1 
HETATM 1325 O  O   . HOH D 2 .  ? -4.587  -7.071  -8.707  1.00 24.36 ? 3050 HOH B O   1 
HETATM 1326 O  O   . HOH D 2 .  ? 3.490   -17.415 -15.721 1.00 24.67 ? 3051 HOH B O   1 
HETATM 1327 O  O   . HOH D 2 .  ? 19.509  11.729  6.151   1.00 39.79 ? 3052 HOH B O   1 
HETATM 1328 O  O   . HOH D 2 .  ? 8.258   -5.336  5.460   1.00 30.55 ? 3058 HOH B O   1 
HETATM 1329 O  O   . HOH D 2 .  ? 19.950  -6.682  -14.112 1.00 22.54 ? 3060 HOH B O   1 
HETATM 1330 O  O   . HOH D 2 .  ? 19.405  -12.956 -13.022 1.00 39.59 ? 3063 HOH B O   1 
HETATM 1331 O  O   . HOH D 2 .  ? 3.364   -10.527 -9.643  1.00 27.05 ? 3065 HOH B O   1 
HETATM 1332 O  O   . HOH D 2 .  ? 5.166   -4.768  6.397   1.00 30.20 ? 3067 HOH B O   1 
HETATM 1333 O  O   . HOH D 2 .  ? 3.433   2.260   -16.287 1.00 25.93 ? 3068 HOH B O   1 
HETATM 1334 O  O   . HOH D 2 .  ? 12.272  6.694   3.492   1.00 29.95 ? 3071 HOH B O   1 
HETATM 1335 O  O   . HOH D 2 .  ? 4.597   9.350   -4.745  1.00 39.16 ? 3072 HOH B O   1 
HETATM 1336 O  O   . HOH D 2 .  ? -2.369  -1.245  -2.828  1.00 24.06 ? 3074 HOH B O   1 
HETATM 1337 O  O   . HOH D 2 .  ? 8.717   -15.472 -7.074  1.00 29.23 ? 3076 HOH B O   1 
HETATM 1338 O  O   . HOH D 2 .  ? -3.596  -11.894 -4.690  1.00 42.16 ? 3077 HOH B O   1 
HETATM 1339 O  O   . HOH D 2 .  ? 15.674  17.025  8.231   1.00 46.90 ? 3078 HOH B O   1 
HETATM 1340 O  O   . HOH D 2 .  ? 19.635  -0.457  -12.760 1.00 30.33 ? 3081 HOH B O   1 
# 
